data_6YTR
#
_entry.id   6YTR
#
_cell.length_a   53.155
_cell.length_b   156.779
_cell.length_c   68.230
_cell.angle_alpha   90.000
_cell.angle_beta   102.116
_cell.angle_gamma   90.000
#
_symmetry.space_group_name_H-M   'P 1 21 1'
#
loop_
_entity.id
_entity.type
_entity.pdbx_description
1 polymer 'Lysosomal acid glucosylceramidase'
2 branched alpha-D-mannopyranose-(1-6)-beta-D-mannopyranose-(1-4)-2-acetamido-2-deoxy-beta-D-glucopyranose-(1-4)-2-acetamido-2-deoxy-beta-D-glucopyranose
3 branched beta-D-mannopyranose-(1-4)-2-acetamido-2-deoxy-beta-D-glucopyranose-(1-4)-2-acetamido-2-deoxy-beta-D-glucopyranose
4 branched 2-acetamido-2-deoxy-beta-D-glucopyranose-(1-4)-2-acetamido-2-deoxy-beta-D-glucopyranose
5 non-polymer (1~{R},2~{S},3~{S},4~{S},5~{R},6~{R})-5-azanyl-6-(hydroxymethyl)cyclohexane-1,2,3,4-tetrol
6 non-polymer 'SULFATE ION'
7 non-polymer 2-acetamido-2-deoxy-beta-D-glucopyranose
8 non-polymer 1,2-ETHANEDIOL
9 non-polymer 'SODIUM ION'
10 water water
#
_entity_poly.entity_id   1
_entity_poly.type   'polypeptide(L)'
_entity_poly.pdbx_seq_one_letter_code
;ARPCIPKSFGYSSVVCVCNATYCDSFDPPTFPALGTFSRYESTRSGRRMELSMGPIQANHTGTGLLLTLQPEQKFQKVKG
FGGAMTDAAALNILALSPPAQNLLLKSYFSEEGIGYNIIRVPMASCDFSIRTYTYADTPDDFQLHNFSLPEEDTKLKIPL
IHRALQLAQRPVSLLASPWTSPTWLKTNGAVNGKGSLKGQPGDIYHQTWARYFVKFLDAYAEHKLQFWAVTAENEPSAGL
LSGYPFQCLGFTPEHQRDFIARDLGPTLANSTHHNVRLLMLDDQRLLLPHWAKVVLTDPEAAKYVHGIAVHWYLDFLAPA
KATLGETHRLFPNTMLFASEACVGSKFWEQSVRLGSWDRGMQYSHSIITNLLYHVVGWTDWNLALNPEGGPNWVRNFVDS
PIIVDITKDTFYKQPMFYHLGHFSKFIPEGSQRVGLVASQKNDLDAVALMHPDGSAVVVVLNRSSKDVPLTIKDPAVGFL
ETISPGYSIHTYLWRRQ
;
_entity_poly.pdbx_strand_id   AAA,BBB
#
loop_
_chem_comp.id
_chem_comp.type
_chem_comp.name
_chem_comp.formula
BMA D-saccharide, beta linking beta-D-mannopyranose 'C6 H12 O6'
EDO non-polymer 1,2-ETHANEDIOL 'C2 H6 O2'
MAN D-saccharide, alpha linking alpha-D-mannopyranose 'C6 H12 O6'
NA non-polymer 'SODIUM ION' 'Na 1'
NAG D-saccharide, beta linking 2-acetamido-2-deoxy-beta-D-glucopyranose 'C8 H15 N O6'
PO8 non-polymer (1~{R},2~{S},3~{S},4~{S},5~{R},6~{R})-5-azanyl-6-(hydroxymethyl)cyclohexane-1,2,3,4-tetrol 'C7 H16 N O5 1'
SO4 non-polymer 'SULFATE ION' 'O4 S -2'
#
# COMPACT_ATOMS: atom_id res chain seq x y z
N ALA A 1 -25.68 14.97 33.69
CA ALA A 1 -24.42 14.75 32.93
C ALA A 1 -23.24 14.87 33.89
N ARG A 2 -22.08 14.37 33.48
CA ARG A 2 -20.83 14.40 34.26
C ARG A 2 -19.72 14.79 33.32
N PRO A 3 -18.91 15.79 33.67
CA PRO A 3 -17.86 16.27 32.77
C PRO A 3 -16.64 15.34 32.70
N CYS A 4 -15.90 15.47 31.60
CA CYS A 4 -14.52 14.93 31.45
C CYS A 4 -13.68 15.27 32.68
N ILE A 5 -13.06 14.24 33.28
N ILE A 5 -13.05 14.26 33.30
CA ILE A 5 -11.87 14.34 34.19
CA ILE A 5 -11.89 14.54 34.20
C ILE A 5 -10.63 14.30 33.32
C ILE A 5 -10.64 14.32 33.36
N PRO A 6 -9.97 15.44 32.99
CA PRO A 6 -8.87 15.41 32.04
C PRO A 6 -7.58 14.92 32.68
N LYS A 7 -6.75 14.30 31.86
CA LYS A 7 -5.37 13.93 32.23
C LYS A 7 -4.50 14.07 31.00
N SER A 8 -3.34 14.65 31.21
CA SER A 8 -2.32 14.85 30.16
C SER A 8 -1.27 13.77 30.32
N PHE A 9 -0.83 13.18 29.22
CA PHE A 9 0.32 12.22 29.19
C PHE A 9 1.45 12.85 28.39
N GLY A 10 1.42 14.18 28.20
CA GLY A 10 2.48 14.93 27.52
C GLY A 10 2.27 15.01 26.00
N TYR A 11 1.14 14.54 25.46
CA TYR A 11 0.84 14.73 24.02
C TYR A 11 0.01 16.01 23.87
N SER A 12 -0.57 16.24 22.69
CA SER A 12 -1.15 17.56 22.35
C SER A 12 -2.46 17.84 23.10
N SER A 13 -3.19 16.85 23.59
CA SER A 13 -4.46 17.10 24.31
C SER A 13 -4.58 16.11 25.47
N VAL A 14 -5.72 16.10 26.11
CA VAL A 14 -5.96 15.27 27.33
C VAL A 14 -6.82 14.07 26.97
N VAL A 15 -6.74 13.03 27.78
CA VAL A 15 -7.74 11.93 27.81
C VAL A 15 -8.73 12.29 28.90
N CYS A 16 -9.92 11.70 28.84
CA CYS A 16 -10.92 11.72 29.93
C CYS A 16 -10.78 10.43 30.76
N VAL A 17 -10.61 10.57 32.06
CA VAL A 17 -10.37 9.44 32.99
C VAL A 17 -11.71 8.90 33.53
N CYS A 18 -11.92 7.60 33.35
CA CYS A 18 -13.08 6.88 33.92
C CYS A 18 -12.58 5.72 34.77
N ASN A 19 -13.42 5.29 35.72
CA ASN A 19 -13.08 4.18 36.63
C ASN A 19 -14.39 3.58 37.12
N ALA A 20 -14.38 2.82 38.21
CA ALA A 20 -15.54 2.01 38.65
C ALA A 20 -16.71 2.93 39.07
N THR A 21 -16.47 4.16 39.51
CA THR A 21 -17.47 5.05 40.15
C THR A 21 -17.78 6.29 39.30
N TYR A 22 -16.96 6.60 38.30
CA TYR A 22 -17.03 7.88 37.54
C TYR A 22 -16.74 7.67 36.06
N CYS A 23 -17.61 8.22 35.21
CA CYS A 23 -17.29 8.41 33.78
C CYS A 23 -18.08 9.62 33.26
N ASP A 24 -17.45 10.38 32.37
CA ASP A 24 -18.12 11.54 31.72
C ASP A 24 -19.28 11.00 30.88
N SER A 25 -20.40 11.69 30.93
CA SER A 25 -21.66 11.23 30.30
C SER A 25 -22.51 12.44 29.89
N PHE A 26 -23.49 12.20 29.04
CA PHE A 26 -24.51 13.19 28.64
C PHE A 26 -25.81 12.99 29.42
N ASP A 27 -26.60 14.06 29.45
CA ASP A 27 -28.06 14.06 29.74
C ASP A 27 -28.82 13.44 28.57
N PRO A 28 -30.09 13.03 28.80
CA PRO A 28 -30.94 12.50 27.72
C PRO A 28 -31.02 13.45 26.53
N PRO A 29 -30.93 12.95 25.27
CA PRO A 29 -30.87 13.82 24.10
C PRO A 29 -32.26 14.32 23.69
N THR A 30 -32.33 15.59 23.29
CA THR A 30 -33.53 16.26 22.72
C THR A 30 -33.05 17.33 21.74
N PHE A 31 -33.95 17.76 20.86
CA PHE A 31 -33.81 19.04 20.10
C PHE A 31 -34.27 20.18 21.00
N PRO A 32 -33.59 21.33 20.97
CA PRO A 32 -34.14 22.54 21.55
C PRO A 32 -35.33 23.04 20.71
N ALA A 33 -36.01 24.08 21.17
CA ALA A 33 -37.21 24.66 20.52
C ALA A 33 -36.91 25.04 19.07
N LEU A 34 -37.92 24.97 18.21
CA LEU A 34 -37.83 25.52 16.83
C LEU A 34 -37.30 26.97 16.93
N GLY A 35 -36.28 27.32 16.14
CA GLY A 35 -35.64 28.65 16.13
C GLY A 35 -34.39 28.70 17.00
N THR A 36 -34.03 27.57 17.63
CA THR A 36 -32.79 27.43 18.42
C THR A 36 -31.97 26.27 17.85
N PHE A 37 -30.66 26.40 17.90
CA PHE A 37 -29.71 25.32 17.53
C PHE A 37 -28.97 24.85 18.78
N SER A 38 -28.57 23.57 18.79
CA SER A 38 -27.55 23.02 19.72
C SER A 38 -26.19 22.98 19.02
N ARG A 39 -25.14 23.38 19.74
CA ARG A 39 -23.72 23.17 19.37
C ARG A 39 -23.08 22.21 20.40
N TYR A 40 -22.45 21.14 19.94
CA TYR A 40 -21.50 20.32 20.73
C TYR A 40 -20.10 20.66 20.24
N GLU A 41 -19.22 21.05 21.16
CA GLU A 41 -17.85 21.51 20.83
C GLU A 41 -16.79 20.65 21.55
N SER A 42 -15.80 20.15 20.82
CA SER A 42 -14.57 19.59 21.41
C SER A 42 -13.38 20.40 20.90
N THR A 43 -12.39 20.64 21.75
CA THR A 43 -11.17 21.42 21.39
C THR A 43 -9.93 20.70 21.89
N ARG A 44 -8.82 20.97 21.21
CA ARG A 44 -7.50 20.47 21.62
C ARG A 44 -7.21 21.03 23.02
N SER A 45 -7.65 22.25 23.31
CA SER A 45 -7.45 22.88 24.65
C SER A 45 -8.26 22.16 25.76
N GLY A 46 -9.26 21.33 25.44
CA GLY A 46 -9.77 20.39 26.46
C GLY A 46 -11.27 20.28 26.53
N ARG A 47 -12.03 21.07 25.79
CA ARG A 47 -13.50 20.92 25.78
C ARG A 47 -13.82 19.54 25.17
N ARG A 48 -14.79 18.85 25.74
CA ARG A 48 -15.20 17.51 25.31
C ARG A 48 -16.71 17.48 25.09
N MET A 49 -17.14 17.63 23.84
CA MET A 49 -18.56 17.58 23.39
C MET A 49 -19.43 18.41 24.35
N GLU A 50 -18.98 19.64 24.60
CA GLU A 50 -19.66 20.60 25.51
C GLU A 50 -20.83 21.19 24.77
N LEU A 51 -21.98 21.21 25.41
CA LEU A 51 -23.26 21.63 24.83
C LEU A 51 -23.50 23.13 25.09
N SER A 52 -23.77 23.87 24.02
CA SER A 52 -24.22 25.28 24.04
C SER A 52 -25.37 25.44 23.05
N MET A 53 -26.11 26.54 23.17
CA MET A 53 -27.27 26.79 22.31
C MET A 53 -27.20 28.24 21.83
N GLY A 54 -27.81 28.50 20.69
CA GLY A 54 -27.85 29.84 20.07
C GLY A 54 -29.11 30.01 19.25
N PRO A 55 -29.42 31.26 18.86
CA PRO A 55 -30.66 31.55 18.14
C PRO A 55 -30.47 31.29 16.64
N ILE A 56 -31.51 30.81 15.98
CA ILE A 56 -31.54 30.82 14.48
C ILE A 56 -32.23 32.12 14.06
N GLN A 57 -31.51 32.99 13.36
CA GLN A 57 -31.99 34.34 13.04
C GLN A 57 -32.51 34.44 11.61
N ALA A 58 -33.42 35.39 11.40
CA ALA A 58 -34.21 35.53 10.16
C ALA A 58 -33.27 36.03 9.06
N ASN A 59 -32.29 36.86 9.39
CA ASN A 59 -31.49 37.54 8.36
C ASN A 59 -30.00 37.43 8.67
N HIS A 60 -29.17 37.67 7.67
CA HIS A 60 -27.70 37.70 7.75
C HIS A 60 -27.17 38.76 6.79
N THR A 61 -26.24 39.60 7.27
CA THR A 61 -25.37 40.45 6.42
C THR A 61 -23.89 40.21 6.72
N GLY A 62 -23.06 40.32 5.69
CA GLY A 62 -21.60 40.24 5.79
C GLY A 62 -21.03 39.56 4.58
N THR A 63 -19.72 39.60 4.42
CA THR A 63 -18.96 38.88 3.38
C THR A 63 -18.11 37.78 4.00
N GLY A 64 -18.40 37.37 5.25
CA GLY A 64 -17.71 36.22 5.89
C GLY A 64 -18.15 34.91 5.22
N LEU A 65 -17.47 33.81 5.53
CA LEU A 65 -17.84 32.45 5.04
C LEU A 65 -19.32 32.14 5.36
N LEU A 66 -20.08 31.79 4.32
CA LEU A 66 -21.46 31.30 4.43
C LEU A 66 -21.48 29.85 3.91
N LEU A 67 -22.00 28.94 4.72
CA LEU A 67 -22.25 27.53 4.31
C LEU A 67 -23.75 27.41 4.16
N THR A 68 -24.24 27.19 2.93
CA THR A 68 -25.70 27.14 2.73
C THR A 68 -26.09 25.68 2.60
N LEU A 69 -26.97 25.23 3.50
CA LEU A 69 -27.58 23.90 3.45
C LEU A 69 -28.30 23.77 2.11
N GLN A 70 -28.22 22.60 1.51
CA GLN A 70 -29.01 22.27 0.29
C GLN A 70 -29.94 21.14 0.66
N PRO A 71 -31.03 21.39 1.42
CA PRO A 71 -31.86 20.30 1.92
C PRO A 71 -32.51 19.39 0.86
N GLU A 72 -32.77 19.98 -0.32
N GLU A 72 -32.82 19.90 -0.35
CA GLU A 72 -33.35 19.33 -1.53
CA GLU A 72 -33.42 19.04 -1.41
C GLU A 72 -32.35 18.38 -2.20
C GLU A 72 -32.35 18.36 -2.27
N GLN A 73 -31.06 18.67 -2.07
CA GLN A 73 -29.98 17.95 -2.78
C GLN A 73 -29.59 16.74 -1.91
N LYS A 74 -30.05 15.55 -2.28
CA LYS A 74 -29.98 14.36 -1.41
C LYS A 74 -28.88 13.43 -1.91
N PHE A 75 -28.13 12.82 -1.00
CA PHE A 75 -27.10 11.81 -1.40
C PHE A 75 -27.44 10.49 -0.69
N GLN A 76 -26.47 9.88 -0.04
CA GLN A 76 -26.59 8.51 0.52
C GLN A 76 -27.32 8.57 1.86
N LYS A 77 -27.92 7.45 2.23
CA LYS A 77 -28.49 7.23 3.58
C LYS A 77 -27.47 6.48 4.41
N VAL A 78 -27.35 6.90 5.66
CA VAL A 78 -26.35 6.34 6.62
C VAL A 78 -26.84 5.01 7.21
N LYS A 79 -25.92 4.05 7.26
CA LYS A 79 -26.18 2.80 7.97
C LYS A 79 -25.76 3.01 9.43
N GLY A 80 -24.55 3.49 9.66
CA GLY A 80 -24.13 3.75 11.05
C GLY A 80 -22.65 3.79 11.32
N PHE A 81 -22.33 3.75 12.63
CA PHE A 81 -20.97 3.96 13.15
C PHE A 81 -20.75 2.97 14.29
N GLY A 82 -19.53 2.46 14.41
CA GLY A 82 -19.20 1.62 15.56
C GLY A 82 -17.76 1.17 15.57
N GLY A 83 -17.53 -0.01 16.12
CA GLY A 83 -16.17 -0.53 16.30
C GLY A 83 -16.15 -2.04 16.39
N ALA A 84 -14.99 -2.61 16.61
CA ALA A 84 -14.80 -4.07 16.54
C ALA A 84 -14.66 -4.69 17.92
N MET A 85 -15.42 -5.77 18.13
CA MET A 85 -15.29 -6.66 19.33
C MET A 85 -14.35 -7.82 18.99
N THR A 86 -13.05 -7.50 18.96
CA THR A 86 -11.97 -8.48 18.82
C THR A 86 -11.79 -9.22 20.15
N ASP A 87 -11.00 -10.29 20.14
CA ASP A 87 -10.58 -10.97 21.39
C ASP A 87 -9.82 -9.99 22.29
N ALA A 88 -8.95 -9.16 21.74
CA ALA A 88 -8.19 -8.14 22.51
C ALA A 88 -9.16 -7.15 23.16
N ALA A 89 -10.15 -6.63 22.43
CA ALA A 89 -11.06 -5.63 22.97
C ALA A 89 -11.85 -6.31 24.12
N ALA A 90 -12.34 -7.53 23.88
CA ALA A 90 -13.17 -8.23 24.88
C ALA A 90 -12.33 -8.51 26.15
N LEU A 91 -11.07 -8.90 26.00
CA LEU A 91 -10.21 -9.20 27.16
C LEU A 91 -9.98 -7.92 27.95
N ASN A 92 -9.72 -6.80 27.24
CA ASN A 92 -9.41 -5.50 27.87
C ASN A 92 -10.65 -5.05 28.65
N ILE A 93 -11.82 -5.14 28.02
CA ILE A 93 -13.08 -4.72 28.67
C ILE A 93 -13.32 -5.58 29.92
N LEU A 94 -13.26 -6.90 29.80
CA LEU A 94 -13.61 -7.79 30.93
C LEU A 94 -12.52 -7.77 32.02
N ALA A 95 -11.34 -7.19 31.77
CA ALA A 95 -10.28 -7.03 32.78
C ALA A 95 -10.65 -5.91 33.77
N LEU A 96 -11.56 -5.01 33.38
CA LEU A 96 -12.12 -3.99 34.30
C LEU A 96 -13.07 -4.66 35.29
N SER A 97 -13.28 -4.02 36.42
CA SER A 97 -14.36 -4.37 37.39
C SER A 97 -15.71 -4.24 36.68
N PRO A 98 -16.73 -5.05 37.06
CA PRO A 98 -18.05 -4.97 36.44
C PRO A 98 -18.59 -3.54 36.36
N PRO A 99 -18.54 -2.69 37.40
CA PRO A 99 -19.06 -1.33 37.27
C PRO A 99 -18.28 -0.50 36.22
N ALA A 100 -16.95 -0.66 36.13
CA ALA A 100 -16.15 0.08 35.15
C ALA A 100 -16.49 -0.44 33.74
N GLN A 101 -16.69 -1.75 33.58
CA GLN A 101 -17.15 -2.37 32.30
C GLN A 101 -18.41 -1.66 31.82
N ASN A 102 -19.38 -1.49 32.71
CA ASN A 102 -20.70 -0.92 32.34
C ASN A 102 -20.55 0.54 31.92
N LEU A 103 -19.67 1.28 32.56
CA LEU A 103 -19.39 2.67 32.18
C LEU A 103 -18.70 2.72 30.81
N LEU A 104 -17.80 1.79 30.53
CA LEU A 104 -17.18 1.74 29.18
C LEU A 104 -18.25 1.41 28.12
N LEU A 105 -19.08 0.41 28.35
CA LEU A 105 -20.09 -0.03 27.36
C LEU A 105 -21.12 1.10 27.21
N LYS A 106 -21.52 1.77 28.29
CA LYS A 106 -22.45 2.93 28.19
C LYS A 106 -21.82 4.06 27.38
N SER A 107 -20.51 4.28 27.55
CA SER A 107 -19.79 5.34 26.82
C SER A 107 -19.99 5.14 25.34
N TYR A 108 -19.90 3.90 24.86
CA TYR A 108 -20.00 3.59 23.40
C TYR A 108 -21.46 3.49 22.94
N PHE A 109 -22.30 2.79 23.68
CA PHE A 109 -23.53 2.21 23.10
C PHE A 109 -24.77 3.00 23.54
N SER A 110 -24.73 3.71 24.66
CA SER A 110 -25.96 4.32 25.20
C SER A 110 -26.12 5.77 24.72
N GLU A 111 -27.31 6.33 24.92
N GLU A 111 -27.34 6.29 24.91
CA GLU A 111 -27.60 7.76 24.65
CA GLU A 111 -27.72 7.73 24.74
C GLU A 111 -26.94 8.64 25.72
C GLU A 111 -26.90 8.60 25.69
N GLU A 112 -26.47 8.06 26.82
CA GLU A 112 -25.59 8.76 27.81
C GLU A 112 -24.15 8.83 27.26
N GLY A 113 -23.85 8.09 26.21
CA GLY A 113 -22.54 8.07 25.55
C GLY A 113 -22.72 8.49 24.09
N ILE A 114 -22.06 7.81 23.16
CA ILE A 114 -21.98 8.32 21.75
C ILE A 114 -22.79 7.43 20.78
N GLY A 115 -23.67 6.53 21.27
CA GLY A 115 -24.70 5.89 20.41
C GLY A 115 -24.18 5.06 19.24
N TYR A 116 -23.09 4.31 19.40
CA TYR A 116 -22.67 3.29 18.42
C TYR A 116 -23.86 2.39 18.04
N ASN A 117 -23.97 2.06 16.75
CA ASN A 117 -24.99 1.10 16.26
C ASN A 117 -24.36 0.04 15.35
N ILE A 118 -23.02 -0.08 15.31
CA ILE A 118 -22.34 -1.16 14.54
C ILE A 118 -21.31 -1.84 15.44
N ILE A 119 -21.29 -3.17 15.42
CA ILE A 119 -20.18 -3.96 16.03
C ILE A 119 -19.64 -4.90 14.96
N ARG A 120 -18.35 -4.80 14.67
CA ARG A 120 -17.68 -5.73 13.76
C ARG A 120 -17.11 -6.90 14.61
N VAL A 121 -17.41 -8.12 14.20
CA VAL A 121 -17.14 -9.37 14.95
C VAL A 121 -16.23 -10.21 14.07
N PRO A 122 -14.95 -10.42 14.42
CA PRO A 122 -14.15 -11.40 13.70
C PRO A 122 -14.72 -12.81 13.83
N MET A 123 -14.70 -13.56 12.72
CA MET A 123 -15.02 -15.02 12.66
C MET A 123 -13.74 -15.76 13.04
N ALA A 124 -13.64 -16.04 14.34
CA ALA A 124 -12.48 -16.71 14.96
C ALA A 124 -11.27 -15.74 15.01
N SER A 125 -10.03 -16.25 14.96
CA SER A 125 -8.85 -15.51 15.47
C SER A 125 -8.34 -14.51 14.43
N CYS A 126 -7.75 -13.42 14.91
CA CYS A 126 -7.00 -12.46 14.06
C CYS A 126 -5.72 -12.08 14.80
N ASP A 127 -5.04 -11.01 14.38
CA ASP A 127 -3.80 -10.55 15.07
C ASP A 127 -4.15 -10.08 16.49
N PHE A 128 -5.33 -9.47 16.68
CA PHE A 128 -5.86 -9.00 18.00
C PHE A 128 -6.55 -10.16 18.70
N SER A 129 -5.80 -11.24 18.77
CA SER A 129 -6.11 -12.47 19.52
C SER A 129 -4.84 -12.91 20.25
N ILE A 130 -4.98 -13.70 21.31
CA ILE A 130 -3.81 -14.27 22.04
C ILE A 130 -3.64 -15.77 21.75
N ARG A 131 -4.60 -16.40 21.09
CA ARG A 131 -4.59 -17.82 20.68
C ARG A 131 -4.91 -17.86 19.19
N THR A 132 -4.28 -18.75 18.42
N THR A 132 -4.24 -18.72 18.43
CA THR A 132 -4.56 -18.93 16.97
CA THR A 132 -4.51 -18.99 16.99
C THR A 132 -5.47 -20.15 16.82
C THR A 132 -5.52 -20.13 16.94
N TYR A 133 -6.65 -19.96 16.24
CA TYR A 133 -7.71 -20.99 16.20
C TYR A 133 -8.66 -20.60 15.08
N THR A 134 -9.34 -21.61 14.52
CA THR A 134 -10.57 -21.37 13.71
C THR A 134 -11.70 -22.07 14.43
N TYR A 135 -12.89 -22.04 13.86
CA TYR A 135 -14.04 -22.79 14.41
C TYR A 135 -14.02 -24.26 13.96
N ALA A 136 -13.11 -24.68 13.08
CA ALA A 136 -13.14 -26.04 12.49
C ALA A 136 -11.72 -26.53 12.24
N ASP A 137 -10.95 -26.66 13.31
CA ASP A 137 -9.50 -27.00 13.23
C ASP A 137 -9.30 -28.51 13.05
N THR A 138 -10.29 -29.35 13.31
CA THR A 138 -10.14 -30.82 13.08
C THR A 138 -10.01 -31.07 11.58
N PRO A 139 -8.87 -31.64 11.10
CA PRO A 139 -8.60 -31.72 9.67
C PRO A 139 -9.58 -32.55 8.83
N ASP A 140 -9.84 -32.11 7.60
CA ASP A 140 -10.65 -32.80 6.55
C ASP A 140 -12.09 -33.04 7.04
N ASP A 141 -12.62 -32.15 7.88
CA ASP A 141 -14.04 -32.17 8.32
C ASP A 141 -14.89 -31.39 7.30
N PHE A 142 -14.98 -31.88 6.06
CA PHE A 142 -15.65 -31.15 4.95
C PHE A 142 -17.16 -30.93 5.25
N GLN A 143 -17.73 -31.85 6.03
N GLN A 143 -17.84 -31.78 6.01
CA GLN A 143 -19.12 -31.85 6.59
CA GLN A 143 -19.25 -31.51 6.39
C GLN A 143 -19.27 -30.69 7.62
C GLN A 143 -19.32 -30.76 7.75
N LEU A 144 -18.18 -30.32 8.29
CA LEU A 144 -18.12 -29.36 9.44
C LEU A 144 -18.92 -29.90 10.64
N HIS A 145 -18.81 -31.20 10.90
CA HIS A 145 -19.43 -31.85 12.07
C HIS A 145 -18.79 -31.33 13.35
N ASN A 146 -17.51 -30.93 13.33
CA ASN A 146 -16.74 -30.50 14.52
C ASN A 146 -16.59 -28.97 14.58
N PHE A 147 -17.41 -28.24 13.81
CA PHE A 147 -17.47 -26.75 13.87
C PHE A 147 -17.99 -26.37 15.25
N SER A 148 -17.29 -25.54 16.00
CA SER A 148 -17.85 -25.06 17.30
C SER A 148 -17.27 -23.71 17.68
N LEU A 149 -18.04 -22.96 18.43
CA LEU A 149 -17.55 -21.68 19.00
C LEU A 149 -16.73 -22.01 20.24
N PRO A 150 -15.51 -21.48 20.39
CA PRO A 150 -14.77 -21.64 21.64
C PRO A 150 -15.17 -20.57 22.64
N GLU A 151 -14.54 -20.58 23.82
CA GLU A 151 -14.82 -19.64 24.92
C GLU A 151 -14.56 -18.18 24.51
N GLU A 152 -13.61 -17.93 23.59
CA GLU A 152 -13.39 -16.55 23.08
C GLU A 152 -14.73 -15.97 22.61
N ASP A 153 -15.60 -16.74 21.97
CA ASP A 153 -16.97 -16.31 21.58
C ASP A 153 -17.95 -16.49 22.73
N THR A 154 -18.07 -17.69 23.31
CA THR A 154 -19.18 -18.02 24.23
C THR A 154 -19.01 -17.36 25.59
N LYS A 155 -17.79 -17.12 26.05
CA LYS A 155 -17.56 -16.49 27.37
C LYS A 155 -17.19 -15.01 27.26
N LEU A 156 -16.57 -14.56 26.17
CA LEU A 156 -16.06 -13.16 26.10
C LEU A 156 -16.90 -12.34 25.13
N LYS A 157 -16.85 -12.63 23.84
CA LYS A 157 -17.45 -11.74 22.82
C LYS A 157 -18.97 -11.73 22.98
N ILE A 158 -19.60 -12.89 23.03
CA ILE A 158 -21.09 -12.97 22.93
C ILE A 158 -21.73 -12.27 24.13
N PRO A 159 -21.33 -12.54 25.39
CA PRO A 159 -21.91 -11.84 26.53
C PRO A 159 -21.75 -10.31 26.49
N LEU A 160 -20.60 -9.82 26.02
CA LEU A 160 -20.35 -8.38 25.85
C LEU A 160 -21.26 -7.83 24.76
N ILE A 161 -21.43 -8.55 23.64
CA ILE A 161 -22.32 -8.06 22.56
C ILE A 161 -23.75 -7.96 23.13
N HIS A 162 -24.24 -8.96 23.88
CA HIS A 162 -25.60 -8.87 24.48
C HIS A 162 -25.70 -7.63 25.37
N ARG A 163 -24.66 -7.36 26.16
CA ARG A 163 -24.69 -6.25 27.15
C ARG A 163 -24.72 -4.92 26.37
N ALA A 164 -23.99 -4.82 25.25
CA ALA A 164 -23.99 -3.62 24.38
C ALA A 164 -25.38 -3.39 23.80
N LEU A 165 -26.03 -4.45 23.31
CA LEU A 165 -27.38 -4.32 22.68
C LEU A 165 -28.39 -3.92 23.77
N GLN A 166 -28.23 -4.42 24.99
CA GLN A 166 -29.13 -4.06 26.13
C GLN A 166 -29.00 -2.57 26.48
N LEU A 167 -27.83 -1.97 26.28
CA LEU A 167 -27.59 -0.54 26.64
C LEU A 167 -28.01 0.41 25.51
N ALA A 168 -28.24 -0.09 24.30
CA ALA A 168 -28.49 0.76 23.12
C ALA A 168 -29.99 1.08 23.00
N GLN A 169 -30.34 2.30 22.58
CA GLN A 169 -31.75 2.69 22.24
C GLN A 169 -31.99 2.51 20.75
N ARG A 170 -30.92 2.61 19.93
CA ARG A 170 -30.96 2.38 18.46
C ARG A 170 -30.61 0.92 18.20
N PRO A 171 -31.27 0.28 17.23
CA PRO A 171 -30.88 -1.06 16.81
C PRO A 171 -29.38 -1.13 16.41
N VAL A 172 -28.69 -2.09 16.99
CA VAL A 172 -27.24 -2.33 16.71
C VAL A 172 -27.16 -3.40 15.63
N SER A 173 -26.38 -3.13 14.59
CA SER A 173 -26.11 -4.03 13.44
C SER A 173 -24.78 -4.73 13.65
N LEU A 174 -24.77 -6.06 13.64
CA LEU A 174 -23.49 -6.81 13.70
C LEU A 174 -22.98 -7.11 12.29
N LEU A 175 -21.66 -7.02 12.13
CA LEU A 175 -20.95 -7.25 10.86
C LEU A 175 -19.88 -8.30 11.14
N ALA A 176 -19.91 -9.41 10.44
CA ALA A 176 -18.94 -10.52 10.64
C ALA A 176 -17.91 -10.52 9.49
N SER A 177 -16.65 -10.74 9.82
CA SER A 177 -15.54 -10.83 8.83
C SER A 177 -14.57 -11.95 9.24
N PRO A 178 -14.19 -12.86 8.33
CA PRO A 178 -13.15 -13.85 8.66
C PRO A 178 -11.76 -13.36 8.25
N TRP A 179 -10.74 -13.78 8.97
CA TRP A 179 -9.32 -13.52 8.57
C TRP A 179 -8.76 -14.77 7.86
N THR A 180 -8.81 -15.93 8.51
CA THR A 180 -8.35 -17.21 7.91
C THR A 180 -9.45 -18.25 7.98
N SER A 181 -9.40 -19.17 7.01
CA SER A 181 -10.11 -20.47 7.07
C SER A 181 -9.25 -21.43 7.89
N PRO A 182 -9.84 -22.56 8.31
CA PRO A 182 -9.05 -23.74 8.66
C PRO A 182 -7.90 -23.95 7.68
N THR A 183 -6.76 -24.37 8.21
CA THR A 183 -5.50 -24.51 7.45
C THR A 183 -5.58 -25.67 6.45
N TRP A 184 -6.42 -26.67 6.70
CA TRP A 184 -6.62 -27.81 5.76
C TRP A 184 -7.43 -27.42 4.52
N LEU A 185 -8.02 -26.22 4.49
CA LEU A 185 -8.68 -25.69 3.27
C LEU A 185 -7.70 -24.83 2.46
N LYS A 186 -6.47 -24.63 2.93
CA LYS A 186 -5.57 -23.59 2.37
C LYS A 186 -4.37 -24.22 1.64
N THR A 187 -3.92 -23.58 0.56
CA THR A 187 -2.78 -24.03 -0.27
C THR A 187 -1.50 -24.15 0.56
N ASN A 188 -1.29 -23.30 1.56
CA ASN A 188 0.00 -23.22 2.30
C ASN A 188 -0.10 -23.99 3.62
N GLY A 189 -1.29 -24.43 4.02
CA GLY A 189 -1.48 -25.13 5.30
C GLY A 189 -1.06 -24.32 6.51
N ALA A 190 -1.24 -23.00 6.50
CA ALA A 190 -0.95 -22.16 7.69
C ALA A 190 -1.98 -21.04 7.77
N VAL A 191 -2.18 -20.47 8.96
CA VAL A 191 -3.20 -19.39 9.19
C VAL A 191 -2.71 -18.11 8.51
N ASN A 192 -1.39 -17.96 8.33
CA ASN A 192 -0.74 -16.73 7.83
C ASN A 192 0.02 -17.06 6.55
N GLY A 193 0.87 -16.17 6.08
CA GLY A 193 1.66 -16.34 4.86
C GLY A 193 0.83 -16.30 3.59
N LYS A 194 1.48 -16.37 2.43
CA LYS A 194 0.82 -16.29 1.11
C LYS A 194 0.07 -17.62 0.88
N GLY A 195 -1.23 -17.54 0.68
CA GLY A 195 -2.05 -18.75 0.56
C GLY A 195 -3.51 -18.43 0.33
N SER A 196 -4.17 -19.29 -0.42
CA SER A 196 -5.58 -19.14 -0.84
C SER A 196 -6.30 -20.42 -0.47
N LEU A 197 -7.62 -20.43 -0.61
CA LEU A 197 -8.34 -21.73 -0.60
C LEU A 197 -7.71 -22.63 -1.67
N LYS A 198 -7.65 -23.92 -1.38
CA LYS A 198 -7.28 -24.98 -2.34
C LYS A 198 -8.33 -25.03 -3.46
N GLY A 199 -7.93 -25.57 -4.60
CA GLY A 199 -8.84 -25.81 -5.73
C GLY A 199 -9.36 -24.53 -6.35
N GLN A 200 -10.64 -24.52 -6.69
CA GLN A 200 -11.24 -23.41 -7.47
C GLN A 200 -12.67 -23.28 -6.98
N PRO A 201 -13.23 -22.05 -7.08
CA PRO A 201 -14.65 -21.86 -6.81
C PRO A 201 -15.55 -22.93 -7.45
N GLY A 202 -16.58 -23.35 -6.70
CA GLY A 202 -17.51 -24.42 -7.11
C GLY A 202 -17.10 -25.81 -6.62
N ASP A 203 -15.92 -25.97 -6.04
CA ASP A 203 -15.41 -27.31 -5.61
C ASP A 203 -15.64 -27.53 -4.10
N ILE A 204 -15.23 -28.70 -3.59
CA ILE A 204 -15.48 -29.14 -2.19
C ILE A 204 -14.87 -28.15 -1.19
N TYR A 205 -13.67 -27.63 -1.46
CA TYR A 205 -12.97 -26.68 -0.56
C TYR A 205 -13.79 -25.40 -0.45
N HIS A 206 -14.27 -24.88 -1.56
CA HIS A 206 -15.03 -23.61 -1.63
C HIS A 206 -16.43 -23.79 -1.02
N GLN A 207 -17.04 -24.97 -1.25
N GLN A 207 -17.05 -24.97 -1.23
CA GLN A 207 -18.39 -25.29 -0.72
CA GLN A 207 -18.43 -25.23 -0.71
C GLN A 207 -18.27 -25.37 0.80
C GLN A 207 -18.31 -25.40 0.80
N THR A 208 -17.22 -26.01 1.29
CA THR A 208 -16.96 -26.15 2.75
C THR A 208 -16.84 -24.75 3.35
N TRP A 209 -15.99 -23.90 2.74
CA TRP A 209 -15.71 -22.53 3.26
C TRP A 209 -17.00 -21.72 3.27
N ALA A 210 -17.84 -21.81 2.23
CA ALA A 210 -19.15 -21.12 2.22
C ALA A 210 -20.05 -21.65 3.35
N ARG A 211 -20.07 -22.97 3.55
N ARG A 211 -20.08 -22.96 3.56
CA ARG A 211 -20.90 -23.61 4.59
CA ARG A 211 -20.91 -23.58 4.62
C ARG A 211 -20.42 -23.14 5.98
C ARG A 211 -20.42 -23.11 5.99
N TYR A 212 -19.11 -22.89 6.13
CA TYR A 212 -18.56 -22.35 7.41
C TYR A 212 -19.21 -21.01 7.78
N PHE A 213 -19.49 -20.12 6.82
CA PHE A 213 -20.23 -18.87 7.12
C PHE A 213 -21.60 -19.20 7.72
N VAL A 214 -22.32 -20.14 7.11
CA VAL A 214 -23.70 -20.53 7.57
C VAL A 214 -23.59 -21.14 8.97
N LYS A 215 -22.56 -21.94 9.24
CA LYS A 215 -22.34 -22.59 10.56
C LYS A 215 -22.09 -21.49 11.60
N PHE A 216 -21.28 -20.50 11.25
CA PHE A 216 -21.01 -19.34 12.14
C PHE A 216 -22.33 -18.63 12.50
N LEU A 217 -23.14 -18.26 11.52
CA LEU A 217 -24.39 -17.51 11.74
C LEU A 217 -25.37 -18.43 12.49
N ASP A 218 -25.36 -19.73 12.19
CA ASP A 218 -26.16 -20.70 12.99
C ASP A 218 -25.72 -20.68 14.47
N ALA A 219 -24.43 -20.71 14.74
CA ALA A 219 -23.89 -20.77 16.13
C ALA A 219 -24.26 -19.48 16.88
N TYR A 220 -24.06 -18.31 16.26
CA TYR A 220 -24.41 -17.03 16.90
C TYR A 220 -25.94 -16.95 17.11
N ALA A 221 -26.75 -17.46 16.18
CA ALA A 221 -28.24 -17.50 16.32
C ALA A 221 -28.67 -18.39 17.50
N GLU A 222 -27.97 -19.50 17.76
CA GLU A 222 -28.19 -20.31 19.00
C GLU A 222 -28.01 -19.44 20.23
N HIS A 223 -27.11 -18.43 20.19
CA HIS A 223 -26.89 -17.47 21.31
C HIS A 223 -27.80 -16.22 21.21
N LYS A 224 -28.81 -16.23 20.33
CA LYS A 224 -29.85 -15.17 20.13
C LYS A 224 -29.24 -13.87 19.59
N LEU A 225 -28.18 -13.97 18.78
CA LEU A 225 -27.58 -12.84 18.02
C LEU A 225 -27.80 -13.09 16.53
N GLN A 226 -28.19 -12.04 15.82
CA GLN A 226 -28.43 -12.03 14.36
C GLN A 226 -27.48 -10.99 13.75
N PHE A 227 -26.98 -11.25 12.55
CA PHE A 227 -26.05 -10.34 11.83
C PHE A 227 -26.83 -9.54 10.80
N TRP A 228 -26.44 -8.28 10.66
CA TRP A 228 -26.81 -7.38 9.56
C TRP A 228 -26.09 -7.87 8.30
N ALA A 229 -24.79 -8.12 8.40
CA ALA A 229 -23.95 -8.37 7.19
C ALA A 229 -22.72 -9.18 7.55
N VAL A 230 -22.17 -9.82 6.52
CA VAL A 230 -20.81 -10.40 6.53
C VAL A 230 -20.04 -9.78 5.36
N THR A 231 -18.71 -9.78 5.48
CA THR A 231 -17.77 -9.50 4.38
C THR A 231 -17.25 -10.82 3.84
N ALA A 232 -16.82 -10.82 2.59
CA ALA A 232 -16.43 -12.04 1.86
C ALA A 232 -15.06 -12.54 2.33
N GLU A 233 -14.31 -11.69 3.05
CA GLU A 233 -12.94 -11.93 3.59
C GLU A 233 -12.37 -10.59 4.07
N ASN A 234 -11.76 -10.57 5.25
CA ASN A 234 -10.99 -9.39 5.72
C ASN A 234 -9.72 -9.23 4.85
N GLU A 235 -9.55 -8.12 4.11
CA GLU A 235 -8.28 -7.82 3.41
C GLU A 235 -7.79 -9.03 2.59
N PRO A 236 -8.58 -9.46 1.59
CA PRO A 236 -8.22 -10.60 0.74
C PRO A 236 -6.85 -10.40 0.05
N SER A 237 -6.47 -9.16 -0.22
CA SER A 237 -5.14 -8.88 -0.83
C SER A 237 -4.00 -9.34 0.08
N ALA A 238 -4.18 -9.34 1.39
CA ALA A 238 -3.10 -9.68 2.33
C ALA A 238 -2.58 -11.11 2.07
N GLY A 239 -3.45 -12.06 1.75
CA GLY A 239 -3.08 -13.47 1.50
C GLY A 239 -2.35 -13.65 0.17
N LEU A 240 -2.18 -12.57 -0.58
CA LEU A 240 -1.38 -12.59 -1.82
C LEU A 240 0.07 -12.23 -1.52
N LEU A 241 0.42 -11.88 -0.30
CA LEU A 241 1.75 -11.28 0.03
C LEU A 241 2.62 -12.32 0.74
N SER A 242 3.82 -12.52 0.21
CA SER A 242 4.85 -13.43 0.75
C SER A 242 5.08 -13.11 2.22
N GLY A 243 4.94 -14.10 3.10
CA GLY A 243 5.27 -13.96 4.52
C GLY A 243 4.23 -13.20 5.31
N TYR A 244 3.03 -12.95 4.77
CA TYR A 244 2.05 -12.12 5.53
C TYR A 244 2.00 -12.64 6.96
N PRO A 245 2.24 -11.78 7.97
CA PRO A 245 2.55 -12.30 9.31
C PRO A 245 1.38 -12.83 10.16
N PHE A 246 0.15 -12.47 9.84
CA PHE A 246 -0.99 -12.98 10.66
C PHE A 246 -2.10 -13.52 9.75
N GLN A 247 -3.16 -14.00 10.41
CA GLN A 247 -4.32 -14.68 9.80
C GLN A 247 -4.75 -13.94 8.54
N CYS A 248 -4.82 -14.67 7.42
CA CYS A 248 -5.24 -14.11 6.11
C CYS A 248 -5.70 -15.22 5.19
N LEU A 249 -6.29 -14.83 4.07
CA LEU A 249 -6.78 -15.78 3.06
C LEU A 249 -6.84 -15.01 1.76
N GLY A 250 -5.97 -15.41 0.83
CA GLY A 250 -5.75 -14.67 -0.40
C GLY A 250 -6.86 -14.88 -1.41
N PHE A 251 -7.43 -13.78 -1.90
CA PHE A 251 -8.24 -13.75 -3.13
C PHE A 251 -7.77 -12.60 -4.02
N THR A 252 -7.61 -12.92 -5.29
CA THR A 252 -7.61 -11.97 -6.40
C THR A 252 -9.04 -11.50 -6.55
N PRO A 253 -9.32 -10.39 -7.27
CA PRO A 253 -10.72 -9.99 -7.46
C PRO A 253 -11.51 -11.05 -8.26
N GLU A 254 -10.83 -11.71 -9.20
CA GLU A 254 -11.46 -12.79 -10.02
C GLU A 254 -11.87 -13.98 -9.13
N HIS A 255 -11.01 -14.39 -8.22
CA HIS A 255 -11.29 -15.47 -7.23
C HIS A 255 -12.46 -15.07 -6.34
N GLN A 256 -12.45 -13.85 -5.81
CA GLN A 256 -13.59 -13.39 -4.98
C GLN A 256 -14.88 -13.38 -5.81
N ARG A 257 -14.85 -12.82 -7.02
CA ARG A 257 -15.99 -12.85 -7.97
C ARG A 257 -16.55 -14.28 -8.05
N ASP A 258 -15.71 -15.26 -8.38
CA ASP A 258 -16.20 -16.64 -8.68
C ASP A 258 -16.65 -17.29 -7.37
N PHE A 259 -15.94 -17.06 -6.26
CA PHE A 259 -16.34 -17.60 -4.95
C PHE A 259 -17.74 -17.08 -4.57
N ILE A 260 -17.98 -15.77 -4.74
CA ILE A 260 -19.31 -15.17 -4.42
C ILE A 260 -20.34 -15.83 -5.35
N ALA A 261 -20.05 -15.88 -6.65
CA ALA A 261 -21.07 -16.28 -7.65
C ALA A 261 -21.46 -17.75 -7.45
N ARG A 262 -20.48 -18.60 -7.14
CA ARG A 262 -20.65 -20.08 -7.19
C ARG A 262 -20.94 -20.64 -5.80
N ASP A 263 -20.33 -20.09 -4.75
CA ASP A 263 -20.31 -20.76 -3.42
C ASP A 263 -20.99 -19.87 -2.38
N LEU A 264 -20.44 -18.70 -2.07
CA LEU A 264 -20.91 -17.97 -0.87
C LEU A 264 -22.31 -17.40 -1.08
N GLY A 265 -22.54 -16.75 -2.21
CA GLY A 265 -23.85 -16.16 -2.55
C GLY A 265 -24.96 -17.21 -2.49
N PRO A 266 -24.89 -18.27 -3.31
CA PRO A 266 -25.95 -19.29 -3.31
C PRO A 266 -26.13 -20.01 -1.96
N THR A 267 -25.04 -20.26 -1.24
CA THR A 267 -25.08 -20.95 0.08
C THR A 267 -25.78 -20.04 1.09
N LEU A 268 -25.43 -18.75 1.17
CA LEU A 268 -26.17 -17.84 2.08
C LEU A 268 -27.65 -17.73 1.63
N ALA A 269 -27.90 -17.64 0.32
CA ALA A 269 -29.24 -17.36 -0.24
C ALA A 269 -30.21 -18.50 0.09
N ASN A 270 -29.70 -19.74 0.14
CA ASN A 270 -30.51 -20.97 0.36
C ASN A 270 -30.52 -21.36 1.86
N SER A 271 -30.17 -20.44 2.75
CA SER A 271 -30.07 -20.72 4.21
C SER A 271 -31.12 -19.85 4.93
N THR A 272 -31.32 -20.09 6.23
CA THR A 272 -32.23 -19.26 7.05
C THR A 272 -31.68 -17.84 7.13
N HIS A 273 -30.41 -17.65 6.75
CA HIS A 273 -29.67 -16.36 6.85
C HIS A 273 -29.69 -15.57 5.54
N HIS A 274 -30.63 -15.88 4.65
CA HIS A 274 -30.72 -15.26 3.31
C HIS A 274 -30.86 -13.73 3.40
N ASN A 275 -31.39 -13.16 4.49
CA ASN A 275 -31.55 -11.69 4.65
C ASN A 275 -30.21 -11.02 5.03
N VAL A 276 -29.21 -11.76 5.48
CA VAL A 276 -27.88 -11.20 5.87
C VAL A 276 -27.23 -10.63 4.62
N ARG A 277 -26.77 -9.39 4.69
CA ARG A 277 -26.14 -8.72 3.55
C ARG A 277 -24.71 -9.25 3.39
N LEU A 278 -24.26 -9.29 2.14
CA LEU A 278 -22.86 -9.63 1.79
C LEU A 278 -22.15 -8.38 1.29
N LEU A 279 -21.04 -8.04 1.93
CA LEU A 279 -20.13 -6.94 1.48
C LEU A 279 -18.87 -7.57 0.89
N MET A 280 -18.45 -7.05 -0.26
CA MET A 280 -17.21 -7.48 -0.96
C MET A 280 -16.07 -6.53 -0.61
N LEU A 281 -14.88 -6.90 -1.06
CA LEU A 281 -13.60 -6.15 -0.93
C LEU A 281 -13.13 -6.21 0.53
N ASP A 282 -13.68 -5.40 1.43
CA ASP A 282 -13.23 -5.31 2.84
C ASP A 282 -11.69 -5.08 2.87
N ASP A 283 -11.22 -4.09 2.11
CA ASP A 283 -9.77 -3.90 1.80
C ASP A 283 -9.55 -2.42 1.44
N GLN A 284 -8.28 -2.04 1.18
CA GLN A 284 -7.88 -0.63 0.92
C GLN A 284 -8.64 -0.06 -0.28
N ARG A 285 -9.09 1.18 -0.17
CA ARG A 285 -9.91 1.79 -1.24
C ARG A 285 -9.10 2.02 -2.52
N LEU A 286 -7.75 1.94 -2.52
CA LEU A 286 -7.01 2.05 -3.82
C LEU A 286 -7.43 0.90 -4.77
N LEU A 287 -7.96 -0.22 -4.25
CA LEU A 287 -8.43 -1.37 -5.06
C LEU A 287 -9.71 -1.06 -5.82
N LEU A 288 -10.30 0.13 -5.63
CA LEU A 288 -11.48 0.64 -6.38
C LEU A 288 -11.01 1.64 -7.43
N PRO A 289 -11.66 1.73 -8.61
CA PRO A 289 -12.85 0.91 -8.91
C PRO A 289 -12.59 -0.49 -9.46
N HIS A 290 -11.34 -0.88 -9.64
CA HIS A 290 -10.97 -2.14 -10.34
C HIS A 290 -11.68 -3.35 -9.71
N TRP A 291 -11.64 -3.53 -8.40
CA TRP A 291 -12.29 -4.72 -7.77
C TRP A 291 -13.81 -4.69 -8.02
N ALA A 292 -14.40 -3.52 -7.98
CA ALA A 292 -15.86 -3.39 -8.18
C ALA A 292 -16.19 -3.79 -9.62
N LYS A 293 -15.37 -3.39 -10.60
CA LYS A 293 -15.60 -3.73 -12.02
C LYS A 293 -15.49 -5.24 -12.22
N VAL A 294 -14.46 -5.85 -11.64
CA VAL A 294 -14.22 -7.31 -11.79
C VAL A 294 -15.41 -8.09 -11.21
N VAL A 295 -15.85 -7.79 -10.00
CA VAL A 295 -16.92 -8.58 -9.33
C VAL A 295 -18.28 -8.19 -9.90
N LEU A 296 -18.58 -6.92 -9.99
CA LEU A 296 -19.99 -6.48 -10.20
C LEU A 296 -20.33 -6.51 -11.68
N THR A 297 -19.38 -6.62 -12.60
CA THR A 297 -19.74 -6.74 -14.04
C THR A 297 -20.18 -8.17 -14.34
N ASP A 298 -19.93 -9.15 -13.48
CA ASP A 298 -20.49 -10.52 -13.56
C ASP A 298 -21.84 -10.55 -12.87
N PRO A 299 -22.97 -10.65 -13.61
CA PRO A 299 -24.29 -10.53 -12.99
C PRO A 299 -24.58 -11.63 -11.97
N GLU A 300 -23.92 -12.77 -12.11
CA GLU A 300 -24.13 -13.94 -11.20
C GLU A 300 -23.44 -13.66 -9.86
N ALA A 301 -22.39 -12.83 -9.83
CA ALA A 301 -21.79 -12.33 -8.55
C ALA A 301 -22.59 -11.11 -8.06
N ALA A 302 -22.92 -10.16 -8.94
CA ALA A 302 -23.52 -8.84 -8.58
C ALA A 302 -24.82 -9.09 -7.82
N LYS A 303 -25.59 -10.08 -8.23
CA LYS A 303 -26.92 -10.31 -7.61
C LYS A 303 -26.80 -10.65 -6.12
N TYR A 304 -25.64 -11.11 -5.64
CA TYR A 304 -25.44 -11.44 -4.20
C TYR A 304 -24.70 -10.34 -3.45
N VAL A 305 -24.21 -9.30 -4.12
CA VAL A 305 -23.40 -8.27 -3.43
C VAL A 305 -24.28 -7.05 -3.08
N HIS A 306 -24.46 -6.82 -1.77
CA HIS A 306 -25.18 -5.64 -1.26
C HIS A 306 -24.28 -4.39 -1.28
N GLY A 307 -22.98 -4.55 -0.97
CA GLY A 307 -22.13 -3.38 -0.67
C GLY A 307 -20.66 -3.68 -0.81
N ILE A 308 -19.85 -2.63 -0.76
CA ILE A 308 -18.37 -2.68 -0.89
C ILE A 308 -17.79 -2.11 0.40
N ALA A 309 -17.08 -2.91 1.17
CA ALA A 309 -16.44 -2.47 2.43
C ALA A 309 -15.01 -1.98 2.14
N VAL A 310 -14.59 -0.88 2.77
CA VAL A 310 -13.23 -0.29 2.55
C VAL A 310 -12.53 -0.04 3.90
N HIS A 311 -11.19 -0.13 3.86
CA HIS A 311 -10.25 0.12 4.97
C HIS A 311 -9.41 1.34 4.60
N TRP A 312 -8.92 2.06 5.61
CA TRP A 312 -8.41 3.42 5.39
C TRP A 312 -6.87 3.45 5.24
N TYR A 313 -6.19 2.30 5.30
CA TYR A 313 -4.75 2.26 5.67
C TYR A 313 -3.89 2.87 4.56
N LEU A 314 -4.31 2.86 3.31
CA LEU A 314 -3.52 3.47 2.22
C LEU A 314 -4.32 4.61 1.57
N ASP A 315 -5.18 5.32 2.32
CA ASP A 315 -6.01 6.44 1.81
C ASP A 315 -5.12 7.54 1.22
N PHE A 316 -3.89 7.72 1.72
CA PHE A 316 -2.90 8.71 1.21
C PHE A 316 -2.52 8.44 -0.27
N LEU A 317 -2.65 7.20 -0.74
CA LEU A 317 -2.33 6.80 -2.15
C LEU A 317 -3.57 7.05 -3.04
N ALA A 318 -4.76 7.20 -2.47
CA ALA A 318 -6.06 6.84 -3.10
C ALA A 318 -7.02 8.00 -2.93
N PRO A 319 -6.92 9.05 -3.80
CA PRO A 319 -7.85 10.16 -3.77
C PRO A 319 -9.31 9.66 -3.80
N ALA A 320 -10.13 10.23 -2.92
CA ALA A 320 -11.53 9.79 -2.73
C ALA A 320 -12.31 9.87 -4.05
N LYS A 321 -12.14 10.94 -4.83
CA LYS A 321 -12.87 11.10 -6.11
C LYS A 321 -12.56 9.94 -7.07
N ALA A 322 -11.30 9.53 -7.18
CA ALA A 322 -10.82 8.55 -8.19
C ALA A 322 -11.20 7.12 -7.79
N THR A 323 -11.57 6.91 -6.53
CA THR A 323 -11.80 5.56 -5.97
C THR A 323 -13.28 5.45 -5.58
N LEU A 324 -13.65 5.99 -4.42
CA LEU A 324 -15.06 6.07 -3.96
C LEU A 324 -15.94 6.77 -5.01
N GLY A 325 -15.52 7.94 -5.51
CA GLY A 325 -16.32 8.72 -6.48
C GLY A 325 -16.59 7.91 -7.74
N GLU A 326 -15.55 7.35 -8.35
CA GLU A 326 -15.65 6.57 -9.60
C GLU A 326 -16.50 5.32 -9.36
N THR A 327 -16.36 4.68 -8.19
CA THR A 327 -17.09 3.43 -7.88
C THR A 327 -18.58 3.76 -7.80
N HIS A 328 -18.94 4.87 -7.13
CA HIS A 328 -20.35 5.32 -7.00
C HIS A 328 -20.93 5.63 -8.40
N ARG A 329 -20.17 6.31 -9.25
CA ARG A 329 -20.62 6.68 -10.62
C ARG A 329 -20.94 5.40 -11.40
N LEU A 330 -20.09 4.38 -11.33
CA LEU A 330 -20.23 3.10 -12.09
C LEU A 330 -21.30 2.20 -11.47
N PHE A 331 -21.42 2.18 -10.13
CA PHE A 331 -22.30 1.23 -9.40
C PHE A 331 -23.08 1.99 -8.33
N PRO A 332 -23.95 2.94 -8.71
CA PRO A 332 -24.60 3.82 -7.74
C PRO A 332 -25.50 3.08 -6.75
N ASN A 333 -26.00 1.90 -7.07
CA ASN A 333 -26.97 1.18 -6.20
C ASN A 333 -26.21 0.19 -5.31
N THR A 334 -24.88 0.17 -5.35
CA THR A 334 -24.06 -0.71 -4.47
C THR A 334 -23.40 0.17 -3.41
N MET A 335 -23.88 0.11 -2.17
CA MET A 335 -23.40 1.04 -1.10
C MET A 335 -21.90 0.84 -0.84
N LEU A 336 -21.23 1.92 -0.44
CA LEU A 336 -19.83 1.92 0.05
C LEU A 336 -19.86 2.08 1.57
N PHE A 337 -19.07 1.31 2.29
CA PHE A 337 -19.09 1.23 3.76
C PHE A 337 -17.66 1.11 4.27
N ALA A 338 -17.26 1.93 5.24
CA ALA A 338 -15.88 1.90 5.81
C ALA A 338 -15.89 0.95 7.00
N SER A 339 -15.10 -0.13 6.96
CA SER A 339 -15.24 -1.28 7.89
C SER A 339 -14.03 -1.45 8.81
N GLU A 340 -12.93 -0.72 8.60
CA GLU A 340 -11.77 -0.80 9.53
C GLU A 340 -10.84 0.39 9.39
N ALA A 341 -10.53 0.99 10.53
CA ALA A 341 -9.55 2.07 10.67
C ALA A 341 -8.93 1.99 12.08
N CYS A 342 -7.69 2.41 12.16
CA CYS A 342 -6.98 2.69 13.43
C CYS A 342 -5.67 3.36 13.05
N VAL A 343 -5.16 4.17 13.96
CA VAL A 343 -3.79 4.75 13.86
C VAL A 343 -2.83 3.84 14.64
N GLY A 344 -1.56 3.84 14.27
CA GLY A 344 -0.52 3.12 15.02
C GLY A 344 0.03 1.90 14.32
N SER A 345 -0.50 1.49 13.16
CA SER A 345 -0.10 0.25 12.46
C SER A 345 1.13 0.48 11.57
N LYS A 346 1.57 1.71 11.33
CA LYS A 346 2.79 1.94 10.50
C LYS A 346 3.99 1.69 11.42
N PHE A 347 5.09 1.14 10.91
CA PHE A 347 6.25 0.70 11.73
C PHE A 347 6.79 1.89 12.54
N TRP A 348 6.66 3.11 12.02
CA TRP A 348 7.21 4.36 12.64
C TRP A 348 6.21 5.03 13.58
N GLU A 349 4.95 4.60 13.53
CA GLU A 349 3.92 5.18 14.41
C GLU A 349 4.09 4.55 15.80
N GLN A 350 4.18 5.37 16.84
CA GLN A 350 4.04 4.88 18.22
C GLN A 350 2.64 4.24 18.34
N SER A 351 2.53 3.09 19.01
CA SER A 351 1.29 2.29 19.10
C SER A 351 0.16 3.11 19.71
N VAL A 352 0.42 3.66 20.90
CA VAL A 352 -0.57 4.43 21.71
C VAL A 352 0.05 5.78 22.08
N ARG A 353 -0.64 6.87 21.73
CA ARG A 353 -0.29 8.25 22.09
C ARG A 353 -1.42 8.86 22.88
N LEU A 354 -1.41 8.64 24.19
CA LEU A 354 -2.54 9.00 25.07
C LEU A 354 -2.76 10.50 24.98
N GLY A 355 -3.91 10.89 24.44
CA GLY A 355 -4.38 12.28 24.40
C GLY A 355 -4.06 12.95 23.08
N SER A 356 -3.65 12.18 22.05
CA SER A 356 -3.28 12.73 20.74
C SER A 356 -4.48 13.40 20.05
N TRP A 357 -4.45 14.71 19.93
CA TRP A 357 -5.43 15.45 19.11
C TRP A 357 -5.25 15.08 17.63
N ASP A 358 -4.02 14.91 17.16
CA ASP A 358 -3.75 14.59 15.74
C ASP A 358 -4.57 13.35 15.36
N ARG A 359 -4.56 12.32 16.22
CA ARG A 359 -5.23 11.03 15.93
C ARG A 359 -6.75 11.22 15.92
N GLY A 360 -7.28 12.03 16.83
CA GLY A 360 -8.70 12.45 16.77
C GLY A 360 -9.02 13.08 15.41
N MET A 361 -8.25 14.06 15.00
CA MET A 361 -8.46 14.78 13.69
C MET A 361 -8.34 13.80 12.52
N GLN A 362 -7.45 12.80 12.60
CA GLN A 362 -7.37 11.75 11.54
C GLN A 362 -8.72 11.05 11.39
N TYR A 363 -9.34 10.67 12.48
CA TYR A 363 -10.69 10.03 12.49
C TYR A 363 -11.75 10.93 11.85
N SER A 364 -11.94 12.15 12.37
CA SER A 364 -13.03 13.05 11.90
C SER A 364 -12.76 13.48 10.44
N HIS A 365 -11.50 13.69 10.06
CA HIS A 365 -11.16 14.03 8.66
C HIS A 365 -11.53 12.90 7.71
N SER A 366 -11.21 11.66 8.10
CA SER A 366 -11.57 10.44 7.33
C SER A 366 -13.10 10.32 7.23
N ILE A 367 -13.81 10.51 8.35
CA ILE A 367 -15.29 10.27 8.37
C ILE A 367 -15.91 11.30 7.41
N ILE A 368 -15.50 12.55 7.52
CA ILE A 368 -16.10 13.62 6.68
C ILE A 368 -15.81 13.29 5.23
N THR A 369 -14.56 13.00 4.88
CA THR A 369 -14.19 12.70 3.49
C THR A 369 -15.01 11.51 2.98
N ASN A 370 -15.11 10.44 3.75
CA ASN A 370 -15.94 9.25 3.41
C ASN A 370 -17.39 9.71 3.17
N LEU A 371 -17.94 10.51 4.08
CA LEU A 371 -19.38 10.88 3.93
C LEU A 371 -19.57 11.77 2.68
N LEU A 372 -18.55 12.53 2.31
CA LEU A 372 -18.63 13.45 1.16
C LEU A 372 -18.50 12.64 -0.13
N TYR A 373 -18.02 11.40 -0.05
CA TYR A 373 -17.92 10.50 -1.23
C TYR A 373 -18.76 9.24 -1.07
N HIS A 374 -19.99 9.42 -0.59
CA HIS A 374 -21.12 8.46 -0.70
C HIS A 374 -21.03 7.30 0.30
N VAL A 375 -20.05 7.30 1.20
CA VAL A 375 -19.88 6.14 2.14
C VAL A 375 -20.99 6.20 3.20
N VAL A 376 -21.60 5.05 3.53
CA VAL A 376 -22.84 5.00 4.35
C VAL A 376 -22.51 4.74 5.82
N GLY A 377 -21.26 4.49 6.14
CA GLY A 377 -20.91 4.20 7.55
C GLY A 377 -19.44 4.13 7.75
N TRP A 378 -19.02 4.16 9.02
CA TRP A 378 -17.58 4.15 9.36
C TRP A 378 -17.37 3.38 10.65
N THR A 379 -16.44 2.43 10.61
CA THR A 379 -16.23 1.40 11.66
C THR A 379 -14.78 1.48 12.13
N ASP A 380 -14.62 1.78 13.41
CA ASP A 380 -13.34 1.69 14.13
C ASP A 380 -12.92 0.21 14.22
N TRP A 381 -11.64 -0.01 14.46
CA TRP A 381 -11.08 -1.33 14.85
C TRP A 381 -11.27 -1.56 16.37
N ASN A 382 -10.29 -2.09 17.08
CA ASN A 382 -10.50 -2.55 18.48
C ASN A 382 -11.24 -1.51 19.33
N LEU A 383 -12.34 -1.92 19.97
CA LEU A 383 -13.10 -1.03 20.88
C LEU A 383 -12.27 -0.55 22.07
N ALA A 384 -11.29 -1.37 22.50
CA ALA A 384 -10.43 -1.05 23.66
C ALA A 384 -9.13 -1.85 23.54
N LEU A 385 -8.02 -1.24 23.95
CA LEU A 385 -6.69 -1.89 23.97
C LEU A 385 -6.03 -1.52 25.30
N ASN A 386 -4.97 -2.23 25.66
CA ASN A 386 -4.16 -1.90 26.86
C ASN A 386 -3.16 -0.79 26.45
N PRO A 387 -2.40 -0.22 27.40
CA PRO A 387 -1.51 0.91 27.11
C PRO A 387 -0.34 0.62 26.13
N GLU A 388 -0.04 -0.64 25.90
CA GLU A 388 0.93 -1.12 24.86
C GLU A 388 0.25 -1.18 23.49
N GLY A 389 -1.09 -1.15 23.44
CA GLY A 389 -1.86 -1.26 22.18
C GLY A 389 -2.16 -2.70 21.82
N GLY A 390 -2.25 -3.57 22.84
CA GLY A 390 -2.42 -5.02 22.71
C GLY A 390 -3.60 -5.51 23.57
N PRO A 391 -3.71 -6.83 23.81
CA PRO A 391 -2.72 -7.80 23.35
C PRO A 391 -2.84 -8.14 21.86
N ASN A 392 -1.75 -8.68 21.28
CA ASN A 392 -1.69 -9.02 19.83
C ASN A 392 -0.58 -10.06 19.65
N TRP A 393 -0.90 -11.22 19.07
CA TRP A 393 0.02 -12.39 19.11
C TRP A 393 1.22 -12.17 18.19
N VAL A 394 1.18 -11.22 17.26
CA VAL A 394 2.37 -10.90 16.39
C VAL A 394 2.90 -9.53 16.79
N ARG A 395 2.45 -8.99 17.92
CA ARG A 395 2.90 -7.66 18.44
C ARG A 395 2.62 -6.56 17.41
N ASN A 396 1.53 -6.67 16.65
CA ASN A 396 1.08 -5.62 15.70
C ASN A 396 0.22 -4.61 16.48
N PHE A 397 0.81 -3.98 17.48
CA PHE A 397 0.11 -3.08 18.42
C PHE A 397 -0.34 -1.81 17.70
N VAL A 398 -1.53 -1.32 18.05
CA VAL A 398 -2.10 -0.07 17.47
C VAL A 398 -2.77 0.74 18.57
N ASP A 399 -3.38 1.87 18.17
CA ASP A 399 -4.08 2.76 19.11
C ASP A 399 -5.56 2.41 19.08
N SER A 400 -6.26 2.86 20.10
CA SER A 400 -7.73 2.64 20.22
C SER A 400 -8.36 3.85 20.89
N PRO A 401 -9.60 4.25 20.57
CA PRO A 401 -10.24 5.38 21.26
C PRO A 401 -10.34 5.20 22.78
N ILE A 402 -10.39 3.95 23.29
CA ILE A 402 -10.38 3.69 24.76
C ILE A 402 -9.19 2.78 25.11
N ILE A 403 -8.40 3.25 26.07
CA ILE A 403 -7.22 2.52 26.60
C ILE A 403 -7.51 2.15 28.05
N VAL A 404 -7.40 0.86 28.37
CA VAL A 404 -7.69 0.27 29.69
C VAL A 404 -6.36 0.20 30.46
N ASP A 405 -6.38 0.62 31.71
CA ASP A 405 -5.25 0.53 32.67
C ASP A 405 -5.75 -0.33 33.83
N ILE A 406 -5.57 -1.64 33.72
CA ILE A 406 -6.18 -2.61 34.68
C ILE A 406 -5.58 -2.39 36.06
N THR A 407 -4.30 -2.01 36.19
CA THR A 407 -3.72 -1.81 37.54
C THR A 407 -4.47 -0.70 38.32
N LYS A 408 -5.11 0.25 37.63
CA LYS A 408 -5.84 1.35 38.31
C LYS A 408 -7.36 1.16 38.16
N ASP A 409 -7.81 0.01 37.67
CA ASP A 409 -9.23 -0.24 37.30
C ASP A 409 -9.78 1.03 36.59
N THR A 410 -9.04 1.54 35.63
CA THR A 410 -9.30 2.84 34.95
C THR A 410 -9.33 2.63 33.44
N PHE A 411 -10.07 3.48 32.72
CA PHE A 411 -9.97 3.54 31.25
C PHE A 411 -9.94 5.01 30.85
N TYR A 412 -9.25 5.28 29.75
CA TYR A 412 -9.01 6.64 29.23
C TYR A 412 -9.73 6.78 27.90
N LYS A 413 -10.57 7.81 27.75
CA LYS A 413 -11.26 8.10 26.48
C LYS A 413 -10.46 9.17 25.77
N GLN A 414 -9.93 8.82 24.62
CA GLN A 414 -8.94 9.63 23.90
C GLN A 414 -9.70 10.56 22.98
N PRO A 415 -9.02 11.55 22.41
CA PRO A 415 -9.64 12.41 21.39
C PRO A 415 -10.34 11.63 20.27
N MET A 416 -9.80 10.51 19.82
CA MET A 416 -10.46 9.70 18.76
C MET A 416 -11.89 9.32 19.20
N PHE A 417 -12.13 9.05 20.48
CA PHE A 417 -13.49 8.69 20.96
C PHE A 417 -14.45 9.83 20.66
N TYR A 418 -14.04 11.07 21.00
CA TYR A 418 -14.93 12.26 20.89
C TYR A 418 -15.08 12.64 19.40
N HIS A 419 -14.02 12.55 18.63
CA HIS A 419 -14.06 12.86 17.17
C HIS A 419 -15.04 11.92 16.48
N LEU A 420 -15.01 10.62 16.83
CA LEU A 420 -15.97 9.67 16.23
C LEU A 420 -17.38 9.98 16.80
N GLY A 421 -17.51 10.32 18.09
CA GLY A 421 -18.82 10.56 18.71
C GLY A 421 -19.53 11.80 18.14
N HIS A 422 -18.78 12.77 17.61
CA HIS A 422 -19.35 13.98 16.95
C HIS A 422 -20.22 13.55 15.76
N PHE A 423 -19.96 12.35 15.21
CA PHE A 423 -20.79 11.71 14.14
C PHE A 423 -21.75 10.68 14.74
N SER A 424 -21.24 9.68 15.47
CA SER A 424 -22.03 8.51 15.88
C SER A 424 -23.23 9.01 16.69
N LYS A 425 -23.02 9.95 17.60
CA LYS A 425 -24.07 10.35 18.55
C LYS A 425 -25.21 11.07 17.84
N PHE A 426 -24.91 11.76 16.75
CA PHE A 426 -25.87 12.73 16.17
C PHE A 426 -26.30 12.38 14.74
N ILE A 427 -25.87 11.24 14.20
CA ILE A 427 -26.26 10.79 12.83
C ILE A 427 -26.89 9.41 12.90
N PRO A 428 -28.19 9.31 13.22
CA PRO A 428 -28.81 8.01 13.35
C PRO A 428 -28.93 7.34 11.98
N GLU A 429 -29.10 6.02 12.03
CA GLU A 429 -29.42 5.19 10.86
C GLU A 429 -30.55 5.81 10.05
N GLY A 430 -30.38 5.91 8.74
CA GLY A 430 -31.39 6.48 7.86
C GLY A 430 -31.14 7.95 7.58
N SER A 431 -30.28 8.61 8.36
CA SER A 431 -29.89 10.02 8.06
C SER A 431 -29.45 10.10 6.60
N GLN A 432 -29.73 11.21 5.90
CA GLN A 432 -29.33 11.34 4.47
C GLN A 432 -28.40 12.53 4.33
N ARG A 433 -27.22 12.32 3.74
N ARG A 433 -27.22 12.32 3.72
CA ARG A 433 -26.33 13.46 3.46
CA ARG A 433 -26.28 13.42 3.42
C ARG A 433 -27.08 14.41 2.53
C ARG A 433 -27.00 14.40 2.48
N VAL A 434 -26.91 15.69 2.77
CA VAL A 434 -27.46 16.72 1.86
C VAL A 434 -26.33 17.66 1.47
N GLY A 435 -26.55 18.47 0.45
CA GLY A 435 -25.53 19.45 0.05
C GLY A 435 -25.28 20.51 1.11
N LEU A 436 -24.08 21.09 1.03
CA LEU A 436 -23.65 22.20 1.92
C LEU A 436 -22.63 23.03 1.15
N VAL A 437 -23.10 24.14 0.58
CA VAL A 437 -22.31 24.97 -0.38
C VAL A 437 -21.60 26.11 0.38
N ALA A 438 -20.27 26.19 0.26
CA ALA A 438 -19.40 27.28 0.78
C ALA A 438 -19.47 28.51 -0.14
N SER A 439 -19.55 29.72 0.44
CA SER A 439 -19.56 30.98 -0.35
C SER A 439 -18.14 31.26 -0.86
N GLN A 440 -17.12 30.70 -0.22
CA GLN A 440 -15.72 30.99 -0.60
C GLN A 440 -14.84 29.83 -0.17
N LYS A 441 -13.62 29.79 -0.71
CA LYS A 441 -12.57 28.80 -0.42
C LYS A 441 -12.29 28.89 1.08
N ASN A 442 -12.04 27.76 1.76
CA ASN A 442 -11.83 27.78 3.23
C ASN A 442 -11.08 26.50 3.62
N ASP A 443 -10.51 26.49 4.83
CA ASP A 443 -9.68 25.37 5.36
C ASP A 443 -10.51 24.40 6.23
N LEU A 444 -11.82 24.57 6.34
CA LEU A 444 -12.67 23.70 7.21
C LEU A 444 -13.02 22.39 6.48
N ASP A 445 -13.33 21.35 7.25
CA ASP A 445 -13.98 20.14 6.70
C ASP A 445 -15.39 20.11 7.27
N ALA A 446 -16.39 19.98 6.42
CA ALA A 446 -17.79 20.06 6.88
C ALA A 446 -18.67 19.10 6.12
N VAL A 447 -19.74 18.68 6.78
CA VAL A 447 -20.74 17.80 6.14
C VAL A 447 -22.06 18.10 6.81
N ALA A 448 -23.12 18.03 6.00
CA ALA A 448 -24.50 18.23 6.44
C ALA A 448 -25.31 16.98 6.15
N LEU A 449 -26.21 16.63 7.07
CA LEU A 449 -27.18 15.53 6.83
C LEU A 449 -28.54 15.95 7.37
N MET A 450 -29.56 15.23 6.97
CA MET A 450 -30.92 15.39 7.50
C MET A 450 -31.31 14.08 8.17
N HIS A 451 -31.70 14.13 9.43
CA HIS A 451 -32.30 12.97 10.15
C HIS A 451 -33.54 12.50 9.42
N PRO A 452 -33.95 11.22 9.59
CA PRO A 452 -35.19 10.74 8.98
C PRO A 452 -36.39 11.58 9.41
N ASP A 453 -36.35 12.17 10.61
CA ASP A 453 -37.47 12.99 11.15
C ASP A 453 -37.51 14.38 10.52
N GLY A 454 -36.44 14.78 9.81
CA GLY A 454 -36.34 16.04 9.03
C GLY A 454 -35.41 17.07 9.65
N SER A 455 -34.87 16.81 10.85
CA SER A 455 -33.95 17.73 11.56
C SER A 455 -32.58 17.76 10.86
N ALA A 456 -31.81 18.79 11.12
CA ALA A 456 -30.54 19.06 10.42
C ALA A 456 -29.39 18.70 11.37
N VAL A 457 -28.34 18.13 10.81
CA VAL A 457 -27.07 17.98 11.55
C VAL A 457 -25.94 18.47 10.65
N VAL A 458 -25.04 19.25 11.20
CA VAL A 458 -23.82 19.69 10.50
C VAL A 458 -22.61 19.45 11.38
N VAL A 459 -21.57 18.82 10.82
CA VAL A 459 -20.31 18.67 11.56
C VAL A 459 -19.29 19.56 10.88
N VAL A 460 -18.56 20.33 11.67
CA VAL A 460 -17.47 21.23 11.18
C VAL A 460 -16.20 20.89 11.94
N LEU A 461 -15.17 20.54 11.18
CA LEU A 461 -13.83 20.26 11.71
C LEU A 461 -12.88 21.35 11.23
N ASN A 462 -12.09 21.89 12.16
CA ASN A 462 -11.00 22.86 11.87
C ASN A 462 -9.68 22.22 12.28
N ARG A 463 -8.92 21.80 11.29
CA ARG A 463 -7.58 21.22 11.48
C ARG A 463 -6.51 22.33 11.43
N SER A 464 -6.89 23.60 11.19
CA SER A 464 -5.95 24.75 11.19
C SER A 464 -5.82 25.29 12.62
N SER A 465 -4.81 26.12 12.86
CA SER A 465 -4.62 26.87 14.13
C SER A 465 -5.52 28.12 14.20
N LYS A 466 -6.21 28.50 13.13
CA LYS A 466 -6.87 29.84 13.00
C LYS A 466 -8.35 29.70 13.30
N ASP A 467 -8.88 30.57 14.14
CA ASP A 467 -10.34 30.69 14.38
C ASP A 467 -10.99 31.14 13.06
N VAL A 468 -12.10 30.53 12.67
CA VAL A 468 -12.83 30.90 11.42
C VAL A 468 -14.26 31.23 11.82
N PRO A 469 -14.66 32.53 11.88
CA PRO A 469 -16.07 32.88 12.01
C PRO A 469 -16.82 32.38 10.78
N LEU A 470 -18.07 31.99 10.96
CA LEU A 470 -18.83 31.53 9.80
C LEU A 470 -20.30 31.58 10.13
N THR A 471 -21.09 31.47 9.07
CA THR A 471 -22.55 31.50 9.11
C THR A 471 -23.04 30.26 8.36
N ILE A 472 -24.08 29.62 8.88
CA ILE A 472 -24.73 28.45 8.25
C ILE A 472 -26.13 28.92 7.90
N LYS A 473 -26.50 28.83 6.62
CA LYS A 473 -27.85 29.20 6.18
C LYS A 473 -28.65 27.94 5.96
N ASP A 474 -29.79 27.85 6.60
CA ASP A 474 -30.82 26.85 6.27
C ASP A 474 -31.93 27.62 5.60
N PRO A 475 -32.08 27.53 4.27
CA PRO A 475 -33.03 28.35 3.53
C PRO A 475 -34.43 28.38 4.16
N ALA A 476 -34.89 27.32 4.82
CA ALA A 476 -36.28 27.24 5.33
C ALA A 476 -36.39 27.71 6.79
N VAL A 477 -35.30 28.09 7.45
CA VAL A 477 -35.36 28.33 8.93
C VAL A 477 -34.62 29.62 9.30
N GLY A 478 -33.48 29.87 8.69
CA GLY A 478 -32.68 31.07 8.93
C GLY A 478 -31.19 30.81 9.03
N PHE A 479 -30.49 31.65 9.80
CA PHE A 479 -29.01 31.71 9.84
C PHE A 479 -28.48 31.42 11.27
N LEU A 480 -27.45 30.59 11.33
CA LEU A 480 -26.67 30.29 12.57
C LEU A 480 -25.38 31.09 12.48
N GLU A 481 -25.16 32.09 13.33
CA GLU A 481 -23.87 32.81 13.38
C GLU A 481 -22.99 32.05 14.37
N THR A 482 -21.78 31.70 13.97
CA THR A 482 -20.91 30.89 14.85
C THR A 482 -19.45 31.14 14.49
N ILE A 483 -18.58 30.38 15.14
CA ILE A 483 -17.13 30.48 14.90
C ILE A 483 -16.58 29.07 15.11
N SER A 484 -15.69 28.65 14.22
CA SER A 484 -14.99 27.35 14.32
C SER A 484 -13.60 27.66 14.84
N PRO A 485 -13.35 27.45 16.15
CA PRO A 485 -12.01 27.66 16.70
C PRO A 485 -10.96 26.75 16.06
N GLY A 486 -9.74 27.27 15.95
CA GLY A 486 -8.55 26.46 15.62
C GLY A 486 -8.58 25.16 16.44
N TYR A 487 -8.33 24.03 15.80
CA TYR A 487 -8.15 22.71 16.46
C TYR A 487 -9.41 22.40 17.26
N SER A 488 -10.53 22.50 16.55
CA SER A 488 -11.86 22.21 17.14
C SER A 488 -12.66 21.29 16.23
N ILE A 489 -13.69 20.71 16.79
CA ILE A 489 -14.75 20.02 16.01
C ILE A 489 -16.05 20.36 16.69
N HIS A 490 -17.01 20.77 15.90
CA HIS A 490 -18.39 21.09 16.34
C HIS A 490 -19.40 20.20 15.64
N THR A 491 -20.46 19.86 16.35
CA THR A 491 -21.68 19.34 15.71
C THR A 491 -22.81 20.32 16.05
N TYR A 492 -23.53 20.75 15.02
CA TYR A 492 -24.74 21.60 15.10
C TYR A 492 -25.98 20.76 14.80
N LEU A 493 -27.03 20.95 15.60
CA LEU A 493 -28.33 20.28 15.41
C LEU A 493 -29.43 21.33 15.51
N TRP A 494 -30.45 21.18 14.67
CA TRP A 494 -31.64 22.06 14.79
C TRP A 494 -32.84 21.40 14.14
N ARG A 495 -34.02 21.65 14.74
CA ARG A 495 -35.31 21.36 14.11
C ARG A 495 -35.47 22.27 12.88
N ARG A 496 -36.08 21.74 11.82
CA ARG A 496 -36.42 22.51 10.59
C ARG A 496 -37.92 22.82 10.59
N GLN A 497 -38.69 22.14 11.43
CA GLN A 497 -40.15 22.35 11.66
C GLN A 497 -40.47 21.95 13.13
N ALA B 1 34.92 -18.46 -17.18
CA ALA B 1 36.01 -19.37 -16.73
C ALA B 1 35.72 -19.83 -15.30
N ARG B 2 35.79 -18.89 -14.36
CA ARG B 2 35.99 -19.13 -12.91
C ARG B 2 34.66 -19.46 -12.22
N PRO B 3 34.51 -20.65 -11.58
CA PRO B 3 33.25 -21.01 -10.92
C PRO B 3 32.99 -20.43 -9.51
N CYS B 4 31.69 -20.40 -9.19
CA CYS B 4 31.11 -20.08 -7.87
C CYS B 4 31.83 -20.89 -6.77
N ILE B 5 32.30 -20.23 -5.72
CA ILE B 5 32.63 -20.86 -4.43
C ILE B 5 31.37 -20.76 -3.58
N PRO B 6 30.63 -21.87 -3.44
CA PRO B 6 29.34 -21.84 -2.76
C PRO B 6 29.51 -21.83 -1.24
N LYS B 7 28.64 -21.12 -0.56
CA LYS B 7 28.54 -21.16 0.90
C LYS B 7 27.07 -21.07 1.27
N SER B 8 26.65 -21.91 2.20
CA SER B 8 25.29 -21.92 2.77
C SER B 8 25.33 -21.16 4.10
N PHE B 9 24.29 -20.38 4.35
CA PHE B 9 24.00 -19.71 5.64
C PHE B 9 22.69 -20.24 6.19
N GLY B 10 22.25 -21.41 5.73
CA GLY B 10 21.05 -22.08 6.28
C GLY B 10 19.77 -21.75 5.55
N TYR B 11 19.80 -21.00 4.44
CA TYR B 11 18.59 -20.65 3.67
C TYR B 11 18.51 -21.64 2.51
N SER B 12 17.64 -21.42 1.52
CA SER B 12 17.24 -22.43 0.50
C SER B 12 18.33 -22.66 -0.54
N SER B 13 19.33 -21.79 -0.66
CA SER B 13 20.42 -21.99 -1.64
C SER B 13 21.69 -21.34 -1.13
N VAL B 14 22.69 -21.32 -1.98
CA VAL B 14 24.05 -20.86 -1.57
C VAL B 14 24.28 -19.47 -2.11
N VAL B 15 25.22 -18.76 -1.51
CA VAL B 15 25.84 -17.54 -2.08
C VAL B 15 27.15 -17.99 -2.72
N CYS B 16 27.68 -17.15 -3.60
CA CYS B 16 29.02 -17.33 -4.21
C CYS B 16 29.96 -16.36 -3.49
N VAL B 17 31.01 -16.90 -2.90
CA VAL B 17 31.98 -16.18 -2.03
C VAL B 17 33.06 -15.59 -2.94
N CYS B 18 33.28 -14.30 -2.80
CA CYS B 18 34.35 -13.54 -3.51
C CYS B 18 35.20 -12.81 -2.46
N ASN B 19 36.49 -12.65 -2.76
CA ASN B 19 37.45 -11.92 -1.87
C ASN B 19 38.45 -11.19 -2.77
N ALA B 20 39.56 -10.76 -2.20
CA ALA B 20 40.62 -9.98 -2.90
C ALA B 20 41.21 -10.78 -4.08
N THR B 21 41.31 -12.11 -3.99
CA THR B 21 42.12 -12.90 -4.96
C THR B 21 41.24 -13.77 -5.86
N TYR B 22 39.94 -13.92 -5.56
CA TYR B 22 39.06 -14.86 -6.31
C TYR B 22 37.60 -14.36 -6.35
N CYS B 23 37.03 -14.40 -7.55
CA CYS B 23 35.57 -14.17 -7.76
C CYS B 23 35.15 -14.93 -9.01
N ASP B 24 33.95 -15.51 -8.96
CA ASP B 24 33.40 -16.24 -10.13
C ASP B 24 33.22 -15.26 -11.29
N SER B 25 33.34 -15.76 -12.51
CA SER B 25 33.33 -14.95 -13.74
C SER B 25 32.90 -15.80 -14.93
N PHE B 26 32.58 -15.17 -16.05
CA PHE B 26 32.32 -15.82 -17.37
C PHE B 26 33.48 -15.64 -18.33
N ASP B 27 33.53 -16.55 -19.32
CA ASP B 27 34.39 -16.47 -20.53
C ASP B 27 33.72 -15.53 -21.53
N PRO B 28 34.48 -14.99 -22.50
CA PRO B 28 33.90 -14.16 -23.57
C PRO B 28 32.88 -14.92 -24.40
N PRO B 29 31.80 -14.29 -24.92
CA PRO B 29 30.82 -15.03 -25.72
C PRO B 29 31.51 -15.65 -26.94
N THR B 30 31.28 -16.94 -27.19
CA THR B 30 31.82 -17.66 -28.38
C THR B 30 30.80 -17.54 -29.51
N PHE B 31 31.18 -17.98 -30.71
CA PHE B 31 30.35 -17.90 -31.94
C PHE B 31 29.62 -19.21 -32.13
N PRO B 32 28.42 -19.41 -31.55
CA PRO B 32 27.72 -20.69 -31.63
C PRO B 32 26.97 -20.74 -32.97
N ALA B 33 27.41 -21.61 -33.87
CA ALA B 33 26.94 -21.71 -35.27
C ALA B 33 25.41 -21.84 -35.33
N LEU B 34 24.85 -21.36 -36.43
CA LEU B 34 23.43 -21.56 -36.81
C LEU B 34 23.10 -23.06 -36.70
N GLY B 35 22.01 -23.40 -36.03
CA GLY B 35 21.61 -24.80 -35.77
C GLY B 35 22.00 -25.28 -34.38
N THR B 36 22.69 -24.44 -33.60
CA THR B 36 23.06 -24.72 -32.19
C THR B 36 22.50 -23.59 -31.30
N PHE B 37 22.07 -23.92 -30.09
CA PHE B 37 21.66 -22.93 -29.07
C PHE B 37 22.63 -23.02 -27.89
N SER B 38 22.78 -21.91 -27.16
CA SER B 38 23.41 -21.84 -25.81
C SER B 38 22.32 -21.78 -24.74
N ARG B 39 22.56 -22.45 -23.63
CA ARG B 39 21.70 -22.46 -22.44
C ARG B 39 22.56 -22.03 -21.25
N TYR B 40 22.12 -21.01 -20.53
CA TYR B 40 22.70 -20.62 -19.22
C TYR B 40 21.70 -21.03 -18.16
N GLU B 41 22.14 -21.85 -17.21
CA GLU B 41 21.26 -22.47 -16.18
C GLU B 41 21.71 -22.07 -14.78
N SER B 42 20.76 -21.62 -13.95
CA SER B 42 20.97 -21.47 -12.49
C SER B 42 19.92 -22.30 -11.76
N THR B 43 20.31 -22.95 -10.67
CA THR B 43 19.40 -23.84 -9.90
C THR B 43 19.53 -23.55 -8.42
N ARG B 44 18.43 -23.74 -7.71
CA ARG B 44 18.46 -23.72 -6.24
C ARG B 44 19.55 -24.70 -5.74
N SER B 45 19.78 -25.81 -6.46
CA SER B 45 20.76 -26.88 -6.08
C SER B 45 22.19 -26.33 -6.18
N GLY B 46 22.43 -25.25 -6.93
CA GLY B 46 23.70 -24.51 -6.84
C GLY B 46 24.36 -24.18 -8.16
N ARG B 47 23.77 -24.57 -9.29
CA ARG B 47 24.29 -24.14 -10.61
C ARG B 47 24.12 -22.63 -10.70
N ARG B 48 25.15 -21.93 -11.16
CA ARG B 48 25.17 -20.46 -11.33
C ARG B 48 25.51 -20.14 -12.79
N MET B 49 24.48 -19.80 -13.58
CA MET B 49 24.63 -19.38 -15.00
C MET B 49 25.65 -20.30 -15.72
N GLU B 50 25.55 -21.60 -15.49
CA GLU B 50 26.41 -22.60 -16.15
C GLU B 50 26.00 -22.74 -17.61
N LEU B 51 27.00 -22.77 -18.48
CA LEU B 51 26.82 -22.77 -19.93
C LEU B 51 26.76 -24.21 -20.44
N SER B 52 25.78 -24.51 -21.26
CA SER B 52 25.74 -25.74 -22.08
C SER B 52 25.27 -25.37 -23.47
N MET B 53 25.33 -26.32 -24.39
CA MET B 53 24.89 -26.11 -25.78
C MET B 53 24.05 -27.28 -26.23
N GLY B 54 23.27 -27.08 -27.27
CA GLY B 54 22.37 -28.13 -27.76
C GLY B 54 22.04 -27.90 -29.22
N PRO B 55 21.46 -28.92 -29.87
CA PRO B 55 21.10 -28.82 -31.27
C PRO B 55 19.69 -28.24 -31.44
N ILE B 56 19.44 -27.62 -32.59
CA ILE B 56 18.09 -27.19 -33.02
C ILE B 56 17.64 -28.12 -34.13
N GLN B 57 16.47 -28.74 -33.97
CA GLN B 57 15.95 -29.81 -34.86
C GLN B 57 15.05 -29.17 -35.92
N ALA B 58 15.00 -29.74 -37.11
CA ALA B 58 14.08 -29.30 -38.18
C ALA B 58 12.64 -29.63 -37.76
N ASN B 59 12.44 -30.71 -37.00
CA ASN B 59 11.07 -31.24 -36.71
C ASN B 59 10.89 -31.48 -35.22
N HIS B 60 9.64 -31.53 -34.81
CA HIS B 60 9.23 -31.88 -33.44
C HIS B 60 7.91 -32.65 -33.54
N THR B 61 7.76 -33.69 -32.72
CA THR B 61 6.50 -34.39 -32.44
C THR B 61 6.37 -34.57 -30.92
N GLY B 62 5.16 -34.49 -30.41
CA GLY B 62 4.85 -34.72 -29.00
C GLY B 62 3.68 -33.87 -28.60
N THR B 63 3.13 -34.12 -27.42
CA THR B 63 2.01 -33.34 -26.85
C THR B 63 2.54 -32.51 -25.66
N GLY B 64 3.86 -32.51 -25.44
CA GLY B 64 4.48 -31.71 -24.36
C GLY B 64 4.31 -30.22 -24.60
N LEU B 65 4.67 -29.40 -23.62
CA LEU B 65 4.59 -27.93 -23.69
C LEU B 65 5.45 -27.43 -24.87
N LEU B 66 4.87 -26.62 -25.76
CA LEU B 66 5.61 -25.92 -26.84
C LEU B 66 5.48 -24.42 -26.63
N LEU B 67 6.61 -23.70 -26.61
CA LEU B 67 6.63 -22.22 -26.66
C LEU B 67 7.07 -21.84 -28.06
N THR B 68 6.25 -21.06 -28.77
CA THR B 68 6.53 -20.62 -30.16
C THR B 68 6.85 -19.12 -30.19
N LEU B 69 8.05 -18.77 -30.65
CA LEU B 69 8.46 -17.39 -31.01
C LEU B 69 7.54 -16.85 -32.08
N GLN B 70 7.14 -15.59 -31.97
CA GLN B 70 6.38 -14.84 -33.00
C GLN B 70 7.23 -13.63 -33.33
N PRO B 71 8.29 -13.81 -34.13
CA PRO B 71 9.24 -12.73 -34.39
C PRO B 71 8.59 -11.49 -35.02
N GLU B 72 7.47 -11.63 -35.75
N GLU B 72 7.47 -11.73 -35.72
CA GLU B 72 6.81 -10.47 -36.41
CA GLU B 72 6.60 -10.76 -36.42
C GLU B 72 5.80 -9.81 -35.45
C GLU B 72 5.99 -9.79 -35.41
N GLN B 73 5.71 -10.27 -34.19
CA GLN B 73 4.95 -9.51 -33.15
C GLN B 73 6.02 -8.78 -32.33
N LYS B 74 6.19 -7.48 -32.59
CA LYS B 74 7.24 -6.61 -32.04
C LYS B 74 6.61 -5.74 -30.96
N PHE B 75 7.21 -5.68 -29.78
CA PHE B 75 6.74 -4.82 -28.68
C PHE B 75 7.84 -3.82 -28.32
N GLN B 76 8.14 -3.61 -27.03
CA GLN B 76 9.01 -2.48 -26.62
C GLN B 76 10.47 -2.79 -26.94
N LYS B 77 11.26 -1.73 -27.10
CA LYS B 77 12.74 -1.80 -27.14
C LYS B 77 13.22 -1.61 -25.71
N VAL B 78 14.29 -2.31 -25.36
CA VAL B 78 14.84 -2.36 -23.98
C VAL B 78 15.85 -1.22 -23.80
N LYS B 79 15.72 -0.50 -22.70
CA LYS B 79 16.69 0.52 -22.27
C LYS B 79 17.82 -0.18 -21.53
N GLY B 80 17.51 -0.99 -20.51
CA GLY B 80 18.57 -1.72 -19.80
C GLY B 80 18.22 -2.12 -18.38
N PHE B 81 19.26 -2.47 -17.63
CA PHE B 81 19.17 -3.08 -16.29
C PHE B 81 20.30 -2.51 -15.45
N GLY B 82 20.07 -2.38 -14.16
CA GLY B 82 21.18 -2.01 -13.26
C GLY B 82 20.72 -1.83 -11.84
N GLY B 83 21.40 -0.95 -11.11
CA GLY B 83 21.11 -0.76 -9.68
C GLY B 83 21.54 0.59 -9.17
N ALA B 84 21.47 0.83 -7.87
CA ALA B 84 21.55 2.20 -7.30
C ALA B 84 22.88 2.40 -6.56
N MET B 85 23.55 3.52 -6.85
CA MET B 85 24.78 3.92 -6.16
C MET B 85 24.39 4.90 -5.05
N THR B 86 23.80 4.35 -3.99
CA THR B 86 23.44 5.06 -2.74
C THR B 86 24.72 5.30 -1.93
N ASP B 87 24.61 6.15 -0.91
CA ASP B 87 25.72 6.36 0.04
C ASP B 87 26.05 5.01 0.70
N ALA B 88 25.05 4.23 1.10
CA ALA B 88 25.23 2.89 1.70
C ALA B 88 26.03 1.98 0.76
N ALA B 89 25.66 1.93 -0.51
CA ALA B 89 26.27 1.04 -1.51
C ALA B 89 27.75 1.42 -1.67
N ALA B 90 28.04 2.71 -1.82
CA ALA B 90 29.41 3.27 -1.94
C ALA B 90 30.23 2.92 -0.69
N LEU B 91 29.70 3.19 0.51
CA LEU B 91 30.44 2.87 1.76
C LEU B 91 30.77 1.38 1.79
N ASN B 92 29.84 0.50 1.41
CA ASN B 92 30.06 -0.97 1.49
C ASN B 92 31.10 -1.37 0.44
N ILE B 93 31.03 -0.84 -0.77
CA ILE B 93 31.99 -1.22 -1.84
C ILE B 93 33.40 -0.75 -1.41
N LEU B 94 33.51 0.46 -0.85
CA LEU B 94 34.83 1.02 -0.46
C LEU B 94 35.32 0.44 0.86
N ALA B 95 34.53 -0.34 1.60
CA ALA B 95 35.02 -1.03 2.81
C ALA B 95 35.89 -2.25 2.41
N LEU B 96 35.77 -2.75 1.18
CA LEU B 96 36.57 -3.89 0.69
C LEU B 96 37.96 -3.35 0.38
N SER B 97 38.96 -4.23 0.31
CA SER B 97 40.30 -3.89 -0.23
C SER B 97 40.14 -3.53 -1.70
N PRO B 98 41.02 -2.69 -2.29
CA PRO B 98 40.87 -2.35 -3.70
C PRO B 98 40.71 -3.54 -4.66
N PRO B 99 41.48 -4.64 -4.52
CA PRO B 99 41.31 -5.77 -5.43
C PRO B 99 39.89 -6.37 -5.35
N ALA B 100 39.35 -6.52 -4.15
CA ALA B 100 37.97 -7.02 -3.91
C ALA B 100 36.94 -6.02 -4.48
N GLN B 101 37.21 -4.71 -4.32
CA GLN B 101 36.37 -3.64 -4.93
C GLN B 101 36.25 -3.89 -6.43
N ASN B 102 37.37 -4.12 -7.11
CA ASN B 102 37.39 -4.23 -8.59
C ASN B 102 36.63 -5.49 -9.02
N LEU B 103 36.72 -6.58 -8.26
CA LEU B 103 36.01 -7.83 -8.59
C LEU B 103 34.49 -7.66 -8.36
N LEU B 104 34.09 -6.89 -7.37
CA LEU B 104 32.65 -6.53 -7.15
C LEU B 104 32.18 -5.69 -8.35
N LEU B 105 32.90 -4.62 -8.70
CA LEU B 105 32.45 -3.77 -9.82
C LEU B 105 32.46 -4.57 -11.12
N LYS B 106 33.47 -5.42 -11.34
CA LYS B 106 33.52 -6.25 -12.58
C LYS B 106 32.33 -7.24 -12.64
N SER B 107 31.98 -7.84 -11.51
CA SER B 107 30.80 -8.75 -11.38
C SER B 107 29.56 -8.07 -11.99
N TYR B 108 29.36 -6.79 -11.68
CA TYR B 108 28.18 -6.04 -12.15
C TYR B 108 28.35 -5.50 -13.58
N PHE B 109 29.50 -4.90 -13.90
CA PHE B 109 29.63 -3.95 -15.04
C PHE B 109 30.42 -4.50 -16.23
N SER B 110 31.30 -5.49 -16.04
CA SER B 110 32.14 -6.00 -17.15
C SER B 110 31.43 -7.13 -17.90
N GLU B 111 31.97 -7.49 -19.04
CA GLU B 111 31.45 -8.59 -19.89
C GLU B 111 31.82 -9.91 -19.21
N GLU B 112 32.77 -9.89 -18.27
CA GLU B 112 33.13 -11.06 -17.44
C GLU B 112 32.13 -11.19 -16.30
N GLY B 113 31.21 -10.22 -16.15
CA GLY B 113 30.10 -10.22 -15.20
C GLY B 113 28.77 -10.16 -15.93
N ILE B 114 27.85 -9.31 -15.45
CA ILE B 114 26.44 -9.35 -15.92
C ILE B 114 26.03 -8.08 -16.68
N GLY B 115 26.99 -7.27 -17.16
CA GLY B 115 26.79 -6.16 -18.11
C GLY B 115 25.70 -5.16 -17.74
N TYR B 116 25.61 -4.75 -16.46
CA TYR B 116 24.74 -3.62 -16.03
C TYR B 116 25.01 -2.43 -16.94
N ASN B 117 23.95 -1.73 -17.36
CA ASN B 117 24.10 -0.50 -18.17
C ASN B 117 23.28 0.66 -17.60
N ILE B 118 22.80 0.55 -16.36
CA ILE B 118 22.02 1.61 -15.67
C ILE B 118 22.58 1.78 -14.26
N ILE B 119 22.78 3.02 -13.82
CA ILE B 119 23.06 3.36 -12.41
C ILE B 119 22.09 4.46 -11.99
N ARG B 120 21.33 4.21 -10.93
CA ARG B 120 20.43 5.23 -10.32
C ARG B 120 21.23 5.94 -9.22
N VAL B 121 21.23 7.26 -9.25
CA VAL B 121 22.06 8.12 -8.36
C VAL B 121 21.10 8.98 -7.55
N PRO B 122 21.01 8.82 -6.23
CA PRO B 122 20.20 9.72 -5.42
C PRO B 122 20.80 11.14 -5.50
N MET B 123 19.92 12.13 -5.66
CA MET B 123 20.25 13.55 -5.49
C MET B 123 20.23 13.89 -3.99
N ALA B 124 21.41 13.82 -3.39
CA ALA B 124 21.73 14.01 -1.96
C ALA B 124 21.20 12.83 -1.12
N SER B 125 20.78 13.06 0.12
CA SER B 125 20.62 11.97 1.12
C SER B 125 19.27 11.26 0.93
N CYS B 126 19.25 9.98 1.29
CA CYS B 126 18.01 9.17 1.45
C CYS B 126 18.16 8.32 2.70
N ASP B 127 17.31 7.29 2.86
CA ASP B 127 17.39 6.44 4.08
C ASP B 127 18.72 5.70 4.05
N PHE B 128 19.21 5.34 2.87
CA PHE B 128 20.48 4.61 2.65
C PHE B 128 21.62 5.63 2.57
N SER B 129 21.65 6.47 3.62
CA SER B 129 22.68 7.46 3.97
C SER B 129 22.92 7.37 5.47
N ILE B 130 24.07 7.79 5.95
CA ILE B 130 24.41 7.82 7.40
C ILE B 130 24.30 9.26 7.90
N ARG B 131 24.07 10.21 7.00
CA ARG B 131 23.97 11.66 7.28
C ARG B 131 22.77 12.22 6.52
N THR B 132 21.98 13.09 7.13
CA THR B 132 20.90 13.80 6.42
C THR B 132 21.49 15.12 5.94
N TYR B 133 21.37 15.40 4.66
CA TYR B 133 21.96 16.59 4.02
C TYR B 133 21.24 16.75 2.69
N THR B 134 21.19 17.97 2.20
CA THR B 134 20.84 18.28 0.80
C THR B 134 22.03 19.02 0.23
N TYR B 135 21.92 19.44 -1.02
CA TYR B 135 23.01 20.17 -1.70
C TYR B 135 22.90 21.68 -1.39
N ALA B 136 21.82 22.16 -0.77
CA ALA B 136 21.61 23.60 -0.49
C ALA B 136 20.94 23.79 0.88
N ASP B 137 21.65 23.45 1.95
CA ASP B 137 21.13 23.48 3.34
C ASP B 137 21.23 24.90 3.93
N THR B 138 21.99 25.81 3.31
CA THR B 138 21.99 27.23 3.78
C THR B 138 20.59 27.80 3.61
N PRO B 139 19.92 28.25 4.69
CA PRO B 139 18.53 28.71 4.57
C PRO B 139 18.34 29.88 3.60
N ASP B 140 17.18 29.88 2.92
CA ASP B 140 16.65 30.98 2.08
C ASP B 140 17.67 31.33 0.98
N ASP B 141 18.44 30.35 0.50
CA ASP B 141 19.37 30.58 -0.63
C ASP B 141 18.62 30.35 -1.96
N PHE B 142 17.66 31.23 -2.31
CA PHE B 142 16.82 31.06 -3.51
C PHE B 142 17.63 31.09 -4.80
N GLN B 143 18.72 31.84 -4.83
CA GLN B 143 19.64 31.94 -5.99
C GLN B 143 20.48 30.65 -6.10
N LEU B 144 20.57 29.87 -5.02
CA LEU B 144 21.36 28.60 -4.91
C LEU B 144 22.83 28.94 -5.11
N HIS B 145 23.27 30.04 -4.48
CA HIS B 145 24.68 30.46 -4.42
C HIS B 145 25.49 29.45 -3.61
N ASN B 146 24.90 28.82 -2.61
CA ASN B 146 25.61 27.88 -1.69
C ASN B 146 25.30 26.42 -2.03
N PHE B 147 24.71 26.13 -3.19
CA PHE B 147 24.58 24.76 -3.74
C PHE B 147 25.99 24.18 -3.85
N SER B 148 26.23 22.99 -3.31
CA SER B 148 27.51 22.28 -3.51
C SER B 148 27.32 20.80 -3.23
N LEU B 149 28.12 19.99 -3.91
CA LEU B 149 28.23 18.53 -3.64
C LEU B 149 29.16 18.34 -2.47
N PRO B 150 28.74 17.56 -1.45
CA PRO B 150 29.63 17.15 -0.36
C PRO B 150 30.47 15.93 -0.76
N GLU B 151 31.26 15.41 0.15
CA GLU B 151 32.22 14.30 -0.12
C GLU B 151 31.46 12.98 -0.43
N GLU B 152 30.21 12.82 0.00
CA GLU B 152 29.37 11.64 -0.34
C GLU B 152 29.35 11.51 -1.89
N ASP B 153 29.26 12.63 -2.61
CA ASP B 153 29.33 12.69 -4.08
C ASP B 153 30.79 12.69 -4.53
N THR B 154 31.61 13.62 -4.06
CA THR B 154 32.92 13.93 -4.71
C THR B 154 33.94 12.86 -4.37
N LYS B 155 33.88 12.25 -3.19
CA LYS B 155 34.90 11.24 -2.79
C LYS B 155 34.35 9.80 -2.91
N LEU B 156 33.03 9.57 -2.81
CA LEU B 156 32.45 8.20 -2.72
C LEU B 156 31.75 7.84 -4.03
N LYS B 157 30.60 8.46 -4.31
CA LYS B 157 29.72 8.08 -5.45
C LYS B 157 30.40 8.36 -6.79
N ILE B 158 30.95 9.56 -6.98
CA ILE B 158 31.41 9.98 -8.33
C ILE B 158 32.61 9.13 -8.75
N PRO B 159 33.64 8.90 -7.91
CA PRO B 159 34.78 8.08 -8.34
C PRO B 159 34.35 6.63 -8.63
N LEU B 160 33.39 6.11 -7.85
CA LEU B 160 32.92 4.71 -8.05
C LEU B 160 32.16 4.64 -9.37
N ILE B 161 31.35 5.65 -9.66
CA ILE B 161 30.62 5.70 -10.96
C ILE B 161 31.65 5.71 -12.10
N HIS B 162 32.70 6.52 -12.00
CA HIS B 162 33.74 6.56 -13.07
C HIS B 162 34.36 5.17 -13.24
N ARG B 163 34.67 4.46 -12.15
CA ARG B 163 35.28 3.12 -12.25
C ARG B 163 34.31 2.15 -12.93
N ALA B 164 33.01 2.21 -12.58
CA ALA B 164 31.96 1.37 -13.20
C ALA B 164 31.96 1.60 -14.72
N LEU B 165 31.89 2.87 -15.13
N LEU B 165 31.92 2.87 -15.15
CA LEU B 165 31.83 3.27 -16.56
CA LEU B 165 31.79 3.21 -16.59
C LEU B 165 33.04 2.68 -17.31
C LEU B 165 33.06 2.80 -17.35
N GLN B 166 34.23 2.72 -16.71
CA GLN B 166 35.48 2.25 -17.39
C GLN B 166 35.47 0.72 -17.53
N LEU B 167 34.89 -0.03 -16.58
CA LEU B 167 34.81 -1.51 -16.69
C LEU B 167 33.73 -1.93 -17.69
N ALA B 168 32.70 -1.12 -17.88
CA ALA B 168 31.58 -1.42 -18.78
C ALA B 168 32.04 -1.24 -20.24
N GLN B 169 31.74 -2.20 -21.12
CA GLN B 169 31.99 -2.05 -22.58
C GLN B 169 30.73 -1.50 -23.25
N ARG B 170 29.58 -1.66 -22.58
CA ARG B 170 28.29 -1.08 -23.04
C ARG B 170 28.18 0.34 -22.48
N PRO B 171 27.56 1.27 -23.23
CA PRO B 171 27.28 2.61 -22.72
C PRO B 171 26.36 2.50 -21.50
N VAL B 172 26.72 3.22 -20.44
CA VAL B 172 25.99 3.19 -19.14
C VAL B 172 25.14 4.45 -19.06
N SER B 173 23.89 4.29 -18.68
CA SER B 173 22.94 5.40 -18.54
C SER B 173 22.80 5.73 -17.05
N LEU B 174 23.02 6.99 -16.68
CA LEU B 174 22.82 7.42 -15.28
C LEU B 174 21.40 7.99 -15.13
N LEU B 175 20.75 7.66 -14.02
CA LEU B 175 19.37 8.11 -13.68
C LEU B 175 19.44 8.78 -12.30
N ALA B 176 19.01 10.03 -12.19
CA ALA B 176 19.06 10.77 -10.92
C ALA B 176 17.64 10.86 -10.33
N SER B 177 17.52 10.77 -9.01
CA SER B 177 16.22 10.92 -8.33
C SER B 177 16.45 11.65 -7.00
N PRO B 178 15.67 12.69 -6.68
CA PRO B 178 15.72 13.31 -5.35
C PRO B 178 14.70 12.71 -4.37
N TRP B 179 15.06 12.65 -3.09
CA TRP B 179 14.13 12.22 -2.03
C TRP B 179 13.53 13.48 -1.37
N THR B 180 14.37 14.36 -0.81
CA THR B 180 13.92 15.66 -0.26
C THR B 180 14.62 16.82 -0.94
N SER B 181 13.93 17.95 -0.93
CA SER B 181 14.46 19.32 -1.11
C SER B 181 15.04 19.81 0.20
N PRO B 182 15.88 20.87 0.14
CA PRO B 182 16.19 21.68 1.31
C PRO B 182 14.89 21.91 2.12
N THR B 183 15.02 21.88 3.44
CA THR B 183 13.87 21.99 4.36
C THR B 183 13.24 23.39 4.26
N TRP B 184 14.00 24.42 3.86
CA TRP B 184 13.48 25.82 3.81
C TRP B 184 12.62 26.01 2.57
N LEU B 185 12.48 25.01 1.68
CA LEU B 185 11.50 25.03 0.58
C LEU B 185 10.25 24.23 0.96
N LYS B 186 10.17 23.65 2.15
CA LYS B 186 9.09 22.68 2.51
C LYS B 186 8.09 23.25 3.53
N THR B 187 6.82 22.86 3.40
CA THR B 187 5.72 23.29 4.29
C THR B 187 6.04 22.92 5.73
N ASN B 188 6.76 21.80 5.98
CA ASN B 188 6.95 21.25 7.34
C ASN B 188 8.36 21.54 7.88
N GLY B 189 9.23 22.14 7.07
CA GLY B 189 10.62 22.46 7.39
C GLY B 189 11.40 21.29 7.93
N ALA B 190 11.17 20.08 7.41
CA ALA B 190 11.88 18.86 7.85
C ALA B 190 12.20 18.00 6.63
N VAL B 191 13.18 17.09 6.73
CA VAL B 191 13.61 16.27 5.55
C VAL B 191 12.58 15.16 5.30
N ASN B 192 11.86 14.78 6.35
CA ASN B 192 10.90 13.65 6.39
C ASN B 192 9.51 14.19 6.77
N GLY B 193 8.58 13.31 7.10
CA GLY B 193 7.22 13.68 7.52
C GLY B 193 6.33 14.10 6.36
N LYS B 194 5.10 14.47 6.68
CA LYS B 194 4.12 14.94 5.68
C LYS B 194 4.47 16.39 5.33
N GLY B 195 4.76 16.67 4.07
CA GLY B 195 5.18 18.01 3.66
C GLY B 195 5.46 18.07 2.17
N SER B 196 5.12 19.18 1.54
CA SER B 196 5.39 19.44 0.12
C SER B 196 6.28 20.68 0.00
N LEU B 197 6.57 21.09 -1.21
CA LEU B 197 7.10 22.43 -1.49
C LEU B 197 6.05 23.43 -0.98
N LYS B 198 6.54 24.55 -0.47
CA LYS B 198 5.72 25.72 -0.09
C LYS B 198 5.11 26.31 -1.35
N GLY B 199 3.98 27.01 -1.20
CA GLY B 199 3.38 27.79 -2.28
C GLY B 199 2.77 26.88 -3.34
N GLN B 200 2.96 27.25 -4.59
CA GLN B 200 2.31 26.54 -5.74
C GLN B 200 3.26 26.56 -6.93
N PRO B 201 3.17 25.55 -7.82
CA PRO B 201 3.89 25.59 -9.10
C PRO B 201 3.87 26.97 -9.79
N GLY B 202 5.01 27.36 -10.36
CA GLY B 202 5.20 28.66 -11.02
C GLY B 202 5.73 29.76 -10.10
N ASP B 203 5.90 29.48 -8.79
CA ASP B 203 6.30 30.49 -7.77
C ASP B 203 7.78 30.36 -7.43
N ILE B 204 8.25 31.13 -6.45
CA ILE B 204 9.71 31.22 -6.16
C ILE B 204 10.20 29.86 -5.64
N TYR B 205 9.40 29.15 -4.84
CA TYR B 205 9.85 27.89 -4.20
C TYR B 205 10.03 26.84 -5.29
N HIS B 206 9.06 26.75 -6.18
CA HIS B 206 9.01 25.75 -7.28
C HIS B 206 10.10 26.08 -8.30
N GLN B 207 10.32 27.36 -8.59
CA GLN B 207 11.38 27.77 -9.54
C GLN B 207 12.76 27.42 -8.96
N THR B 208 12.98 27.70 -7.67
CA THR B 208 14.21 27.33 -6.97
C THR B 208 14.40 25.81 -7.05
N TRP B 209 13.36 25.03 -6.74
CA TRP B 209 13.48 23.55 -6.76
C TRP B 209 13.83 23.07 -8.18
N ALA B 210 13.21 23.60 -9.24
CA ALA B 210 13.56 23.23 -10.65
C ALA B 210 15.02 23.62 -10.93
N ARG B 211 15.46 24.80 -10.49
CA ARG B 211 16.88 25.25 -10.72
C ARG B 211 17.85 24.30 -10.00
N TYR B 212 17.45 23.68 -8.88
CA TYR B 212 18.32 22.74 -8.12
C TYR B 212 18.62 21.52 -8.99
N PHE B 213 17.65 21.09 -9.80
CA PHE B 213 17.95 19.96 -10.73
C PHE B 213 19.08 20.40 -11.67
N VAL B 214 18.97 21.59 -12.26
CA VAL B 214 20.00 22.12 -13.20
C VAL B 214 21.34 22.26 -12.47
N LYS B 215 21.34 22.76 -11.23
CA LYS B 215 22.56 22.91 -10.41
C LYS B 215 23.18 21.52 -10.19
N PHE B 216 22.35 20.52 -9.91
CA PHE B 216 22.83 19.13 -9.69
C PHE B 216 23.54 18.64 -10.96
N LEU B 217 22.89 18.79 -12.10
CA LEU B 217 23.44 18.31 -13.38
C LEU B 217 24.70 19.11 -13.73
N ASP B 218 24.73 20.43 -13.44
CA ASP B 218 25.96 21.23 -13.67
C ASP B 218 27.11 20.63 -12.84
N ALA B 219 26.91 20.39 -11.54
CA ALA B 219 27.93 19.91 -10.60
C ALA B 219 28.49 18.54 -11.04
N TYR B 220 27.63 17.59 -11.41
CA TYR B 220 28.05 16.25 -11.90
C TYR B 220 28.83 16.39 -13.23
N ALA B 221 28.40 17.31 -14.12
CA ALA B 221 29.15 17.61 -15.38
C ALA B 221 30.54 18.18 -15.06
N GLU B 222 30.70 18.95 -13.98
CA GLU B 222 32.04 19.44 -13.58
C GLU B 222 32.96 18.26 -13.29
N HIS B 223 32.39 17.15 -12.81
CA HIS B 223 33.13 15.90 -12.49
C HIS B 223 33.05 14.91 -13.66
N LYS B 224 32.69 15.37 -14.85
CA LYS B 224 32.75 14.65 -16.15
C LYS B 224 31.74 13.49 -16.17
N LEU B 225 30.54 13.70 -15.60
CA LEU B 225 29.42 12.74 -15.66
C LEU B 225 28.19 13.44 -16.24
N GLN B 226 27.55 12.76 -17.20
CA GLN B 226 26.33 13.21 -17.89
C GLN B 226 25.21 12.23 -17.52
N PHE B 227 23.98 12.71 -17.40
CA PHE B 227 22.79 11.88 -17.05
C PHE B 227 22.02 11.55 -18.33
N TRP B 228 21.48 10.34 -18.38
CA TRP B 228 20.43 9.90 -19.34
C TRP B 228 19.08 10.53 -18.95
N ALA B 229 18.72 10.48 -17.66
CA ALA B 229 17.34 10.83 -17.23
C ALA B 229 17.35 11.30 -15.80
N VAL B 230 16.30 12.03 -15.42
CA VAL B 230 16.00 12.33 -14.00
C VAL B 230 14.53 11.97 -13.76
N THR B 231 14.18 11.60 -12.53
CA THR B 231 12.76 11.42 -12.11
C THR B 231 12.31 12.72 -11.45
N ALA B 232 11.01 13.00 -11.50
CA ALA B 232 10.42 14.25 -10.99
C ALA B 232 10.50 14.29 -9.46
N GLU B 233 10.69 13.14 -8.81
CA GLU B 233 10.69 12.95 -7.34
C GLU B 233 10.65 11.44 -7.06
N ASN B 234 11.46 10.98 -6.13
CA ASN B 234 11.37 9.59 -5.63
C ASN B 234 10.06 9.49 -4.85
N GLU B 235 9.20 8.56 -5.21
CA GLU B 235 7.99 8.21 -4.40
C GLU B 235 7.32 9.47 -3.85
N PRO B 236 6.79 10.33 -4.74
CA PRO B 236 6.07 11.53 -4.31
C PRO B 236 4.89 11.27 -3.36
N SER B 237 4.28 10.09 -3.39
CA SER B 237 3.12 9.80 -2.50
C SER B 237 3.59 9.69 -1.04
N ALA B 238 4.87 9.39 -0.80
CA ALA B 238 5.44 9.21 0.56
C ALA B 238 5.29 10.49 1.39
N GLY B 239 5.48 11.64 0.74
CA GLY B 239 5.41 12.97 1.40
C GLY B 239 3.97 13.36 1.76
N LEU B 240 2.98 12.55 1.36
CA LEU B 240 1.54 12.77 1.70
C LEU B 240 1.19 12.00 2.99
N LEU B 241 2.14 11.24 3.56
CA LEU B 241 1.90 10.32 4.71
C LEU B 241 2.43 10.91 6.02
N SER B 242 1.51 11.14 6.96
CA SER B 242 1.82 11.57 8.35
C SER B 242 2.98 10.74 8.91
N GLY B 243 4.03 11.41 9.38
CA GLY B 243 5.14 10.75 10.09
C GLY B 243 6.09 10.00 9.16
N TYR B 244 5.99 10.17 7.84
CA TYR B 244 6.86 9.42 6.91
C TYR B 244 8.30 9.52 7.38
N PRO B 245 8.96 8.37 7.64
CA PRO B 245 10.11 8.37 8.56
C PRO B 245 11.42 8.85 7.94
N PHE B 246 11.52 8.94 6.61
CA PHE B 246 12.80 9.38 5.98
C PHE B 246 12.51 10.33 4.81
N GLN B 247 13.58 10.75 4.16
CA GLN B 247 13.60 11.88 3.20
C GLN B 247 12.48 11.67 2.18
N CYS B 248 11.63 12.68 2.02
CA CYS B 248 10.49 12.64 1.08
C CYS B 248 10.08 14.06 0.74
N LEU B 249 9.22 14.17 -0.25
CA LEU B 249 8.72 15.47 -0.73
C LEU B 249 7.39 15.19 -1.42
N GLY B 250 6.29 15.53 -0.75
CA GLY B 250 4.96 15.10 -1.15
C GLY B 250 4.48 15.84 -2.38
N PHE B 251 3.97 15.10 -3.35
CA PHE B 251 3.22 15.64 -4.49
C PHE B 251 2.00 14.77 -4.75
N THR B 252 0.82 15.37 -4.87
CA THR B 252 -0.34 14.75 -5.55
C THR B 252 -0.02 14.68 -7.04
N PRO B 253 -0.78 13.89 -7.83
CA PRO B 253 -0.56 13.84 -9.27
C PRO B 253 -0.77 15.22 -9.91
N GLU B 254 -1.71 16.02 -9.39
CA GLU B 254 -2.00 17.39 -9.92
C GLU B 254 -0.80 18.31 -9.64
N HIS B 255 -0.25 18.21 -8.43
CA HIS B 255 0.95 18.98 -8.03
C HIS B 255 2.11 18.59 -8.95
N GLN B 256 2.31 17.29 -9.20
CA GLN B 256 3.42 16.86 -10.08
C GLN B 256 3.17 17.40 -11.50
N ARG B 257 1.95 17.28 -12.00
CA ARG B 257 1.54 17.78 -13.35
C ARG B 257 1.98 19.24 -13.50
N ASP B 258 1.55 20.10 -12.58
CA ASP B 258 1.73 21.57 -12.65
C ASP B 258 3.21 21.92 -12.42
N PHE B 259 3.92 21.22 -11.52
CA PHE B 259 5.38 21.40 -11.29
C PHE B 259 6.15 21.08 -12.58
N ILE B 260 5.82 19.98 -13.25
CA ILE B 260 6.50 19.62 -14.53
C ILE B 260 6.19 20.66 -15.60
N ALA B 261 4.92 21.02 -15.76
CA ALA B 261 4.47 21.99 -16.80
C ALA B 261 5.08 23.38 -16.57
N ARG B 262 5.13 23.88 -15.34
CA ARG B 262 5.47 25.32 -15.10
C ARG B 262 6.94 25.48 -14.80
N ASP B 263 7.57 24.52 -14.12
CA ASP B 263 8.88 24.70 -13.47
C ASP B 263 9.90 23.74 -14.05
N LEU B 264 9.74 22.44 -13.82
CA LEU B 264 10.86 21.49 -14.08
C LEU B 264 11.05 21.32 -15.58
N GLY B 265 9.98 21.13 -16.33
CA GLY B 265 10.03 20.96 -17.79
C GLY B 265 10.73 22.14 -18.47
N PRO B 266 10.20 23.37 -18.32
CA PRO B 266 10.83 24.53 -18.96
C PRO B 266 12.27 24.82 -18.50
N THR B 267 12.56 24.64 -17.20
CA THR B 267 13.88 24.89 -16.61
C THR B 267 14.87 23.92 -17.25
N LEU B 268 14.56 22.62 -17.30
CA LEU B 268 15.45 21.64 -17.98
C LEU B 268 15.54 21.96 -19.48
N ALA B 269 14.44 22.29 -20.18
CA ALA B 269 14.42 22.54 -21.64
C ALA B 269 15.27 23.78 -22.02
N ASN B 270 15.33 24.78 -21.14
CA ASN B 270 16.08 26.05 -21.34
C ASN B 270 17.50 25.97 -20.74
N SER B 271 18.08 24.77 -20.63
CA SER B 271 19.39 24.51 -20.00
C SER B 271 20.26 23.72 -20.98
N THR B 272 21.56 23.63 -20.69
CA THR B 272 22.53 22.78 -21.45
C THR B 272 22.15 21.29 -21.31
N HIS B 273 21.25 20.95 -20.39
CA HIS B 273 20.85 19.55 -20.11
C HIS B 273 19.49 19.23 -20.75
N HIS B 274 19.06 19.99 -21.78
CA HIS B 274 17.77 19.80 -22.48
C HIS B 274 17.59 18.37 -23.03
N ASN B 275 18.67 17.62 -23.27
CA ASN B 275 18.59 16.23 -23.83
C ASN B 275 18.34 15.19 -22.72
N VAL B 276 18.54 15.55 -21.45
CA VAL B 276 18.29 14.62 -20.30
C VAL B 276 16.78 14.33 -20.27
N ARG B 277 16.38 13.06 -20.19
CA ARG B 277 14.94 12.65 -20.17
C ARG B 277 14.33 12.96 -18.81
N LEU B 278 13.03 13.22 -18.78
CA LEU B 278 12.28 13.40 -17.51
C LEU B 278 11.31 12.22 -17.38
N LEU B 279 11.42 11.47 -16.31
CA LEU B 279 10.47 10.39 -15.97
C LEU B 279 9.56 10.90 -14.83
N MET B 280 8.28 10.65 -14.99
CA MET B 280 7.27 10.99 -13.98
C MET B 280 6.99 9.77 -13.07
N LEU B 281 6.23 9.98 -12.00
CA LEU B 281 5.73 8.97 -11.01
C LEU B 281 6.87 8.49 -10.11
N ASP B 282 7.74 7.60 -10.58
CA ASP B 282 8.83 6.99 -9.74
C ASP B 282 8.23 6.49 -8.44
N ASP B 283 7.14 5.71 -8.53
CA ASP B 283 6.31 5.30 -7.39
C ASP B 283 5.60 3.97 -7.70
N GLN B 284 4.81 3.48 -6.75
CA GLN B 284 4.13 2.16 -6.87
C GLN B 284 3.22 2.14 -8.11
N ARG B 285 3.21 1.01 -8.80
CA ARG B 285 2.49 0.93 -10.09
C ARG B 285 0.98 0.97 -9.85
N LEU B 286 0.47 0.75 -8.63
CA LEU B 286 -1.01 0.85 -8.32
C LEU B 286 -1.48 2.30 -8.61
N LEU B 287 -0.58 3.27 -8.74
CA LEU B 287 -0.95 4.67 -9.00
C LEU B 287 -1.26 4.88 -10.48
N LEU B 288 -1.03 3.85 -11.30
CA LEU B 288 -1.37 3.79 -12.75
C LEU B 288 -2.68 3.04 -12.94
N PRO B 289 -3.52 3.44 -13.92
CA PRO B 289 -3.23 4.55 -14.82
C PRO B 289 -3.53 5.99 -14.35
N HIS B 290 -4.10 6.17 -13.15
CA HIS B 290 -4.59 7.48 -12.66
C HIS B 290 -3.49 8.55 -12.84
N TRP B 291 -2.29 8.30 -12.34
CA TRP B 291 -1.25 9.36 -12.37
C TRP B 291 -0.91 9.72 -13.81
N ALA B 292 -0.83 8.73 -14.70
CA ALA B 292 -0.55 8.95 -16.13
C ALA B 292 -1.65 9.84 -16.75
N LYS B 293 -2.92 9.60 -16.44
CA LYS B 293 -4.08 10.40 -16.96
C LYS B 293 -3.95 11.81 -16.43
N VAL B 294 -3.70 11.98 -15.13
CA VAL B 294 -3.65 13.36 -14.55
C VAL B 294 -2.53 14.15 -15.25
N VAL B 295 -1.33 13.60 -15.30
CA VAL B 295 -0.17 14.34 -15.83
C VAL B 295 -0.26 14.44 -17.38
N LEU B 296 -0.53 13.35 -18.07
CA LEU B 296 -0.27 13.28 -19.53
C LEU B 296 -1.44 13.85 -20.35
N THR B 297 -2.60 14.09 -19.75
CA THR B 297 -3.75 14.67 -20.50
C THR B 297 -3.60 16.19 -20.54
N ASP B 298 -2.74 16.79 -19.73
CA ASP B 298 -2.31 18.21 -19.84
C ASP B 298 -1.18 18.32 -20.86
N PRO B 299 -1.41 18.90 -22.08
CA PRO B 299 -0.36 19.01 -23.08
C PRO B 299 0.88 19.80 -22.61
N GLU B 300 0.74 20.75 -21.68
CA GLU B 300 1.90 21.53 -21.19
C GLU B 300 2.81 20.66 -20.30
N ALA B 301 2.28 19.62 -19.63
CA ALA B 301 3.12 18.67 -18.86
C ALA B 301 3.64 17.55 -19.78
N ALA B 302 2.75 16.99 -20.58
CA ALA B 302 3.03 15.84 -21.47
C ALA B 302 4.24 16.13 -22.38
N LYS B 303 4.41 17.37 -22.86
CA LYS B 303 5.51 17.67 -23.83
C LYS B 303 6.89 17.52 -23.17
N TYR B 304 6.95 17.48 -21.84
CA TYR B 304 8.24 17.36 -21.10
C TYR B 304 8.49 15.95 -20.56
N VAL B 305 7.49 15.06 -20.56
CA VAL B 305 7.57 13.73 -19.90
C VAL B 305 7.95 12.69 -20.94
N HIS B 306 9.11 12.07 -20.76
CA HIS B 306 9.62 11.00 -21.66
C HIS B 306 9.01 9.65 -21.26
N GLY B 307 8.86 9.43 -19.95
CA GLY B 307 8.54 8.09 -19.46
C GLY B 307 7.91 8.09 -18.10
N ILE B 308 7.51 6.91 -17.67
CA ILE B 308 6.87 6.70 -16.36
C ILE B 308 7.71 5.68 -15.62
N ALA B 309 8.19 6.02 -14.44
CA ALA B 309 9.04 5.14 -13.61
C ALA B 309 8.16 4.48 -12.56
N VAL B 310 8.33 3.17 -12.33
CA VAL B 310 7.50 2.41 -11.36
C VAL B 310 8.40 1.67 -10.38
N HIS B 311 7.92 1.60 -9.12
CA HIS B 311 8.50 0.82 -8.03
C HIS B 311 7.69 -0.47 -7.78
N TRP B 312 8.29 -1.48 -7.18
CA TRP B 312 7.60 -2.82 -7.13
C TRP B 312 6.88 -3.12 -5.80
N TYR B 313 6.86 -2.24 -4.81
CA TYR B 313 6.64 -2.62 -3.39
C TYR B 313 5.20 -3.03 -3.11
N LEU B 314 4.23 -2.56 -3.88
CA LEU B 314 2.81 -2.93 -3.71
C LEU B 314 2.33 -3.65 -4.98
N ASP B 315 3.21 -4.35 -5.71
CA ASP B 315 2.81 -5.12 -6.91
C ASP B 315 1.72 -6.16 -6.60
N PHE B 316 1.74 -6.75 -5.41
CA PHE B 316 0.72 -7.74 -4.95
C PHE B 316 -0.70 -7.15 -5.02
N LEU B 317 -0.88 -5.83 -4.93
CA LEU B 317 -2.20 -5.14 -4.93
C LEU B 317 -2.62 -4.87 -6.38
N ALA B 318 -1.65 -4.82 -7.30
CA ALA B 318 -1.70 -4.07 -8.58
C ALA B 318 -1.43 -5.00 -9.77
N PRO B 319 -2.43 -5.76 -10.24
CA PRO B 319 -2.26 -6.62 -11.41
C PRO B 319 -1.67 -5.84 -12.61
N ALA B 320 -0.67 -6.42 -13.26
CA ALA B 320 0.10 -5.78 -14.34
C ALA B 320 -0.86 -5.31 -15.45
N LYS B 321 -1.86 -6.13 -15.82
CA LYS B 321 -2.75 -5.79 -16.97
C LYS B 321 -3.49 -4.48 -16.66
N ALA B 322 -3.98 -4.31 -15.42
CA ALA B 322 -4.85 -3.19 -15.03
C ALA B 322 -4.05 -1.90 -14.80
N THR B 323 -2.73 -2.00 -14.69
CA THR B 323 -1.83 -0.87 -14.32
C THR B 323 -0.90 -0.57 -15.51
N LEU B 324 0.11 -1.39 -15.71
CA LEU B 324 1.06 -1.27 -16.86
C LEU B 324 0.29 -1.43 -18.19
N GLY B 325 -0.56 -2.46 -18.32
CA GLY B 325 -1.30 -2.74 -19.58
C GLY B 325 -2.15 -1.54 -19.97
N GLU B 326 -2.98 -1.07 -19.05
CA GLU B 326 -3.95 0.01 -19.31
C GLU B 326 -3.16 1.30 -19.58
N THR B 327 -2.07 1.54 -18.86
CA THR B 327 -1.24 2.75 -19.09
C THR B 327 -0.66 2.70 -20.51
N HIS B 328 -0.12 1.56 -20.92
CA HIS B 328 0.44 1.40 -22.28
C HIS B 328 -0.65 1.61 -23.33
N ARG B 329 -1.85 1.04 -23.12
CA ARG B 329 -2.99 1.21 -24.04
C ARG B 329 -3.30 2.71 -24.26
N LEU B 330 -3.36 3.49 -23.18
CA LEU B 330 -3.76 4.92 -23.21
C LEU B 330 -2.61 5.78 -23.72
N PHE B 331 -1.37 5.44 -23.37
CA PHE B 331 -0.21 6.32 -23.65
C PHE B 331 0.90 5.46 -24.22
N PRO B 332 0.73 4.88 -25.44
CA PRO B 332 1.67 3.88 -25.96
C PRO B 332 3.06 4.45 -26.27
N ASN B 333 3.17 5.76 -26.47
CA ASN B 333 4.45 6.41 -26.85
C ASN B 333 5.16 6.95 -25.60
N THR B 334 4.65 6.66 -24.40
CA THR B 334 5.34 7.05 -23.14
C THR B 334 5.88 5.79 -22.47
N MET B 335 7.19 5.60 -22.52
CA MET B 335 7.81 4.32 -22.07
C MET B 335 7.51 4.13 -20.58
N LEU B 336 7.44 2.87 -20.15
CA LEU B 336 7.35 2.45 -18.74
C LEU B 336 8.70 1.85 -18.36
N PHE B 337 9.21 2.17 -17.16
CA PHE B 337 10.56 1.83 -16.68
C PHE B 337 10.45 1.55 -15.19
N ALA B 338 10.96 0.39 -14.76
CA ALA B 338 10.99 0.00 -13.34
C ALA B 338 12.27 0.57 -12.74
N SER B 339 12.13 1.40 -11.71
CA SER B 339 13.25 2.23 -11.21
C SER B 339 13.68 1.86 -9.80
N GLU B 340 12.97 0.98 -9.09
CA GLU B 340 13.42 0.60 -7.74
C GLU B 340 12.70 -0.67 -7.27
N ALA B 341 13.49 -1.64 -6.86
CA ALA B 341 13.05 -2.90 -6.25
C ALA B 341 14.09 -3.34 -5.22
N CYS B 342 13.60 -3.98 -4.16
CA CYS B 342 14.42 -4.76 -3.19
C CYS B 342 13.50 -5.61 -2.31
N VAL B 343 14.00 -6.73 -1.77
CA VAL B 343 13.26 -7.50 -0.74
C VAL B 343 13.76 -7.09 0.65
N GLY B 344 12.91 -7.26 1.67
CA GLY B 344 13.30 -7.10 3.08
C GLY B 344 12.76 -5.84 3.71
N SER B 345 12.02 -5.02 2.95
CA SER B 345 11.53 -3.69 3.43
C SER B 345 10.21 -3.83 4.19
N LYS B 346 9.49 -4.96 4.11
CA LYS B 346 8.28 -5.21 4.95
C LYS B 346 8.74 -5.50 6.40
N PHE B 347 8.00 -5.02 7.41
CA PHE B 347 8.39 -5.12 8.85
C PHE B 347 8.55 -6.58 9.28
N TRP B 348 7.86 -7.52 8.65
CA TRP B 348 7.94 -8.96 9.05
C TRP B 348 9.07 -9.66 8.31
N GLU B 349 9.72 -8.99 7.35
CA GLU B 349 10.76 -9.64 6.52
C GLU B 349 12.11 -9.45 7.21
N GLN B 350 12.84 -10.54 7.37
CA GLN B 350 14.27 -10.51 7.72
C GLN B 350 14.97 -9.68 6.64
N SER B 351 15.82 -8.74 7.05
CA SER B 351 16.45 -7.77 6.13
C SER B 351 17.27 -8.50 5.07
N VAL B 352 18.19 -9.33 5.52
CA VAL B 352 19.12 -10.11 4.65
C VAL B 352 18.92 -11.61 4.93
N ARG B 353 18.64 -12.41 3.88
CA ARG B 353 18.61 -13.90 3.96
C ARG B 353 19.65 -14.44 2.99
N LEU B 354 20.90 -14.51 3.44
CA LEU B 354 22.04 -14.93 2.60
C LEU B 354 21.77 -16.27 1.92
N GLY B 355 21.64 -16.26 0.59
CA GLY B 355 21.45 -17.46 -0.25
C GLY B 355 19.99 -17.77 -0.56
N SER B 356 19.07 -16.87 -0.25
CA SER B 356 17.61 -17.03 -0.50
C SER B 356 17.32 -17.27 -1.98
N TRP B 357 16.88 -18.48 -2.36
CA TRP B 357 16.38 -18.70 -3.73
C TRP B 357 15.05 -17.94 -3.95
N ASP B 358 14.19 -17.92 -2.93
CA ASP B 358 12.88 -17.22 -3.00
C ASP B 358 13.10 -15.77 -3.49
N ARG B 359 14.09 -15.07 -2.91
CA ARG B 359 14.34 -13.65 -3.23
C ARG B 359 14.84 -13.54 -4.67
N GLY B 360 15.71 -14.46 -5.10
CA GLY B 360 16.10 -14.59 -6.52
C GLY B 360 14.88 -14.70 -7.43
N MET B 361 13.99 -15.65 -7.13
CA MET B 361 12.76 -15.87 -7.93
C MET B 361 11.88 -14.61 -7.92
N GLN B 362 11.81 -13.86 -6.82
CA GLN B 362 11.00 -12.61 -6.81
C GLN B 362 11.53 -11.67 -7.89
N TYR B 363 12.86 -11.58 -8.05
CA TYR B 363 13.48 -10.62 -9.01
C TYR B 363 13.09 -11.05 -10.43
N SER B 364 13.36 -12.30 -10.79
CA SER B 364 13.18 -12.74 -12.20
C SER B 364 11.69 -12.76 -12.52
N HIS B 365 10.84 -13.18 -11.59
CA HIS B 365 9.36 -13.15 -11.84
C HIS B 365 8.94 -11.70 -12.13
N SER B 366 9.45 -10.75 -11.34
CA SER B 366 9.10 -9.31 -11.55
C SER B 366 9.58 -8.86 -12.93
N ILE B 367 10.84 -9.15 -13.26
CA ILE B 367 11.40 -8.67 -14.56
C ILE B 367 10.58 -9.25 -15.72
N ILE B 368 10.27 -10.55 -15.67
CA ILE B 368 9.52 -11.20 -16.77
C ILE B 368 8.13 -10.54 -16.87
N THR B 369 7.46 -10.34 -15.74
CA THR B 369 6.08 -9.75 -15.75
C THR B 369 6.16 -8.35 -16.33
N ASN B 370 7.12 -7.55 -15.87
CA ASN B 370 7.37 -6.17 -16.37
C ASN B 370 7.56 -6.21 -17.90
N LEU B 371 8.48 -7.03 -18.40
CA LEU B 371 8.79 -7.08 -19.86
C LEU B 371 7.54 -7.54 -20.63
N LEU B 372 6.72 -8.40 -20.03
CA LEU B 372 5.51 -8.91 -20.75
C LEU B 372 4.45 -7.79 -20.80
N TYR B 373 4.57 -6.75 -19.97
CA TYR B 373 3.63 -5.60 -19.95
C TYR B 373 4.34 -4.29 -20.31
N HIS B 374 5.28 -4.36 -21.26
CA HIS B 374 5.81 -3.24 -22.08
C HIS B 374 6.94 -2.49 -21.38
N VAL B 375 7.36 -2.89 -20.17
CA VAL B 375 8.39 -2.14 -19.40
C VAL B 375 9.75 -2.28 -20.10
N VAL B 376 10.50 -1.18 -20.26
CA VAL B 376 11.74 -1.11 -21.07
C VAL B 376 12.98 -1.37 -20.22
N GLY B 377 12.86 -1.40 -18.90
CA GLY B 377 14.07 -1.54 -18.06
C GLY B 377 13.73 -1.84 -16.63
N TRP B 378 14.69 -2.31 -15.86
CA TRP B 378 14.44 -2.77 -14.48
C TRP B 378 15.67 -2.47 -13.66
N THR B 379 15.48 -1.78 -12.54
CA THR B 379 16.57 -1.16 -11.76
C THR B 379 16.42 -1.67 -10.32
N ASP B 380 17.45 -2.33 -9.86
CA ASP B 380 17.62 -2.73 -8.45
C ASP B 380 17.90 -1.48 -7.62
N TRP B 381 17.79 -1.65 -6.32
CA TRP B 381 18.08 -0.60 -5.33
C TRP B 381 19.57 -0.74 -4.97
N ASN B 382 19.94 -0.69 -3.69
CA ASN B 382 21.36 -0.68 -3.28
C ASN B 382 22.17 -1.74 -4.06
N LEU B 383 23.29 -1.34 -4.68
CA LEU B 383 24.21 -2.28 -5.37
C LEU B 383 24.86 -3.23 -4.36
N ALA B 384 24.99 -2.80 -3.11
CA ALA B 384 25.61 -3.65 -2.06
C ALA B 384 25.20 -3.12 -0.70
N LEU B 385 25.09 -4.04 0.25
CA LEU B 385 24.80 -3.69 1.64
C LEU B 385 25.66 -4.57 2.55
N ASN B 386 25.69 -4.22 3.83
CA ASN B 386 26.40 -5.06 4.84
C ASN B 386 25.46 -6.20 5.23
N PRO B 387 25.91 -7.19 6.03
CA PRO B 387 25.03 -8.30 6.45
C PRO B 387 23.79 -7.92 7.27
N GLU B 388 23.78 -6.71 7.84
CA GLU B 388 22.61 -6.17 8.61
C GLU B 388 21.59 -5.56 7.63
N GLY B 389 21.96 -5.34 6.37
CA GLY B 389 21.11 -4.70 5.32
C GLY B 389 21.26 -3.18 5.33
N GLY B 390 22.41 -2.69 5.79
CA GLY B 390 22.67 -1.25 5.96
C GLY B 390 24.02 -0.82 5.40
N PRO B 391 24.52 0.36 5.81
CA PRO B 391 23.87 1.21 6.80
C PRO B 391 22.63 2.00 6.34
N ASN B 392 21.88 2.53 7.30
CA ASN B 392 20.59 3.24 7.05
C ASN B 392 20.23 4.03 8.31
N TRP B 393 20.08 5.35 8.20
CA TRP B 393 20.02 6.25 9.39
C TRP B 393 18.69 6.03 10.11
N VAL B 394 17.69 5.44 9.44
CA VAL B 394 16.40 5.10 10.14
C VAL B 394 16.27 3.60 10.30
N ARG B 395 17.34 2.81 10.13
CA ARG B 395 17.34 1.35 10.33
C ARG B 395 16.25 0.70 9.47
N ASN B 396 15.99 1.26 8.29
CA ASN B 396 15.09 0.67 7.27
C ASN B 396 15.91 -0.33 6.46
N PHE B 397 16.45 -1.36 7.10
CA PHE B 397 17.40 -2.31 6.47
C PHE B 397 16.66 -3.17 5.44
N VAL B 398 17.35 -3.53 4.36
CA VAL B 398 16.79 -4.42 3.30
C VAL B 398 17.89 -5.35 2.80
N ASP B 399 17.57 -6.15 1.78
CA ASP B 399 18.51 -7.11 1.19
C ASP B 399 19.11 -6.48 -0.07
N SER B 400 20.17 -7.06 -0.57
CA SER B 400 20.86 -6.62 -1.81
C SER B 400 21.48 -7.83 -2.46
N PRO B 401 21.60 -7.83 -3.80
CA PRO B 401 22.21 -8.95 -4.50
C PRO B 401 23.67 -9.19 -4.10
N ILE B 402 24.37 -8.17 -3.61
CA ILE B 402 25.74 -8.34 -3.08
C ILE B 402 25.79 -7.84 -1.64
N ILE B 403 26.31 -8.69 -0.74
CA ILE B 403 26.47 -8.40 0.70
C ILE B 403 27.99 -8.39 0.97
N VAL B 404 28.47 -7.30 1.56
CA VAL B 404 29.91 -7.11 1.86
C VAL B 404 30.11 -7.41 3.35
N ASP B 405 31.11 -8.24 3.66
CA ASP B 405 31.52 -8.50 5.06
C ASP B 405 32.91 -7.88 5.25
N ILE B 406 32.94 -6.67 5.80
CA ILE B 406 34.20 -5.88 5.98
C ILE B 406 35.19 -6.70 6.85
N THR B 407 34.72 -7.40 7.89
CA THR B 407 35.57 -8.15 8.86
C THR B 407 36.37 -9.26 8.15
N LYS B 408 35.97 -9.70 6.94
CA LYS B 408 36.66 -10.82 6.23
C LYS B 408 37.11 -10.40 4.84
N ASP B 409 36.97 -9.13 4.48
CA ASP B 409 37.35 -8.62 3.13
C ASP B 409 36.74 -9.50 2.03
N THR B 410 35.46 -9.80 2.19
CA THR B 410 34.68 -10.83 1.45
C THR B 410 33.34 -10.21 1.01
N PHE B 411 32.86 -10.55 -0.17
CA PHE B 411 31.46 -10.22 -0.54
C PHE B 411 30.78 -11.50 -1.05
N TYR B 412 29.46 -11.55 -0.87
CA TYR B 412 28.61 -12.69 -1.25
C TYR B 412 27.66 -12.27 -2.36
N LYS B 413 27.67 -13.00 -3.46
CA LYS B 413 26.75 -12.84 -4.62
C LYS B 413 25.57 -13.78 -4.37
N GLN B 414 24.40 -13.18 -4.21
CA GLN B 414 23.16 -13.89 -3.80
C GLN B 414 22.43 -14.39 -5.04
N PRO B 415 21.45 -15.31 -4.87
CA PRO B 415 20.62 -15.69 -6.02
C PRO B 415 20.07 -14.46 -6.77
N MET B 416 19.70 -13.38 -6.07
CA MET B 416 19.18 -12.17 -6.76
C MET B 416 20.16 -11.70 -7.86
N PHE B 417 21.47 -11.75 -7.60
CA PHE B 417 22.47 -11.26 -8.57
C PHE B 417 22.36 -12.08 -9.86
N TYR B 418 22.27 -13.42 -9.72
CA TYR B 418 22.21 -14.37 -10.87
C TYR B 418 20.85 -14.27 -11.58
N HIS B 419 19.74 -14.18 -10.85
CA HIS B 419 18.40 -13.99 -11.46
C HIS B 419 18.42 -12.69 -12.27
N LEU B 420 18.96 -11.61 -11.74
CA LEU B 420 19.03 -10.33 -12.53
C LEU B 420 19.95 -10.54 -13.74
N GLY B 421 21.09 -11.21 -13.57
CA GLY B 421 22.10 -11.39 -14.63
C GLY B 421 21.57 -12.23 -15.79
N HIS B 422 20.59 -13.11 -15.55
CA HIS B 422 19.94 -13.90 -16.63
C HIS B 422 19.27 -12.97 -17.63
N PHE B 423 18.98 -11.73 -17.23
CA PHE B 423 18.43 -10.69 -18.14
C PHE B 423 19.55 -9.72 -18.56
N SER B 424 20.20 -9.07 -17.59
CA SER B 424 21.13 -7.94 -17.85
C SER B 424 22.23 -8.41 -18.80
N LYS B 425 22.79 -9.60 -18.58
CA LYS B 425 23.97 -10.05 -19.35
C LYS B 425 23.56 -10.30 -20.81
N PHE B 426 22.31 -10.66 -21.08
CA PHE B 426 21.93 -11.23 -22.40
C PHE B 426 20.92 -10.37 -23.16
N ILE B 427 20.44 -9.28 -22.57
CA ILE B 427 19.42 -8.40 -23.20
C ILE B 427 19.98 -6.98 -23.23
N PRO B 428 20.84 -6.65 -24.21
CA PRO B 428 21.41 -5.31 -24.27
C PRO B 428 20.37 -4.27 -24.70
N GLU B 429 20.72 -3.03 -24.47
CA GLU B 429 19.96 -1.84 -24.92
C GLU B 429 19.67 -2.01 -26.41
N GLY B 430 18.44 -1.75 -26.83
CA GLY B 430 18.00 -1.87 -28.22
C GLY B 430 17.36 -3.22 -28.52
N SER B 431 17.51 -4.23 -27.66
CA SER B 431 16.78 -5.52 -27.78
C SER B 431 15.29 -5.22 -27.83
N GLN B 432 14.53 -6.06 -28.54
CA GLN B 432 13.08 -5.84 -28.72
C GLN B 432 12.36 -7.07 -28.23
N ARG B 433 11.40 -6.89 -27.32
CA ARG B 433 10.54 -8.01 -26.92
C ARG B 433 9.72 -8.44 -28.15
N VAL B 434 9.54 -9.76 -28.33
CA VAL B 434 8.69 -10.32 -29.42
C VAL B 434 7.69 -11.31 -28.80
N GLY B 435 6.72 -11.74 -29.61
CA GLY B 435 5.68 -12.67 -29.16
C GLY B 435 6.23 -14.03 -28.82
N LEU B 436 5.64 -14.67 -27.81
CA LEU B 436 5.95 -16.04 -27.37
C LEU B 436 4.66 -16.64 -26.87
N VAL B 437 4.13 -17.64 -27.56
CA VAL B 437 2.83 -18.25 -27.15
C VAL B 437 3.11 -19.66 -26.63
N ALA B 438 2.29 -20.12 -25.70
CA ALA B 438 2.40 -21.48 -25.12
C ALA B 438 1.27 -22.35 -25.68
N SER B 439 1.57 -23.61 -25.98
CA SER B 439 0.61 -24.58 -26.57
C SER B 439 -0.46 -24.94 -25.53
N GLN B 440 -0.14 -24.84 -24.24
CA GLN B 440 -1.05 -25.25 -23.13
C GLN B 440 -0.71 -24.45 -21.87
N LYS B 441 -1.65 -24.39 -20.93
CA LYS B 441 -1.51 -23.76 -19.59
C LYS B 441 -0.30 -24.36 -18.91
N ASN B 442 0.52 -23.53 -18.26
CA ASN B 442 1.80 -23.97 -17.66
C ASN B 442 2.13 -23.05 -16.49
N ASP B 443 3.08 -23.45 -15.64
CA ASP B 443 3.48 -22.65 -14.45
C ASP B 443 4.82 -21.95 -14.70
N LEU B 444 5.28 -21.93 -15.94
CA LEU B 444 6.56 -21.24 -16.29
C LEU B 444 6.28 -19.75 -16.50
N ASP B 445 7.28 -18.93 -16.15
CA ASP B 445 7.37 -17.53 -16.59
C ASP B 445 8.39 -17.50 -17.72
N ALA B 446 8.03 -16.94 -18.86
CA ALA B 446 8.92 -16.93 -20.03
C ALA B 446 8.75 -15.62 -20.79
N VAL B 447 9.85 -15.15 -21.39
CA VAL B 447 9.82 -13.97 -22.30
C VAL B 447 10.86 -14.16 -23.41
N ALA B 448 10.54 -13.66 -24.60
CA ALA B 448 11.38 -13.79 -25.80
C ALA B 448 11.70 -12.38 -26.29
N LEU B 449 12.95 -12.15 -26.66
CA LEU B 449 13.38 -10.88 -27.27
C LEU B 449 14.33 -11.17 -28.43
N MET B 450 14.47 -10.19 -29.32
CA MET B 450 15.51 -10.20 -30.37
C MET B 450 16.57 -9.15 -30.03
N HIS B 451 17.82 -9.60 -29.93
CA HIS B 451 19.07 -8.80 -29.84
C HIS B 451 19.04 -7.79 -31.00
N PRO B 452 19.69 -6.61 -30.87
CA PRO B 452 19.87 -5.72 -32.02
C PRO B 452 20.48 -6.44 -33.25
N ASP B 453 21.40 -7.38 -33.01
CA ASP B 453 22.09 -8.15 -34.09
C ASP B 453 21.13 -9.16 -34.73
N GLY B 454 19.89 -9.31 -34.24
CA GLY B 454 18.84 -10.19 -34.79
C GLY B 454 18.77 -11.58 -34.14
N SER B 455 19.72 -11.94 -33.27
CA SER B 455 19.71 -13.22 -32.51
C SER B 455 18.56 -13.22 -31.49
N ALA B 456 18.11 -14.42 -31.10
CA ALA B 456 17.00 -14.69 -30.17
C ALA B 456 17.56 -14.83 -28.75
N VAL B 457 16.82 -14.36 -27.75
CA VAL B 457 17.09 -14.58 -26.30
C VAL B 457 15.74 -14.92 -25.66
N VAL B 458 15.68 -16.07 -24.99
CA VAL B 458 14.45 -16.48 -24.28
C VAL B 458 14.83 -16.81 -22.84
N VAL B 459 14.12 -16.21 -21.89
CA VAL B 459 14.35 -16.52 -20.44
C VAL B 459 13.14 -17.33 -19.98
N VAL B 460 13.42 -18.44 -19.30
CA VAL B 460 12.42 -19.36 -18.73
C VAL B 460 12.72 -19.51 -17.24
N LEU B 461 11.76 -19.15 -16.41
CA LEU B 461 11.83 -19.31 -14.93
C LEU B 461 10.78 -20.35 -14.52
N ASN B 462 11.19 -21.31 -13.71
CA ASN B 462 10.31 -22.35 -13.11
C ASN B 462 10.26 -22.13 -11.60
N ARG B 463 9.18 -21.54 -11.09
CA ARG B 463 9.04 -21.29 -9.63
C ARG B 463 8.34 -22.47 -8.93
N SER B 464 8.01 -23.55 -9.64
CA SER B 464 7.43 -24.81 -9.08
C SER B 464 8.55 -25.82 -8.78
N SER B 465 8.22 -26.84 -7.99
CA SER B 465 9.11 -27.96 -7.62
C SER B 465 9.26 -28.95 -8.78
N LYS B 466 8.39 -28.90 -9.78
CA LYS B 466 8.21 -29.96 -10.81
C LYS B 466 9.07 -29.63 -12.03
N ASP B 467 9.90 -30.57 -12.48
CA ASP B 467 10.59 -30.51 -13.79
C ASP B 467 9.53 -30.42 -14.90
N VAL B 468 9.73 -29.52 -15.85
CA VAL B 468 8.80 -29.36 -17.01
C VAL B 468 9.63 -29.53 -18.27
N PRO B 469 9.54 -30.68 -18.97
CA PRO B 469 10.08 -30.80 -20.32
C PRO B 469 9.31 -29.82 -21.22
N LEU B 470 10.03 -29.27 -22.21
N LEU B 470 10.01 -29.21 -22.16
CA LEU B 470 9.69 -28.01 -22.93
CA LEU B 470 9.35 -28.31 -23.13
C LEU B 470 10.29 -28.07 -24.34
C LEU B 470 10.19 -28.23 -24.38
N THR B 471 9.57 -27.63 -25.38
CA THR B 471 10.14 -27.37 -26.71
C THR B 471 9.96 -25.87 -26.98
N ILE B 472 10.98 -25.24 -27.57
CA ILE B 472 10.89 -23.85 -28.11
C ILE B 472 10.94 -23.96 -29.63
N LYS B 473 9.95 -23.40 -30.31
CA LYS B 473 9.93 -23.31 -31.79
C LYS B 473 10.25 -21.88 -32.24
N ASP B 474 11.29 -21.74 -33.04
CA ASP B 474 11.56 -20.52 -33.84
C ASP B 474 11.38 -20.89 -35.31
N PRO B 475 10.38 -20.30 -36.03
CA PRO B 475 10.13 -20.71 -37.42
C PRO B 475 11.31 -20.49 -38.38
N ALA B 476 12.28 -19.65 -38.02
CA ALA B 476 13.49 -19.42 -38.85
C ALA B 476 14.52 -20.55 -38.68
N VAL B 477 14.50 -21.32 -37.60
CA VAL B 477 15.62 -22.28 -37.32
C VAL B 477 15.09 -23.65 -36.96
N GLY B 478 13.94 -23.75 -36.27
CA GLY B 478 13.31 -25.02 -35.86
C GLY B 478 13.09 -25.11 -34.36
N PHE B 479 13.41 -26.27 -33.78
CA PHE B 479 12.94 -26.66 -32.43
C PHE B 479 14.10 -26.94 -31.49
N LEU B 480 14.00 -26.37 -30.29
CA LEU B 480 14.95 -26.61 -29.19
C LEU B 480 14.25 -27.58 -28.25
N GLU B 481 14.78 -28.78 -28.06
CA GLU B 481 14.22 -29.75 -27.10
C GLU B 481 14.95 -29.56 -25.77
N THR B 482 14.22 -29.20 -24.71
CA THR B 482 14.89 -28.88 -23.44
C THR B 482 14.03 -29.31 -22.26
N ILE B 483 14.45 -28.94 -21.08
CA ILE B 483 13.70 -29.26 -19.84
C ILE B 483 13.95 -28.12 -18.87
N SER B 484 12.92 -27.66 -18.18
CA SER B 484 13.03 -26.60 -17.16
C SER B 484 12.94 -27.26 -15.79
N PRO B 485 14.07 -27.52 -15.10
CA PRO B 485 14.03 -28.15 -13.77
C PRO B 485 13.21 -27.31 -12.78
N GLY B 486 12.61 -27.94 -11.77
CA GLY B 486 11.98 -27.22 -10.64
C GLY B 486 12.99 -26.24 -10.06
N TYR B 487 12.56 -25.03 -9.73
CA TYR B 487 13.41 -24.03 -9.03
C TYR B 487 14.68 -23.82 -9.87
N SER B 488 14.48 -23.48 -11.15
CA SER B 488 15.55 -23.17 -12.11
C SER B 488 15.22 -21.88 -12.85
N ILE B 489 16.24 -21.25 -13.40
CA ILE B 489 16.07 -20.18 -14.41
C ILE B 489 17.07 -20.45 -15.52
N HIS B 490 16.59 -20.40 -16.76
CA HIS B 490 17.42 -20.58 -17.97
C HIS B 490 17.38 -19.33 -18.84
N THR B 491 18.51 -18.99 -19.46
CA THR B 491 18.53 -18.07 -20.61
C THR B 491 19.03 -18.87 -21.83
N TYR B 492 18.25 -18.83 -22.91
CA TYR B 492 18.55 -19.49 -24.20
C TYR B 492 18.99 -18.40 -25.16
N LEU B 493 20.10 -18.61 -25.88
CA LEU B 493 20.58 -17.76 -27.00
C LEU B 493 20.65 -18.59 -28.29
N TRP B 494 20.28 -18.04 -29.43
CA TRP B 494 20.64 -18.66 -30.73
C TRP B 494 20.66 -17.63 -31.85
N ARG B 495 21.57 -17.83 -32.82
CA ARG B 495 21.56 -17.07 -34.10
C ARG B 495 20.32 -17.51 -34.88
N ARG B 496 19.77 -16.60 -35.68
CA ARG B 496 18.58 -16.88 -36.52
C ARG B 496 18.96 -16.90 -38.01
N GLN B 497 20.22 -16.62 -38.38
CA GLN B 497 20.70 -16.75 -39.78
C GLN B 497 22.24 -16.73 -39.86
C1 NAG C . -12.56 7.36 40.31
C2 NAG C . -11.94 7.24 41.73
C3 NAG C . -12.47 8.38 42.58
C4 NAG C . -12.24 9.72 41.88
C5 NAG C . -12.88 9.72 40.48
C6 NAG C . -12.65 11.04 39.75
C7 NAG C . -11.51 4.96 42.60
C8 NAG C . -12.17 3.73 43.13
N2 NAG C . -12.33 5.99 42.35
O3 NAG C . -11.79 8.37 43.87
O4 NAG C . -12.86 10.76 42.65
O5 NAG C . -12.31 8.66 39.72
O6 NAG C . -11.28 11.45 39.74
O7 NAG C . -10.31 4.97 42.39
H1 NAG C . -13.64 7.24 40.44
H2 NAG C . -10.84 7.31 41.68
H3 NAG C . -13.56 8.24 42.73
H4 NAG C . -11.16 9.89 41.80
H5 NAG C . -13.95 9.55 40.59
H61 NAG C . -13.27 11.83 40.20
H62 NAG C . -12.99 10.91 38.72
H81 NAG C . -12.62 3.21 42.33
H82 NAG C . -12.91 4.01 43.83
H83 NAG C . -11.46 3.11 43.60
HN2 NAG C . -13.32 5.89 42.56
HO3 NAG C . -11.17 7.65 43.89
HO4 NAG C . -13.74 10.92 42.28
HO6 NAG C . -11.24 12.29 39.31
C1 NAG C . -12.09 11.78 43.07
C2 NAG C . -12.91 13.02 43.42
C3 NAG C . -12.02 14.23 43.63
C4 NAG C . -10.99 13.88 44.69
C5 NAG C . -10.21 12.60 44.34
C6 NAG C . -9.26 12.18 45.47
C7 NAG C . -15.19 12.95 42.46
C8 NAG C . -16.05 13.45 41.34
N2 NAG C . -13.91 13.33 42.39
O3 NAG C . -12.93 15.23 44.08
O4 NAG C . -10.04 14.97 44.79
O5 NAG C . -11.15 11.56 44.12
O6 NAG C . -10.01 11.92 46.66
O7 NAG C . -15.65 12.27 43.34
H2 NAG C . -13.44 12.82 44.37
H3 NAG C . -11.54 14.51 42.69
H4 NAG C . -11.50 13.74 45.65
H5 NAG C . -9.63 12.77 43.43
H61 NAG C . -8.52 12.96 45.66
H62 NAG C . -8.73 11.26 45.18
H81 NAG C . -15.67 13.08 40.42
H82 NAG C . -16.04 14.51 41.32
H83 NAG C . -17.04 13.11 41.47
HN2 NAG C . -13.60 13.90 41.61
HO3 NAG C . -13.83 14.85 44.23
HO4 NAG C . -9.22 14.74 44.32
HO6 NAG C . -9.40 11.69 47.33
C1 BMA C . -9.92 15.90 45.76
C2 BMA C . -8.55 16.46 46.06
C3 BMA C . -8.68 17.68 46.97
C4 BMA C . -9.63 18.70 46.32
C5 BMA C . -10.91 18.05 45.82
C6 BMA C . -11.75 18.98 44.95
O2 BMA C . -7.92 16.81 44.83
O3 BMA C . -7.37 18.23 47.20
O4 BMA C . -9.99 19.69 47.28
O5 BMA C . -10.64 16.89 45.04
O6 BMA C . -13.11 18.50 44.92
H2 BMA C . -7.96 15.70 46.60
H3 BMA C . -9.12 17.36 47.92
H4 BMA C . -9.12 19.17 45.47
H5 BMA C . -11.50 17.75 46.70
H61 BMA C . -11.34 19.00 43.94
H62 BMA C . -11.72 19.99 45.36
HO2 BMA C . -7.88 15.98 44.43
HO3 BMA C . -7.14 17.53 47.68
HO4 BMA C . -9.38 20.09 47.55
HO6 BMA C . -13.32 17.98 45.72
C1 MAN C . -14.26 18.75 44.29
C2 MAN C . -15.60 18.01 44.20
C3 MAN C . -15.65 17.20 42.89
C4 MAN C . -15.11 17.97 41.69
C5 MAN C . -13.82 18.72 41.97
C6 MAN C . -13.45 19.65 40.82
O2 MAN C . -16.70 18.92 44.36
O3 MAN C . -17.02 16.78 42.66
O4 MAN C . -14.79 17.04 40.65
O5 MAN C . -14.04 19.54 43.11
O6 MAN C . -12.15 20.20 41.06
H1 MAN C . -14.31 19.43 45.15
H2 MAN C . -15.63 17.29 45.02
H3 MAN C . -15.03 16.30 43.02
H4 MAN C . -15.87 18.69 41.33
H5 MAN C . -13.01 18.01 42.15
H61 MAN C . -14.18 20.45 40.74
H62 MAN C . -13.44 19.09 39.86
HO2 MAN C . -16.26 19.37 45.31
HO3 MAN C . -17.37 16.47 43.39
HO4 MAN C . -15.05 16.43 40.48
HO6 MAN C . -11.59 19.30 41.53
C1 NAG D . 39.91 -16.15 -1.33
C2 NAG D . 40.87 -16.73 -0.31
C3 NAG D . 41.54 -17.95 -0.89
C4 NAG D . 40.44 -18.94 -1.37
C5 NAG D . 39.49 -18.31 -2.37
C6 NAG D . 38.31 -19.27 -2.71
C7 NAG D . 41.77 -15.14 1.26
C8 NAG D . 42.89 -14.31 1.76
N2 NAG D . 41.90 -15.78 0.11
O3 NAG D . 42.38 -18.48 0.13
O4 NAG D . 41.06 -20.03 -2.00
O5 NAG D . 38.97 -17.18 -1.74
O6 NAG D . 37.78 -19.81 -1.49
O7 NAG D . 40.74 -15.26 1.90
H1 NAG D . 40.51 -15.87 -2.20
H2 NAG D . 40.29 -17.06 0.56
H3 NAG D . 42.14 -17.65 -1.75
H4 NAG D . 39.88 -19.27 -0.48
H5 NAG D . 40.02 -18.04 -3.29
H61 NAG D . 38.62 -20.07 -3.38
H62 NAG D . 37.52 -18.70 -3.21
H81 NAG D . 43.10 -13.54 1.06
H82 NAG D . 43.75 -14.90 1.89
H83 NAG D . 42.62 -13.87 2.70
HN2 NAG D . 42.74 -15.69 -0.45
HO3 NAG D . 42.29 -17.92 0.94
HO4 NAG D . 40.73 -20.09 -2.90
HO6 NAG D . 37.05 -20.41 -1.69
C1 NAG D . 41.18 -21.23 -1.39
C2 NAG D . 41.44 -22.33 -2.39
C3 NAG D . 41.60 -23.70 -1.70
C4 NAG D . 42.72 -23.62 -0.67
C5 NAG D . 42.39 -22.50 0.32
C6 NAG D . 43.48 -22.14 1.33
C7 NAG D . 40.52 -21.80 -4.58
C8 NAG D . 39.36 -22.09 -5.48
N2 NAG D . 40.40 -22.38 -3.38
O3 NAG D . 41.94 -24.62 -2.74
O4 NAG D . 42.96 -24.92 -0.10
O5 NAG D . 42.22 -21.27 -0.43
O6 NAG D . 44.70 -21.97 0.60
O7 NAG D . 41.49 -21.10 -4.92
H2 NAG D . 42.40 -22.11 -2.88
H3 NAG D . 40.65 -23.99 -1.21
H4 NAG D . 43.62 -23.31 -1.22
H5 NAG D . 41.47 -22.74 0.86
H61 NAG D . 43.60 -22.94 2.06
H62 NAG D . 43.22 -21.21 1.85
H81 NAG D . 38.47 -21.78 -5.01
H82 NAG D . 39.31 -23.13 -5.68
H83 NAG D . 39.48 -21.55 -6.39
HN2 NAG D . 39.57 -22.92 -3.18
HO3 NAG D . 42.00 -24.15 -3.57
HO4 NAG D . 42.82 -24.85 0.87
HO6 NAG D . 45.41 -21.73 1.21
C1 BMA D . 43.87 -25.76 -0.64
C2 BMA D . 44.47 -26.26 0.66
C3 BMA D . 45.70 -27.17 0.43
C4 BMA D . 45.70 -27.98 -0.86
C5 BMA D . 45.24 -27.16 -2.07
C6 BMA D . 45.27 -27.93 -3.42
O2 BMA D . 43.44 -26.93 1.40
O3 BMA D . 45.76 -28.05 1.55
O4 BMA D . 47.02 -28.52 -1.07
O5 BMA D . 43.93 -26.72 -1.70
O6 BMA D . 44.35 -27.45 -4.43
H2 BMA D . 44.84 -25.40 1.23
H3 BMA D . 46.59 -26.53 0.44
H4 BMA D . 44.99 -28.81 -0.74
H5 BMA D . 45.90 -26.28 -2.17
H61 BMA D . 45.04 -28.97 -3.21
H62 BMA D . 46.28 -27.89 -3.81
HO2 BMA D . 42.63 -26.39 1.47
HO3 BMA D . 45.70 -27.57 2.45
HO4 BMA D . 47.29 -29.04 -0.19
HO6 BMA D . 44.13 -26.55 -4.11
C1 NAG E . 9.69 -32.38 -41.01
C2 NAG E . 8.97 -33.59 -41.61
C3 NAG E . 8.72 -33.36 -43.08
C4 NAG E . 8.05 -31.99 -43.23
C5 NAG E . 8.92 -30.85 -42.65
C6 NAG E . 8.31 -29.45 -42.79
C7 NAG E . 9.48 -35.90 -40.79
C8 NAG E . 10.55 -36.94 -40.69
N2 NAG E . 9.81 -34.78 -41.46
O3 NAG E . 7.97 -34.45 -43.62
O4 NAG E . 7.74 -31.71 -44.61
O5 NAG E . 9.07 -31.12 -41.27
O6 NAG E . 6.92 -29.47 -42.44
O7 NAG E . 8.38 -36.06 -40.27
H1 NAG E . 10.69 -32.36 -41.47
H2 NAG E . 8.01 -33.74 -41.09
H3 NAG E . 9.70 -33.31 -43.59
H4 NAG E . 7.12 -32.02 -42.64
H5 NAG E . 9.91 -30.87 -43.15
H61 NAG E . 8.42 -29.10 -43.82
H62 NAG E . 8.84 -28.76 -42.14
H81 NAG E . 11.38 -36.54 -40.18
H82 NAG E . 10.84 -37.24 -41.66
H83 NAG E . 10.17 -37.78 -40.15
HN2 NAG E . 10.74 -34.73 -41.87
HO3 NAG E . 7.78 -35.08 -42.93
HO4 NAG E . 8.38 -31.06 -44.95
HO6 NAG E . 6.56 -28.57 -42.51
C1 NAG E . 6.47 -31.39 -44.91
C2 NAG E . 6.20 -30.74 -46.27
C3 NAG E . 4.72 -30.36 -46.42
C4 NAG E . 3.80 -31.50 -45.97
C5 NAG E . 4.13 -31.83 -44.51
C6 NAG E . 3.18 -32.83 -43.83
C7 NAG E . 8.24 -29.50 -47.04
C8 NAG E . 8.92 -28.16 -47.05
N2 NAG E . 7.05 -29.55 -46.42
O3 NAG E . 4.41 -30.03 -47.78
O4 NAG E . 2.43 -31.15 -46.20
O5 NAG E . 5.47 -32.34 -44.53
O6 NAG E . 3.07 -34.01 -44.61
O7 NAG E . 8.75 -30.47 -47.57
H2 NAG E . 6.45 -31.47 -47.05
H3 NAG E . 4.51 -29.49 -45.78
H4 NAG E . 4.05 -32.38 -46.57
H5 NAG E . 4.12 -30.89 -43.93
H61 NAG E . 2.19 -32.37 -43.71
H62 NAG E . 3.56 -33.07 -42.83
H81 NAG E . 9.08 -27.84 -46.05
H82 NAG E . 8.31 -27.45 -47.55
H83 NAG E . 9.85 -28.24 -47.54
HN2 NAG E . 6.70 -28.70 -46.00
HO3 NAG E . 5.13 -30.19 -48.34
HO4 NAG E . 2.35 -30.26 -46.55
HO6 NAG E . 2.47 -34.56 -44.06
C1 PO8 F . -6.68 -4.11 9.45
C2 PO8 F . -6.51 -5.60 9.75
C3 PO8 F . -6.37 -5.89 11.25
C4 PO8 F . -5.12 -5.14 11.78
C5 PO8 F . -5.17 -3.67 11.41
C6 PO8 F . -3.94 -2.90 11.94
C7 PO8 F . -5.41 -3.42 9.93
O8 PO8 F . -7.54 -6.33 9.16
O9 PO8 F . -6.16 -7.29 11.39
O10 PO8 F . -4.92 -5.22 13.19
O11 PO8 F . -2.77 -3.20 11.10
N12 PO8 F . -4.22 -3.71 9.07
H11 PO8 F . -6.79 -3.97 8.38
H2 PO8 F . -5.58 -5.92 9.28
H3 PO8 F . -7.27 -5.56 11.79
H4 PO8 F . -4.24 -5.58 11.29
H5 PO8 F . -6.03 -3.25 11.94
H61 PO8 F . -4.15 -1.83 11.89
H6 PO8 F . -3.74 -3.17 12.97
H7 PO8 F . -5.58 -2.34 9.83
HO8 PO8 F . -7.60 -6.12 8.21
HO9 PO8 F . -6.92 -7.77 11.06
HO10 PO8 F . -4.88 -6.15 13.46
HO11 PO8 F . -2.52 -4.12 11.20
HN11 PO8 F . -3.79 -4.61 9.33
HN13 PO8 F . -3.53 -2.96 9.17
HN12 PO8 F . -4.52 -3.76 8.08
S SO4 G . 0.01 14.49 18.90
O1 SO4 G . 1.17 14.92 18.15
O2 SO4 G . -0.14 13.08 18.73
O3 SO4 G . -1.15 15.27 18.49
O4 SO4 G . 0.22 14.72 20.32
S SO4 H . -29.79 -2.47 5.50
O1 SO4 H . -31.06 -2.67 4.90
O2 SO4 H . -28.86 -3.37 4.87
O3 SO4 H . -29.85 -2.73 6.93
O4 SO4 H . -29.34 -1.11 5.36
C1 NAG I . -16.06 -34.72 15.52
C2 NAG I . -15.42 -35.33 16.78
C3 NAG I . -15.82 -36.82 16.91
C4 NAG I . -17.36 -36.95 16.91
C5 NAG I . -17.86 -36.38 15.55
C6 NAG I . -19.36 -36.56 15.25
C7 NAG I . -13.11 -34.64 17.36
C8 NAG I . -11.67 -34.93 16.98
N2 NAG I . -13.99 -35.33 16.64
O3 NAG I . -15.16 -37.43 18.02
O4 NAG I . -17.82 -38.29 17.18
O5 NAG I . -17.49 -34.98 15.48
O6 NAG I . -20.23 -36.02 16.26
O7 NAG I . -13.43 -33.86 18.24
H1 NAG I . -15.59 -35.21 14.65
H2 NAG I . -15.73 -34.79 17.68
H3 NAG I . -15.47 -37.32 15.99
H4 NAG I . -17.74 -36.29 17.70
H5 NAG I . -17.33 -36.92 14.76
H61 NAG I . -19.57 -37.63 15.14
H62 NAG I . -19.59 -36.08 14.30
H81 NAG I . -11.51 -34.64 15.98
H82 NAG I . -11.49 -35.97 17.08
H83 NAG I . -11.02 -34.40 17.62
HN2 NAG I . -13.62 -35.95 15.92
HO3 NAG I . -14.68 -36.66 18.38
HO4 NAG I . -17.13 -38.77 17.23
HO6 NAG I . -21.00 -36.13 15.99
C1 EDO J . -4.76 25.55 21.67
O1 EDO J . -6.02 25.78 21.08
C2 EDO J . -4.55 24.14 22.07
O2 EDO J . -4.20 23.97 23.42
H11 EDO J . -4.66 26.12 22.46
H12 EDO J . -4.06 25.80 21.03
HO1 EDO J . -6.09 26.60 20.89
H21 EDO J . -3.85 23.77 21.53
H22 EDO J . -5.38 23.65 21.89
HO2 EDO J . -3.48 24.38 23.57
C1 EDO K . -11.73 4.45 3.08
O1 EDO K . -12.54 5.31 2.23
C2 EDO K . -11.96 4.73 4.59
O2 EDO K . -11.22 5.88 4.96
H11 EDO K . -10.78 4.60 2.88
H12 EDO K . -11.94 3.51 2.90
HO1 EDO K . -12.38 5.12 1.42
H21 EDO K . -11.68 3.96 5.12
H22 EDO K . -12.92 4.90 4.75
HO2 EDO K . -11.15 6.40 4.30
C1 EDO L . -7.15 12.47 2.79
O1 EDO L . -6.43 11.45 2.12
C2 EDO L . -8.62 12.34 2.66
O2 EDO L . -8.96 11.28 1.79
H11 EDO L . -6.88 13.35 2.43
H12 EDO L . -6.91 12.46 3.75
HO1 EDO L . -5.60 11.54 2.29
H21 EDO L . -8.99 13.17 2.33
H22 EDO L . -8.99 12.16 3.55
HO2 EDO L . -8.92 11.57 0.99
C1 EDO M . 4.30 8.69 15.70
O1 EDO M . 4.46 8.05 16.95
C2 EDO M . 3.13 9.60 15.60
O2 EDO M . 2.02 9.01 14.96
H11 EDO M . 4.22 8.02 14.99
H12 EDO M . 5.10 9.22 15.52
HO1 EDO M . 5.18 7.55 16.89
H21 EDO M . 3.40 10.39 15.09
H22 EDO M . 2.87 9.88 16.50
HO2 EDO M . 2.19 8.89 14.14
C1 EDO N . -18.96 14.65 27.34
O1 EDO N . -17.66 14.76 27.94
C2 EDO N . -19.73 13.49 27.90
O2 EDO N . -19.11 12.22 27.70
H11 EDO N . -18.86 14.52 26.37
H12 EDO N . -19.46 15.48 27.50
HO1 EDO N . -17.27 15.44 27.67
H21 EDO N . -20.61 13.48 27.50
H22 EDO N . -19.84 13.63 28.87
HO2 EDO N . -18.39 12.32 27.27
S SO4 O . 0.13 24.83 16.64
O1 SO4 O . 1.44 24.66 17.19
O2 SO4 O . -0.44 23.53 16.39
O3 SO4 O . 0.21 25.58 15.41
O4 SO4 O . -0.68 25.55 17.60
C1 EDO P . -22.12 29.92 23.61
O1 EDO P . -20.77 29.48 23.58
C2 EDO P . -22.66 30.44 22.31
O2 EDO P . -23.91 29.93 21.84
H11 EDO P . -22.20 30.62 24.29
H12 EDO P . -22.67 29.16 23.90
HO1 EDO P . -20.52 29.26 24.33
H21 EDO P . -21.99 30.29 21.62
H22 EDO P . -22.76 31.42 22.41
HO2 EDO P . -24.30 29.52 22.47
C1 EDO Q . -17.74 28.05 20.52
O1 EDO Q . -16.40 28.24 20.09
C2 EDO Q . -18.69 28.93 19.77
O2 EDO Q . -18.76 28.61 18.37
H11 EDO Q . -17.80 28.25 21.48
H12 EDO Q . -17.99 27.12 20.38
HO1 EDO Q . -15.85 27.74 20.54
H21 EDO Q . -18.40 29.85 19.88
H22 EDO Q . -19.57 28.83 20.17
HO2 EDO Q . -18.02 28.77 18.01
C1 EDO R . -28.08 -6.99 -3.48
O1 EDO R . -27.85 -8.22 -2.84
C2 EDO R . -27.91 -7.02 -4.95
O2 EDO R . -29.14 -6.89 -5.62
H11 EDO R . -27.47 -6.33 -3.11
H12 EDO R . -29.00 -6.70 -3.27
HO1 EDO R . -27.91 -8.03 -2.01
H21 EDO R . -27.49 -7.87 -5.21
H22 EDO R . -27.32 -6.30 -5.22
HO2 EDO R . -29.64 -7.55 -5.45
C1 EDO S . -29.88 -10.46 1.31
O1 EDO S . -28.59 -11.08 1.31
C2 EDO S . -29.95 -9.09 0.74
O2 EDO S . -28.83 -8.62 -0.03
H11 EDO S . -30.22 -10.43 2.22
H12 EDO S . -30.49 -11.03 0.79
HO1 EDO S . -28.64 -11.83 1.68
H21 EDO S . -30.09 -8.47 1.48
H22 EDO S . -30.75 -9.04 0.16
HO2 EDO S . -28.22 -9.22 -0.03
C1 EDO T . -31.50 -2.58 20.73
O1 EDO T . -32.11 -1.40 20.17
C2 EDO T . -30.15 -2.97 20.17
O2 EDO T . -30.14 -3.83 19.01
H11 EDO T . -32.12 -3.33 20.60
H12 EDO T . -31.40 -2.44 21.69
HO1 EDO T . -32.85 -1.25 20.56
H21 EDO T . -29.66 -3.42 20.89
H22 EDO T . -29.67 -2.15 19.95
HO2 EDO T . -30.90 -3.81 18.63
C1 EDO U . -27.27 -14.10 -0.19
O1 EDO U . -28.52 -14.07 0.48
C2 EDO U . -26.53 -12.81 -0.15
O2 EDO U . -27.24 -11.80 -0.83
H11 EDO U . -27.41 -14.34 -1.12
H12 EDO U . -26.70 -14.79 0.22
HO1 EDO U . -28.87 -14.84 0.46
H21 EDO U . -25.65 -12.93 -0.56
H22 EDO U . -26.40 -12.55 0.79
HO2 EDO U . -28.05 -12.04 -0.94
C1 EDO V . -10.38 -14.06 -15.53
O1 EDO V . -10.86 -14.95 -14.53
C2 EDO V . -11.50 -13.38 -16.18
O2 EDO V . -11.70 -12.06 -15.67
H11 EDO V . -9.88 -14.58 -16.20
H12 EDO V . -9.78 -13.40 -15.13
HO1 EDO V . -10.17 -15.34 -14.17
H21 EDO V . -12.32 -13.90 -16.04
H22 EDO V . -11.32 -13.34 -17.14
HO2 EDO V . -10.96 -11.62 -15.72
C1 EDO W . 5.79 -18.38 3.86
O1 EDO W . 5.56 -17.50 4.95
C2 EDO W . 5.54 -17.77 2.54
O2 EDO W . 4.45 -16.90 2.54
H11 EDO W . 5.21 -19.16 3.97
H12 EDO W . 6.71 -18.68 3.90
HO1 EDO W . 5.69 -17.88 5.67
H21 EDO W . 5.40 -18.49 1.89
H22 EDO W . 6.35 -17.27 2.27
HO2 EDO W . 4.05 -16.96 3.28
C1 EDO X . -7.42 -19.43 -6.72
O1 EDO X . -6.19 -20.11 -6.75
C2 EDO X . -8.57 -20.18 -7.27
O2 EDO X . -8.52 -20.43 -8.66
H11 EDO X . -7.32 -18.58 -7.21
H12 EDO X . -7.60 -19.21 -5.78
HO1 EDO X . -5.58 -19.65 -6.42
H21 EDO X . -9.38 -19.67 -7.08
H22 EDO X . -8.64 -21.04 -6.80
HO2 EDO X . -7.82 -20.09 -8.99
C1 EDO Y . -2.36 -4.74 2.78
O1 EDO Y . -2.36 -5.38 4.05
C2 EDO Y . -3.62 -5.02 2.05
O2 EDO Y . -4.80 -4.74 2.79
H11 EDO Y . -1.61 -5.07 2.26
H12 EDO Y . -2.27 -3.78 2.91
HO1 EDO Y . -1.57 -5.18 4.39
H21 EDO Y . -3.63 -5.96 1.79
H22 EDO Y . -3.63 -4.48 1.23
HO2 EDO Y . -4.68 -4.95 3.60
S SO4 Z . -25.38 -0.73 -8.96
O1 SO4 Z . -24.44 -1.79 -9.18
O2 SO4 Z . -26.69 -1.30 -8.76
O3 SO4 Z . -25.42 0.18 -10.06
O4 SO4 Z . -25.00 -0.02 -7.79
NA NA AA . 3.43 1.14 15.04
C1 EDO BA . -1.29 3.98 31.45
O1 EDO BA . -0.04 3.44 31.10
C2 EDO BA . -1.17 4.94 32.59
O2 EDO BA . -0.01 5.74 32.46
H11 EDO BA . -1.89 3.25 31.71
H12 EDO BA . -1.67 4.43 30.68
HO1 EDO BA . -0.14 2.93 30.46
H21 EDO BA . -1.13 4.44 33.42
H22 EDO BA . -1.97 5.50 32.60
HO2 EDO BA . 0.53 5.36 31.94
C1 EDO CA . -24.97 -19.58 -10.78
O1 EDO CA . -24.81 -19.46 -12.18
C2 EDO CA . -25.60 -18.38 -10.17
O2 EDO CA . -24.68 -17.61 -9.39
H11 EDO CA . -24.10 -19.73 -10.37
H12 EDO CA . -25.54 -20.36 -10.58
HO1 EDO CA . -24.34 -20.16 -12.43
H21 EDO CA . -26.35 -18.66 -9.60
H22 EDO CA . -25.96 -17.81 -10.90
HO2 EDO CA . -23.92 -17.57 -9.81
C1 EDO DA . -8.82 7.02 39.58
O1 EDO DA . -8.75 8.44 39.63
C2 EDO DA . -8.68 6.48 38.21
O2 EDO DA . -7.34 6.49 37.71
H11 EDO DA . -9.67 6.74 39.95
H12 EDO DA . -8.11 6.66 40.14
HO1 EDO DA . -8.88 8.67 40.37
H21 EDO DA . -9.25 7.01 37.61
H22 EDO DA . -9.02 5.57 38.21
HO2 EDO DA . -6.93 7.14 38.04
C1 EDO EA . -4.37 15.61 10.95
O1 EDO EA . -4.28 16.95 10.45
C2 EDO EA . -5.71 15.07 10.67
O2 EDO EA . -5.93 14.86 9.32
H11 EDO EA . -4.21 15.61 11.91
H12 EDO EA . -3.69 15.04 10.51
HO1 EDO EA . -3.50 17.18 10.69
H21 EDO EA . -6.38 15.70 11.01
H22 EDO EA . -5.81 14.23 11.16
HO2 EDO EA . -5.51 15.44 8.86
C1 EDO FA . -4.91 5.78 -8.22
O1 EDO FA . -6.28 6.04 -8.50
C2 EDO FA . -4.63 5.81 -6.77
O2 EDO FA . -5.42 4.87 -6.05
H11 EDO FA . -4.35 6.45 -8.66
H12 EDO FA . -4.67 4.90 -8.57
HO1 EDO FA . -6.41 6.04 -9.34
H21 EDO FA . -4.81 6.71 -6.43
H22 EDO FA . -3.69 5.61 -6.63
HO2 EDO FA . -6.05 4.60 -6.54
C1 PO8 GA . 12.13 2.60 -2.20
C2 PO8 GA . 12.63 3.90 -1.48
C3 PO8 GA . 13.94 3.72 -0.75
C4 PO8 GA . 13.77 2.63 0.31
C5 PO8 GA . 13.21 1.37 -0.30
C6 PO8 GA . 13.07 0.27 0.74
C7 PO8 GA . 11.90 1.58 -1.10
O8 PO8 GA . 12.71 5.01 -2.39
O9 PO8 GA . 14.33 4.94 -0.09
O10 PO8 GA . 15.01 2.29 0.92
O11 PO8 GA . 12.09 0.64 1.73
N12 PO8 GA . 10.75 1.93 -0.27
H11 PO8 GA . 11.20 2.80 -2.72
H2 PO8 GA . 11.89 4.18 -0.72
H3 PO8 GA . 14.70 3.41 -1.49
H4 PO8 GA . 13.08 3.02 1.07
H5 PO8 GA . 13.96 1.00 -1.01
H61 PO8 GA . 12.74 -0.65 0.25
H6 PO8 GA . 14.02 0.06 1.22
H7 PO8 GA . 11.68 0.63 -1.58
HO8 PO8 GA . 11.85 5.11 -2.85
HO9 PO8 GA . 14.43 5.64 -0.76
HO10 PO8 GA . 15.40 3.09 1.34
HO11 PO8 GA . 12.25 1.52 2.07
HN11 PO8 GA . 10.99 2.61 0.45
HN13 PO8 GA . 10.39 1.06 0.18
HN12 PO8 GA . 9.99 2.31 -0.87
S SO4 HA . 14.33 -18.73 1.49
O1 SO4 HA . 14.20 -19.08 0.10
O2 SO4 HA . 15.54 -19.33 2.00
O3 SO4 HA . 13.20 -19.16 2.28
O4 SO4 HA . 14.42 -17.28 1.62
S SO4 IA . 16.84 7.10 -24.77
O1 SO4 IA . 16.05 5.91 -24.79
O2 SO4 IA . 18.17 6.76 -24.38
O3 SO4 IA . 16.27 8.05 -23.84
O4 SO4 IA . 16.86 7.69 -26.08
C1 EDO JA . -8.06 19.29 -11.76
O1 EDO JA . -7.15 18.24 -12.01
C2 EDO JA . -7.77 19.97 -10.48
O2 EDO JA . -6.46 20.51 -10.50
H11 EDO JA . -8.98 18.93 -11.72
H12 EDO JA . -8.02 19.95 -12.48
HO1 EDO JA . -7.36 17.87 -12.72
H21 EDO JA . -7.84 19.32 -9.75
H22 EDO JA . -8.42 20.69 -10.34
HO2 EDO JA . -6.50 21.32 -10.76
C1 EDO KA . 7.55 -2.37 -10.77
O1 EDO KA . 8.29 -3.43 -11.22
C2 EDO KA . 6.08 -2.51 -11.02
O2 EDO KA . 5.79 -2.90 -12.35
H11 EDO KA . 7.87 -1.56 -11.22
H12 EDO KA . 7.70 -2.26 -9.81
HO1 EDO KA . 9.12 -3.31 -11.07
H21 EDO KA . 5.64 -1.64 -10.83
H22 EDO KA . 5.72 -3.17 -10.41
HO2 EDO KA . 6.37 -2.58 -12.88
C1 EDO LA . 8.20 -16.60 -5.59
O1 EDO LA . 9.36 -16.27 -4.89
C2 EDO LA . 7.60 -15.38 -6.18
O2 EDO LA . 8.12 -15.08 -7.46
H11 EDO LA . 7.55 -17.03 -5.00
H12 EDO LA . 8.42 -17.22 -6.32
HO1 EDO LA . 9.71 -16.99 -4.56
H21 EDO LA . 7.77 -14.62 -5.58
H22 EDO LA . 6.62 -15.50 -6.24
HO2 EDO LA . 8.95 -14.96 -7.41
C1 EDO MA . 34.65 -10.81 -11.44
C1 EDO MA . 33.31 -11.11 -12.88
O1 EDO MA . 34.69 -12.14 -10.92
O1 EDO MA . 32.16 -11.84 -12.55
C2 EDO MA . 35.06 -10.74 -12.87
C2 EDO MA . 33.95 -10.40 -11.74
O2 EDO MA . 36.44 -10.97 -13.10
O2 EDO MA . 34.99 -11.13 -11.15
H11 EDO MA . 35.25 -10.24 -10.91
H11 EDO MA . 33.07 -10.45 -13.57
H12 EDO MA . 33.74 -10.46 -11.35
H12 EDO MA . 33.97 -11.72 -13.28
HO1 EDO MA . 34.44 -12.13 -10.08
HO1 EDO MA . 31.84 -12.16 -13.26
H21 EDO MA . 34.83 -9.86 -13.22
H21 EDO MA . 33.27 -10.22 -11.06
H22 EDO MA . 34.54 -11.40 -13.38
H22 EDO MA . 34.29 -9.55 -12.05
HO2 EDO MA . 36.83 -11.11 -12.36
HO2 EDO MA . 35.11 -11.85 -11.58
C1 EDO NA . 37.58 -0.10 -11.57
O1 EDO NA . 38.26 0.61 -10.60
C2 EDO NA . 38.07 0.16 -12.92
O2 EDO NA . 37.49 1.23 -13.58
H11 EDO NA . 36.62 0.13 -11.53
H12 EDO NA . 37.67 -1.05 -11.39
HO1 EDO NA . 37.94 0.42 -9.83
H21 EDO NA . 37.95 -0.65 -13.46
H22 EDO NA . 39.03 0.33 -12.87
HO2 EDO NA . 37.91 1.95 -13.36
C1 EDO OA . 12.25 17.69 -21.20
O1 EDO OA . 13.22 16.69 -20.92
C2 EDO OA . 12.79 19.03 -20.94
O2 EDO OA . 14.14 19.18 -21.37
H11 EDO OA . 11.46 17.54 -20.64
H12 EDO OA . 11.98 17.61 -22.15
HO1 EDO OA . 12.84 15.91 -21.08
H21 EDO OA . 12.73 19.22 -19.98
H22 EDO OA . 12.23 19.69 -21.42
HO2 EDO OA . 14.21 18.99 -22.19
C1 EDO PA . 9.34 14.41 -24.36
O1 EDO PA . 10.22 13.58 -25.10
C2 EDO PA . 7.93 13.96 -24.41
O2 EDO PA . 7.45 13.77 -25.73
H11 EDO PA . 9.40 15.32 -24.73
H12 EDO PA . 9.64 14.43 -23.43
HO1 EDO PA . 11.00 13.89 -25.05
H21 EDO PA . 7.37 14.61 -23.96
H22 EDO PA . 7.86 13.11 -23.94
HO2 EDO PA . 7.80 14.35 -26.25
C1 EDO QA . 28.68 9.17 -18.77
O1 EDO QA . 28.64 10.22 -17.82
C2 EDO QA . 27.64 8.13 -18.53
O2 EDO QA . 26.64 8.12 -19.50
H11 EDO QA . 29.56 8.75 -18.75
H12 EDO QA . 28.54 9.55 -19.65
HO1 EDO QA . 29.26 10.76 -18.00
H21 EDO QA . 27.24 8.27 -17.65
H22 EDO QA . 28.07 7.25 -18.52
HO2 EDO QA . 26.40 8.93 -19.67
C1 EDO RA . 17.47 14.62 10.95
O1 EDO RA . 18.54 14.43 11.88
C2 EDO RA . 16.16 14.88 11.60
O2 EDO RA . 15.47 13.69 11.95
H11 EDO RA . 17.39 13.82 10.39
H12 EDO RA . 17.69 15.38 10.37
HO1 EDO RA . 19.23 14.33 11.47
H21 EDO RA . 15.60 15.41 11.00
H22 EDO RA . 16.30 15.41 12.42
HO2 EDO RA . 16.01 13.14 12.28
C1 EDO SA . 11.32 -12.64 5.75
O1 EDO SA . 12.13 -13.44 6.57
C2 EDO SA . 10.63 -13.30 4.62
O2 EDO SA . 9.21 -13.23 4.80
H11 EDO SA . 11.88 -11.92 5.37
H12 EDO SA . 10.64 -12.21 6.30
HO1 EDO SA . 12.45 -12.92 7.17
H21 EDO SA . 10.91 -14.24 4.57
H22 EDO SA . 10.87 -12.86 3.78
HO2 EDO SA . 8.97 -12.41 4.78
C1 EDO TA . 27.20 -27.64 -7.73
O1 EDO TA . 27.00 -27.31 -9.08
C2 EDO TA . 25.96 -27.53 -6.94
O2 EDO TA . 24.83 -27.72 -7.74
H11 EDO TA . 27.88 -27.04 -7.34
H12 EDO TA . 27.54 -28.56 -7.68
HO1 EDO TA . 27.75 -27.43 -9.55
H21 EDO TA . 25.92 -26.65 -6.52
H22 EDO TA . 25.97 -28.22 -6.22
HO2 EDO TA . 25.00 -27.51 -8.55
C1 EDO UA . 16.43 -28.51 -4.44
O1 EDO UA . 17.52 -27.63 -4.36
C2 EDO UA . 16.55 -29.42 -5.59
O2 EDO UA . 15.99 -28.86 -6.75
H11 EDO UA . 15.61 -27.99 -4.55
H12 EDO UA . 16.37 -29.03 -3.62
HO1 EDO UA . 17.44 -27.06 -3.74
H21 EDO UA . 16.09 -30.26 -5.37
H22 EDO UA . 17.49 -29.61 -5.75
HO2 EDO UA . 16.44 -28.19 -6.99
C1 EDO VA . 19.45 -28.53 -18.16
O1 EDO VA . 18.61 -28.64 -17.04
C2 EDO VA . 18.81 -29.03 -19.40
O2 EDO VA . 17.67 -28.28 -19.81
H11 EDO VA . 20.29 -29.02 -18.00
H12 EDO VA . 19.69 -27.58 -18.29
HO1 EDO VA . 19.03 -28.36 -16.38
H21 EDO VA . 18.54 -29.96 -19.23
H22 EDO VA . 19.46 -29.03 -20.12
HO2 EDO VA . 17.09 -28.28 -19.19
C1 EDO WA . 29.16 -17.63 -13.70
O1 EDO WA . 30.23 -18.55 -13.82
C2 EDO WA . 29.22 -16.85 -12.45
O2 EDO WA . 29.91 -15.62 -12.59
H11 EDO WA . 28.31 -18.12 -13.73
H12 EDO WA . 29.18 -17.01 -14.46
HO1 EDO WA . 30.21 -18.93 -14.58
H21 EDO WA . 29.67 -17.40 -11.77
H22 EDO WA . 28.31 -16.67 -12.15
HO2 EDO WA . 30.64 -15.75 -13.01
C1 EDO XA . 3.82 -28.30 -18.05
O1 EDO XA . 3.26 -27.55 -17.00
C2 EDO XA . 2.89 -28.42 -19.19
O2 EDO XA . 1.86 -27.42 -19.20
H11 EDO XA . 4.06 -29.19 -17.73
H12 EDO XA . 4.63 -27.85 -18.36
HO1 EDO XA . 3.82 -27.44 -16.38
H21 EDO XA . 2.46 -29.30 -19.15
H22 EDO XA . 3.39 -28.37 -20.03
HO2 EDO XA . 1.98 -26.90 -18.54
C1 EDO YA . 4.63 -18.32 -34.59
O1 EDO YA . 5.74 -17.82 -35.29
C2 EDO YA . 3.33 -17.78 -35.01
O2 EDO YA . 2.30 -18.51 -34.39
H11 EDO YA . 4.75 -18.15 -33.64
H12 EDO YA . 4.61 -19.29 -34.72
HO1 EDO YA . 6.45 -18.20 -34.98
H21 EDO YA . 3.25 -17.84 -35.98
H22 EDO YA . 3.27 -16.84 -34.75
HO2 EDO YA . 2.35 -18.39 -33.55
S SO4 ZA . 4.54 15.04 10.11
O1 SO4 ZA . 4.05 14.05 9.19
O2 SO4 ZA . 5.41 14.40 11.07
O3 SO4 ZA . 5.29 16.04 9.38
O4 SO4 ZA . 3.42 15.65 10.78
NA NA AB . 32.97 1.92 -20.67
C1 EDO BB . 29.39 32.73 -5.79
O1 EDO BB . 29.57 32.86 -4.39
C2 EDO BB . 30.44 31.89 -6.43
O2 EDO BB . 30.83 30.78 -5.64
H11 EDO BB . 29.41 33.62 -6.19
H12 EDO BB . 28.52 32.34 -5.97
HO1 EDO BB . 28.95 33.28 -4.01
H21 EDO BB . 31.23 32.46 -6.61
H22 EDO BB . 30.11 31.57 -7.29
HO2 EDO BB . 30.54 30.87 -4.85
C1 EDO CB . 38.38 12.53 -13.00
O1 EDO CB . 39.12 13.57 -12.35
C2 EDO CB . 36.91 12.84 -13.17
O2 EDO CB . 36.16 12.91 -11.93
H11 EDO CB . 38.47 11.71 -12.48
H12 EDO CB . 38.77 12.39 -13.88
HO1 EDO CB . 39.92 13.32 -12.29
H21 EDO CB . 36.51 12.14 -13.74
H22 EDO CB . 36.82 13.69 -13.64
HO2 EDO CB . 36.69 12.79 -11.27
C1 EDO DB . 10.02 -26.91 -1.38
O1 EDO DB . 9.28 -27.19 -2.54
C2 EDO DB . 11.02 -27.96 -1.12
O2 EDO DB . 11.39 -28.63 -2.31
H11 EDO DB . 9.41 -26.85 -0.61
H12 EDO DB . 10.48 -26.05 -1.48
HO1 EDO DB . 8.72 -26.58 -2.67
H21 EDO DB . 10.65 -28.61 -0.48
H22 EDO DB . 11.81 -27.56 -0.71
HO2 EDO DB . 10.72 -28.65 -2.84
C1 EDO EB . 4.99 5.63 -1.52
O1 EDO EB . 5.50 4.72 -2.44
C2 EDO EB . 4.23 4.98 -0.44
O2 EDO EB . 5.07 4.74 0.66
H11 EDO EB . 4.41 6.26 -1.98
H12 EDO EB . 5.73 6.13 -1.12
HO1 EDO EB . 5.88 5.06 -3.09
H21 EDO EB . 3.85 4.13 -0.77
H22 EDO EB . 3.49 5.57 -0.17
HO2 EDO EB . 5.66 4.16 0.45
C1 EDO FB . 19.43 -9.16 8.97
O1 EDO FB . 20.83 -9.32 8.76
C2 EDO FB . 18.65 -10.39 8.78
O2 EDO FB . 19.37 -11.62 8.98
H11 EDO FB . 19.10 -8.49 8.34
H12 EDO FB . 19.29 -8.83 9.88
HO1 EDO FB . 21.02 -8.56 9.01
H21 EDO FB . 18.27 -10.39 7.89
H22 EDO FB . 17.91 -10.37 9.42
HO2 EDO FB . 20.10 -11.47 9.38
C1 EDO GB . 24.26 -8.79 11.22
O1 EDO GB . 24.81 -10.04 10.78
C2 EDO GB . 25.34 -7.91 11.70
O2 EDO GB . 26.31 -7.65 10.69
H11 EDO GB . 23.62 -8.95 11.95
H12 EDO GB . 23.79 -8.36 10.48
HO1 EDO GB . 24.31 -10.65 10.67
H21 EDO GB . 25.78 -8.32 12.47
H22 EDO GB . 24.95 -7.06 12.00
HO2 EDO GB . 26.69 -8.37 10.49
#